data_8JWX
#
_entry.id   8JWX
#
_cell.length_a   1.00
_cell.length_b   1.00
_cell.length_c   1.00
_cell.angle_alpha   90.00
_cell.angle_beta   90.00
_cell.angle_gamma   90.00
#
_symmetry.space_group_name_H-M   'P 1'
#
loop_
_entity.id
_entity.type
_entity.pdbx_description
1 polymer 'Attachment protein G3P'
2 polymer 'Capsid protein G8P'
3 polymer 'Head virion protein G6P'
#
loop_
_entity_poly.entity_id
_entity_poly.type
_entity_poly.pdbx_seq_one_letter_code
_entity_poly.pdbx_strand_id
1 'polypeptide(L)'
;AETVESCLAKPHTENSFTNVWKDDKTLDRYANYEGCLWNATGVVVCTGDETQCYGTWVPIGLAIPENEGGGSEGGGSEGG
GSEGGGTKPPEYGDTPIPGYTYINPLDGTYPPGTEQNPANPNPSLEESQPLNTFMFQNNRFRNRQGALTVYTGTVTQGTD
PVKTYYQYTPVSSKAMYDAYWNGKFRDCAFHSGFNEDPFVCEYQGQSSDLPQPPVNAGGGSGGGSGGGSEGGGSEGGGSE
GGGSEGGGSGGGSGSGDFDYEKMANANKGAMTENADENALQSDAKGKLDSVATDYGAAIDGFIGDVSGLANGNGATGDFA
GSNSQMAQVGDGDNSPLMNNFRQYLPSLPQSVECRPFVFGAGKPYEFSIDCDKINLFRGVFAFLLYVATFMYVFSTFANI
LRNKES
;
R,A,F,K,T
2 'polypeptide(L)' AEGDDPAKAAFNSLQASATEYIGYAWAMVVVIVGATIGIKLFKKFTSKAS P,Q,S,B,C,D,G,H,I,L,M,N,V,W,X
3 'polypeptide(L)'
;MPVLLGIPLLLRFLGFLLVTLFGYLLTFLKKGFGKIAIAISLFLALIIGLNSILVGYLSDISAQLPSDFVQGVQLILPSN
ALPCFYVILSVKAAIFIFDVKQKIVSYLDWDK
;
Z,E,J,O,Y
#
# COMPACT_ATOMS: atom_id res chain seq x y z
N LYS A 262 53.96 -88.45 -16.26
CA LYS A 262 53.45 -87.11 -16.56
C LYS A 262 53.81 -86.13 -15.45
N MET A 263 55.01 -85.54 -15.58
CA MET A 263 55.47 -84.53 -14.59
C MET A 263 54.57 -83.29 -14.70
N ALA A 264 54.11 -83.00 -15.92
CA ALA A 264 53.19 -81.86 -16.14
C ALA A 264 51.99 -81.98 -15.20
N ASN A 265 51.37 -83.16 -15.14
CA ASN A 265 50.22 -83.37 -14.27
C ASN A 265 50.59 -83.15 -12.81
N ALA A 266 51.75 -83.65 -12.38
CA ALA A 266 52.17 -83.46 -10.99
C ALA A 266 52.36 -81.99 -10.66
N ASN A 267 53.03 -81.24 -11.53
CA ASN A 267 53.23 -79.82 -11.28
C ASN A 267 51.91 -79.06 -11.30
N LYS A 268 51.00 -79.43 -12.21
CA LYS A 268 49.69 -78.78 -12.24
C LYS A 268 48.92 -79.06 -10.95
N GLY A 269 48.96 -80.29 -10.47
CA GLY A 269 48.26 -80.61 -9.23
C GLY A 269 48.85 -79.92 -8.03
N ALA A 270 50.17 -79.73 -8.03
CA ALA A 270 50.86 -79.11 -6.89
C ALA A 270 50.42 -77.65 -6.71
N MET A 271 50.28 -76.90 -7.81
CA MET A 271 49.95 -75.45 -7.70
C MET A 271 48.54 -75.19 -8.25
N THR A 272 47.53 -75.91 -7.76
CA THR A 272 46.17 -75.67 -8.20
C THR A 272 45.21 -75.93 -7.04
N GLU A 273 44.24 -75.03 -6.88
CA GLU A 273 43.17 -75.17 -5.91
C GLU A 273 41.83 -75.12 -6.63
N ASN A 274 40.93 -76.05 -6.28
CA ASN A 274 39.63 -76.14 -6.93
C ASN A 274 38.72 -75.03 -6.42
N ALA A 275 38.41 -74.07 -7.28
CA ALA A 275 37.55 -72.96 -6.95
C ALA A 275 36.34 -72.95 -7.88
N ASP A 276 35.16 -72.73 -7.32
CA ASP A 276 33.91 -72.75 -8.05
C ASP A 276 33.37 -71.33 -8.19
N GLU A 277 33.08 -70.93 -9.43
CA GLU A 277 32.55 -69.60 -9.67
C GLU A 277 31.19 -69.40 -9.00
N ASN A 278 30.34 -70.43 -9.05
CA ASN A 278 28.99 -70.33 -8.49
C ASN A 278 28.99 -70.21 -6.98
N ALA A 279 30.12 -70.46 -6.31
CA ALA A 279 30.20 -70.28 -4.86
C ALA A 279 30.69 -68.88 -4.51
N LEU A 280 31.79 -68.45 -5.10
CA LEU A 280 32.33 -67.13 -4.82
C LEU A 280 31.37 -66.03 -5.25
N GLN A 281 30.80 -66.16 -6.46
CA GLN A 281 29.83 -65.19 -6.94
C GLN A 281 28.60 -65.15 -6.02
N SER A 282 28.10 -66.32 -5.62
CA SER A 282 26.94 -66.36 -4.75
C SER A 282 27.22 -65.71 -3.41
N ASP A 283 28.39 -65.99 -2.83
CA ASP A 283 28.73 -65.40 -1.53
C ASP A 283 28.84 -63.89 -1.61
N ALA A 284 29.56 -63.40 -2.63
CA ALA A 284 29.72 -61.94 -2.77
C ALA A 284 28.37 -61.27 -3.01
N LYS A 285 27.54 -61.83 -3.88
CA LYS A 285 26.25 -61.23 -4.14
C LYS A 285 25.35 -61.28 -2.91
N GLY A 286 25.44 -62.38 -2.14
CA GLY A 286 24.64 -62.47 -0.92
C GLY A 286 25.00 -61.40 0.09
N LYS A 287 26.30 -61.19 0.32
CA LYS A 287 26.71 -60.15 1.25
C LYS A 287 26.30 -58.76 0.74
N LEU A 288 26.54 -58.50 -0.55
CA LEU A 288 26.20 -57.19 -1.11
C LEU A 288 24.71 -56.92 -1.04
N ASP A 289 23.89 -57.94 -1.29
CA ASP A 289 22.44 -57.77 -1.19
C ASP A 289 22.01 -57.58 0.26
N SER A 290 22.60 -58.33 1.18
CA SER A 290 22.23 -58.21 2.58
C SER A 290 22.57 -56.84 3.15
N VAL A 291 23.52 -56.13 2.56
CA VAL A 291 23.76 -54.76 3.00
C VAL A 291 23.00 -53.72 2.15
N ALA A 292 22.78 -53.99 0.87
CA ALA A 292 22.02 -53.06 0.04
C ALA A 292 20.55 -53.02 0.44
N THR A 293 20.03 -54.11 1.00
CA THR A 293 18.67 -54.07 1.52
C THR A 293 18.56 -53.10 2.70
N ASP A 294 19.58 -53.07 3.56
CA ASP A 294 19.60 -52.07 4.63
C ASP A 294 19.68 -50.66 4.07
N TYR A 295 20.50 -50.47 3.02
CA TYR A 295 20.57 -49.16 2.37
C TYR A 295 19.20 -48.71 1.88
N GLY A 296 18.52 -49.58 1.12
CA GLY A 296 17.21 -49.23 0.60
C GLY A 296 16.18 -49.03 1.68
N ALA A 297 16.25 -49.83 2.74
CA ALA A 297 15.32 -49.67 3.86
C ALA A 297 15.52 -48.32 4.53
N ALA A 298 16.77 -47.89 4.70
CA ALA A 298 17.02 -46.58 5.29
C ALA A 298 16.46 -45.46 4.41
N ILE A 299 16.69 -45.55 3.10
CA ILE A 299 16.17 -44.52 2.20
C ILE A 299 14.65 -44.46 2.27
N ASP A 300 14.00 -45.62 2.21
CA ASP A 300 12.54 -45.66 2.24
C ASP A 300 12.00 -45.19 3.59
N GLY A 301 12.71 -45.49 4.67
CA GLY A 301 12.28 -45.01 5.97
C GLY A 301 12.34 -43.51 6.09
N PHE A 302 13.42 -42.90 5.57
CA PHE A 302 13.49 -41.44 5.56
C PHE A 302 12.35 -40.85 4.74
N ILE A 303 12.10 -41.42 3.56
CA ILE A 303 11.04 -40.90 2.70
C ILE A 303 9.69 -40.98 3.40
N GLY A 304 9.41 -42.13 4.02
CA GLY A 304 8.14 -42.31 4.71
C GLY A 304 7.99 -41.38 5.90
N ASP A 305 9.08 -41.17 6.65
CA ASP A 305 9.02 -40.27 7.80
C ASP A 305 8.70 -38.85 7.36
N VAL A 306 9.38 -38.36 6.33
CA VAL A 306 9.14 -36.99 5.90
C VAL A 306 7.73 -36.85 5.31
N SER A 307 7.29 -37.84 4.54
CA SER A 307 5.94 -37.78 3.98
C SER A 307 4.89 -37.80 5.09
N GLY A 308 5.09 -38.63 6.11
CA GLY A 308 4.14 -38.69 7.20
C GLY A 308 4.10 -37.40 8.01
N LEU A 309 5.27 -36.77 8.20
CA LEU A 309 5.27 -35.45 8.83
C LEU A 309 4.51 -34.45 7.99
N ALA A 310 4.67 -34.51 6.67
CA ALA A 310 4.02 -33.54 5.79
C ALA A 310 2.50 -33.70 5.80
N ASN A 311 2.00 -34.92 5.60
CA ASN A 311 0.57 -35.14 5.44
C ASN A 311 -0.14 -35.53 6.72
N GLY A 312 0.55 -35.52 7.86
CA GLY A 312 -0.08 -35.81 9.12
C GLY A 312 -0.20 -37.28 9.49
N ASN A 313 0.35 -38.19 8.67
CA ASN A 313 0.31 -39.60 9.03
C ASN A 313 1.19 -39.89 10.24
N GLY A 314 2.37 -39.27 10.31
CA GLY A 314 3.27 -39.48 11.42
C GLY A 314 4.65 -39.96 10.99
N ALA A 315 5.62 -39.87 11.90
CA ALA A 315 6.99 -40.27 11.62
C ALA A 315 7.51 -41.13 12.76
N THR A 316 8.46 -42.02 12.42
CA THR A 316 9.10 -42.90 13.40
C THR A 316 10.60 -42.83 13.20
N GLY A 317 11.34 -42.92 14.29
CA GLY A 317 12.80 -42.91 14.23
C GLY A 317 13.37 -41.54 14.58
N ASP A 318 14.27 -41.04 13.72
CA ASP A 318 14.88 -39.74 13.99
C ASP A 318 13.85 -38.62 13.98
N PHE A 319 12.86 -38.73 13.09
CA PHE A 319 11.85 -37.68 12.96
C PHE A 319 10.69 -37.83 13.93
N ALA A 320 10.74 -38.83 14.82
CA ALA A 320 9.64 -39.03 15.76
C ALA A 320 9.51 -37.85 16.72
N GLY A 321 10.61 -37.14 16.98
CA GLY A 321 10.56 -36.00 17.89
C GLY A 321 9.81 -34.81 17.34
N SER A 322 9.63 -34.74 16.01
CA SER A 322 8.90 -33.63 15.42
C SER A 322 7.40 -33.89 15.34
N ASN A 323 6.95 -35.08 15.76
CA ASN A 323 5.52 -35.38 15.73
C ASN A 323 4.75 -34.45 16.65
N SER A 324 5.29 -34.19 17.84
CA SER A 324 4.63 -33.29 18.78
C SER A 324 4.54 -31.87 18.20
N GLN A 325 5.63 -31.42 17.59
CA GLN A 325 5.67 -30.06 17.01
C GLN A 325 4.66 -29.95 15.85
N MET A 326 4.58 -30.97 15.00
CA MET A 326 3.66 -30.93 13.87
C MET A 326 2.21 -31.03 14.32
N ALA A 327 1.96 -31.80 15.39
CA ALA A 327 0.63 -31.82 15.97
C ALA A 327 0.25 -30.49 16.60
N GLN A 328 1.23 -29.79 17.20
CA GLN A 328 0.99 -28.45 17.71
C GLN A 328 0.71 -27.44 16.62
N VAL A 329 1.33 -27.61 15.44
CA VAL A 329 1.04 -26.71 14.32
C VAL A 329 -0.41 -26.86 13.86
N GLY A 330 -0.88 -28.10 13.77
CA GLY A 330 -2.26 -28.37 13.40
C GLY A 330 -2.45 -28.60 11.91
N ASP A 331 -3.65 -29.03 11.56
CA ASP A 331 -3.99 -29.33 10.17
C ASP A 331 -5.41 -28.87 9.89
N GLY A 332 -5.68 -28.63 8.60
CA GLY A 332 -6.96 -28.10 8.18
C GLY A 332 -7.01 -26.59 8.28
N ASP A 333 -7.52 -26.11 9.42
CA ASP A 333 -7.55 -24.65 9.69
C ASP A 333 -7.47 -24.44 11.21
N ASN A 334 -7.48 -25.54 12.00
CA ASN A 334 -7.42 -25.45 13.45
C ASN A 334 -5.97 -25.58 13.87
N SER A 335 -5.31 -24.44 14.08
CA SER A 335 -3.91 -24.42 14.48
C SER A 335 -3.82 -24.12 15.96
N PRO A 336 -3.41 -25.08 16.79
CA PRO A 336 -3.22 -24.77 18.22
C PRO A 336 -2.21 -23.67 18.46
N LEU A 337 -1.29 -23.46 17.53
CA LEU A 337 -0.34 -22.33 17.66
C LEU A 337 -1.09 -21.02 17.42
N MET A 338 -2.07 -21.03 16.52
CA MET A 338 -2.84 -19.81 16.24
C MET A 338 -3.92 -19.55 17.27
N ASN A 339 -4.48 -20.62 17.86
CA ASN A 339 -5.58 -20.46 18.81
C ASN A 339 -5.14 -19.77 20.10
N ASN A 340 -3.84 -19.63 20.33
CA ASN A 340 -3.38 -18.89 21.50
C ASN A 340 -3.79 -17.42 21.44
N PHE A 341 -3.85 -16.84 20.23
CA PHE A 341 -4.24 -15.46 20.08
C PHE A 341 -5.73 -15.24 20.33
N ARG A 342 -6.54 -16.29 20.25
CA ARG A 342 -7.98 -16.13 20.41
C ARG A 342 -8.36 -15.71 21.82
N GLN A 343 -7.55 -16.08 22.81
CA GLN A 343 -7.86 -15.72 24.19
C GLN A 343 -7.79 -14.21 24.38
N TYR A 344 -6.89 -13.54 23.67
CA TYR A 344 -6.72 -12.09 23.75
C TYR A 344 -7.50 -11.34 22.68
N LEU A 345 -8.37 -12.02 21.95
CA LEU A 345 -9.13 -11.37 20.89
C LEU A 345 -10.02 -10.28 21.48
N PRO A 346 -10.03 -9.08 20.91
CA PRO A 346 -10.87 -8.01 21.48
C PRO A 346 -12.34 -8.36 21.40
N SER A 347 -13.08 -7.96 22.42
CA SER A 347 -14.51 -8.24 22.49
C SER A 347 -15.27 -7.21 21.67
N LEU A 348 -16.19 -7.68 20.84
CA LEU A 348 -16.98 -6.82 19.98
C LEU A 348 -18.46 -7.12 20.17
N PRO A 349 -19.33 -6.11 20.03
CA PRO A 349 -20.76 -6.32 20.26
C PRO A 349 -21.34 -7.30 19.25
N GLN A 350 -22.35 -8.05 19.70
CA GLN A 350 -23.06 -8.98 18.84
C GLN A 350 -24.22 -8.27 18.16
N SER A 351 -24.36 -8.48 16.86
CA SER A 351 -25.37 -7.78 16.09
C SER A 351 -26.76 -8.24 16.49
N VAL A 352 -27.65 -7.27 16.75
CA VAL A 352 -29.03 -7.53 17.15
C VAL A 352 -29.95 -6.74 16.25
N GLU A 353 -31.25 -6.86 16.49
CA GLU A 353 -32.23 -6.12 15.71
C GLU A 353 -32.13 -4.63 15.99
N CYS A 354 -32.64 -3.84 15.06
CA CYS A 354 -32.52 -2.39 15.16
C CYS A 354 -33.51 -1.82 16.16
N ARG A 355 -33.02 -0.95 17.04
CA ARG A 355 -33.86 -0.24 18.01
C ARG A 355 -33.80 1.25 17.69
N PRO A 356 -34.93 1.91 17.45
CA PRO A 356 -34.90 3.35 17.15
C PRO A 356 -34.37 4.15 18.32
N PHE A 357 -33.66 5.23 18.00
CA PHE A 357 -33.13 6.15 19.01
C PHE A 357 -34.08 7.33 19.16
N VAL A 358 -34.43 7.66 20.40
CA VAL A 358 -35.41 8.68 20.70
C VAL A 358 -34.68 9.90 21.26
N PHE A 359 -34.90 11.06 20.64
CA PHE A 359 -34.29 12.33 21.12
C PHE A 359 -35.34 13.11 21.92
N GLY A 360 -34.95 13.65 23.07
CA GLY A 360 -35.88 14.47 23.87
C GLY A 360 -37.17 13.72 24.18
N ALA A 361 -37.06 12.53 24.77
CA ALA A 361 -38.26 11.70 25.08
C ALA A 361 -39.19 12.44 26.04
N GLY A 362 -40.48 12.53 25.70
CA GLY A 362 -41.47 13.17 26.60
C GLY A 362 -41.58 14.67 26.38
N LYS A 363 -40.69 15.26 25.57
CA LYS A 363 -40.69 16.73 25.36
C LYS A 363 -41.47 17.06 24.08
N PRO A 364 -41.91 18.32 23.86
CA PRO A 364 -42.61 18.71 22.62
C PRO A 364 -41.72 18.53 21.38
N TYR A 365 -40.40 18.46 21.56
CA TYR A 365 -39.45 18.30 20.43
C TYR A 365 -39.02 16.84 20.31
N GLU A 366 -39.95 15.90 20.55
CA GLU A 366 -39.58 14.46 20.56
C GLU A 366 -39.60 13.87 19.16
N PHE A 367 -38.43 13.56 18.59
CA PHE A 367 -38.38 12.86 17.32
C PHE A 367 -37.47 11.65 17.46
N SER A 368 -37.76 10.62 16.67
CA SER A 368 -37.03 9.37 16.73
C SER A 368 -36.63 8.92 15.33
N ILE A 369 -35.47 8.27 15.24
CA ILE A 369 -35.03 7.71 13.98
C ILE A 369 -35.94 6.54 13.62
N ASP A 370 -36.56 6.62 12.44
CA ASP A 370 -37.61 5.67 12.07
C ASP A 370 -37.09 4.25 11.86
N CYS A 371 -35.77 4.08 11.78
CA CYS A 371 -35.07 2.79 11.63
C CYS A 371 -35.55 2.00 10.41
N ASP A 372 -36.35 2.60 9.53
CA ASP A 372 -36.71 1.93 8.29
C ASP A 372 -35.55 1.99 7.29
N LYS A 373 -34.84 3.11 7.25
CA LYS A 373 -33.68 3.23 6.38
C LYS A 373 -32.43 2.61 6.98
N ILE A 374 -32.41 2.42 8.31
CA ILE A 374 -31.27 1.75 8.93
C ILE A 374 -31.18 0.30 8.44
N ASN A 375 -32.32 -0.35 8.23
CA ASN A 375 -32.30 -1.71 7.71
C ASN A 375 -31.79 -1.76 6.29
N LEU A 376 -32.17 -0.78 5.46
CA LEU A 376 -31.64 -0.72 4.09
C LEU A 376 -30.13 -0.51 4.10
N PHE A 377 -29.65 0.40 4.97
CA PHE A 377 -28.21 0.59 5.08
C PHE A 377 -27.53 -0.67 5.58
N ARG A 378 -28.18 -1.40 6.49
CA ARG A 378 -27.60 -2.65 7.04
C ARG A 378 -27.49 -3.69 5.92
N GLY A 379 -28.48 -3.73 5.02
CA GLY A 379 -28.41 -4.64 3.88
C GLY A 379 -27.28 -4.30 2.93
N VAL A 380 -27.15 -3.02 2.58
CA VAL A 380 -26.07 -2.64 1.66
C VAL A 380 -24.71 -2.82 2.32
N PHE A 381 -24.62 -2.58 3.64
CA PHE A 381 -23.37 -2.79 4.35
C PHE A 381 -22.99 -4.27 4.35
N ALA A 382 -23.96 -5.15 4.56
CA ALA A 382 -23.70 -6.58 4.48
C ALA A 382 -23.21 -6.97 3.09
N PHE A 383 -23.83 -6.42 2.06
CA PHE A 383 -23.37 -6.71 0.70
C PHE A 383 -21.93 -6.26 0.48
N LEU A 384 -21.59 -5.05 0.94
CA LEU A 384 -20.24 -4.56 0.75
C LEU A 384 -19.23 -5.40 1.53
N LEU A 385 -19.57 -5.79 2.76
CA LEU A 385 -18.69 -6.66 3.53
C LEU A 385 -18.47 -7.99 2.84
N TYR A 386 -19.52 -8.57 2.25
CA TYR A 386 -19.32 -9.82 1.48
C TYR A 386 -18.35 -9.57 0.33
N VAL A 387 -18.65 -8.63 -0.56
CA VAL A 387 -17.82 -8.38 -1.76
C VAL A 387 -16.37 -8.13 -1.33
N ALA A 388 -16.14 -7.52 -0.17
CA ALA A 388 -14.76 -7.36 0.25
C ALA A 388 -14.14 -8.68 0.69
N THR A 389 -14.88 -9.45 1.49
CA THR A 389 -14.35 -10.72 1.96
C THR A 389 -14.17 -11.73 0.83
N PHE A 390 -15.10 -11.76 -0.11
CA PHE A 390 -14.97 -12.66 -1.25
C PHE A 390 -13.75 -12.32 -2.09
N MET A 391 -13.55 -11.03 -2.37
CA MET A 391 -12.37 -10.63 -3.14
C MET A 391 -11.10 -10.96 -2.38
N TYR A 392 -11.09 -10.75 -1.05
CA TYR A 392 -9.91 -11.07 -0.26
C TYR A 392 -9.58 -12.56 -0.33
N VAL A 393 -10.60 -13.41 -0.20
CA VAL A 393 -10.36 -14.86 -0.23
C VAL A 393 -9.91 -15.30 -1.63
N PHE A 394 -10.53 -14.75 -2.67
CA PHE A 394 -10.16 -15.10 -4.03
C PHE A 394 -8.71 -14.75 -4.32
N SER A 395 -8.31 -13.52 -3.95
CA SER A 395 -6.91 -13.10 -4.15
C SER A 395 -5.98 -13.91 -3.25
N THR A 396 -6.42 -14.26 -2.04
CA THR A 396 -5.61 -15.10 -1.11
C THR A 396 -5.29 -16.42 -1.81
N PHE A 397 -6.29 -17.09 -2.38
CA PHE A 397 -6.02 -18.36 -3.04
C PHE A 397 -5.22 -18.17 -4.33
N ALA A 398 -5.47 -17.08 -5.06
CA ALA A 398 -4.74 -16.85 -6.30
C ALA A 398 -3.26 -16.53 -6.07
N ASN A 399 -2.89 -16.09 -4.88
CA ASN A 399 -1.50 -15.70 -4.60
C ASN A 399 -0.92 -16.55 -3.48
N ILE A 400 -1.12 -17.87 -3.57
CA ILE A 400 -0.54 -18.76 -2.57
C ILE A 400 0.92 -19.06 -2.88
N LEU A 401 1.25 -19.29 -4.16
CA LEU A 401 2.64 -19.56 -4.50
C LEU A 401 3.48 -18.28 -4.47
N ARG A 402 2.86 -17.13 -4.71
CA ARG A 402 3.58 -15.87 -4.57
C ARG A 402 3.85 -15.59 -3.09
N ASN A 403 5.07 -15.14 -2.79
CA ASN A 403 5.45 -14.94 -1.37
C ASN A 403 4.78 -13.66 -0.85
N LYS A 404 3.44 -13.65 -0.79
CA LYS A 404 2.70 -12.42 -0.38
C LYS A 404 1.73 -12.73 0.76
N GLU A 405 1.41 -11.71 1.57
CA GLU A 405 0.54 -11.90 2.77
C GLU A 405 -0.86 -12.31 2.33
N SER A 406 -1.43 -13.33 2.98
CA SER A 406 -2.78 -13.84 2.62
C SER A 406 -3.39 -14.58 3.80
N ASP B 5 -60.72 27.51 11.89
CA ASP B 5 -59.73 28.58 11.76
C ASP B 5 -58.83 28.35 10.54
N PRO B 6 -58.62 29.40 9.74
CA PRO B 6 -57.76 29.26 8.56
C PRO B 6 -56.32 28.91 8.90
N ALA B 7 -55.84 29.34 10.07
CA ALA B 7 -54.44 29.12 10.43
C ALA B 7 -54.11 27.64 10.54
N LYS B 8 -54.95 26.87 11.22
CA LYS B 8 -54.68 25.45 11.38
C LYS B 8 -54.77 24.72 10.05
N ALA B 9 -55.71 25.10 9.19
CA ALA B 9 -55.79 24.50 7.87
C ALA B 9 -54.55 24.78 7.05
N ALA B 10 -54.05 26.02 7.10
CA ALA B 10 -52.82 26.35 6.39
C ALA B 10 -51.63 25.55 6.93
N PHE B 11 -51.56 25.41 8.26
CA PHE B 11 -50.46 24.66 8.85
C PHE B 11 -50.51 23.19 8.44
N ASN B 12 -51.71 22.59 8.42
CA ASN B 12 -51.83 21.21 7.99
C ASN B 12 -51.47 21.05 6.52
N SER B 13 -51.87 22.00 5.68
CA SER B 13 -51.49 21.94 4.27
C SER B 13 -49.98 22.02 4.11
N LEU B 14 -49.33 22.90 4.87
CA LEU B 14 -47.88 23.00 4.82
C LEU B 14 -47.21 21.70 5.28
N GLN B 15 -47.75 21.08 6.33
CA GLN B 15 -47.20 19.81 6.80
C GLN B 15 -47.34 18.72 5.75
N ALA B 16 -48.49 18.66 5.07
CA ALA B 16 -48.68 17.67 4.02
C ALA B 16 -47.71 17.89 2.86
N SER B 17 -47.52 19.16 2.47
CA SER B 17 -46.56 19.46 1.42
C SER B 17 -45.15 19.04 1.83
N ALA B 18 -44.78 19.31 3.08
CA ALA B 18 -43.48 18.89 3.57
C ALA B 18 -43.33 17.38 3.53
N THR B 19 -44.38 16.64 3.88
CA THR B 19 -44.32 15.18 3.84
C THR B 19 -44.11 14.68 2.41
N GLU B 20 -44.81 15.27 1.45
CA GLU B 20 -44.59 14.88 0.05
C GLU B 20 -43.16 15.16 -0.38
N TYR B 21 -42.64 16.34 -0.03
CA TYR B 21 -41.26 16.66 -0.35
C TYR B 21 -40.30 15.65 0.27
N ILE B 22 -40.57 15.24 1.50
CA ILE B 22 -39.70 14.29 2.20
C ILE B 22 -39.70 12.95 1.47
N GLY B 23 -40.87 12.48 1.05
CA GLY B 23 -40.92 11.22 0.33
C GLY B 23 -40.15 11.27 -0.98
N TYR B 24 -40.34 12.33 -1.76
CA TYR B 24 -39.61 12.45 -3.02
C TYR B 24 -38.11 12.55 -2.78
N ALA B 25 -37.71 13.31 -1.76
CA ALA B 25 -36.29 13.44 -1.44
C ALA B 25 -35.69 12.11 -1.03
N TRP B 26 -36.44 11.30 -0.27
CA TRP B 26 -35.94 9.98 0.11
C TRP B 26 -35.72 9.12 -1.12
N ALA B 27 -36.66 9.12 -2.06
CA ALA B 27 -36.47 8.34 -3.28
C ALA B 27 -35.23 8.79 -4.04
N MET B 28 -35.08 10.10 -4.22
CA MET B 28 -33.96 10.60 -5.01
C MET B 28 -32.62 10.33 -4.32
N VAL B 29 -32.57 10.48 -3.00
CA VAL B 29 -31.33 10.22 -2.29
C VAL B 29 -30.98 8.74 -2.34
N VAL B 30 -31.98 7.85 -2.32
CA VAL B 30 -31.68 6.42 -2.47
C VAL B 30 -31.05 6.15 -3.82
N VAL B 31 -31.61 6.75 -4.88
CA VAL B 31 -31.04 6.55 -6.22
C VAL B 31 -29.60 7.05 -6.28
N ILE B 32 -29.35 8.26 -5.76
CA ILE B 32 -28.02 8.84 -5.85
C ILE B 32 -27.03 8.04 -5.00
N VAL B 33 -27.47 7.54 -3.84
CA VAL B 33 -26.62 6.70 -3.01
C VAL B 33 -26.25 5.42 -3.74
N GLY B 34 -27.22 4.80 -4.42
CA GLY B 34 -26.90 3.63 -5.22
C GLY B 34 -25.87 3.91 -6.29
N ALA B 35 -26.00 5.05 -6.96
CA ALA B 35 -25.01 5.44 -7.96
C ALA B 35 -23.62 5.59 -7.34
N THR B 36 -23.53 6.27 -6.20
CA THR B 36 -22.24 6.47 -5.55
C THR B 36 -21.61 5.13 -5.17
N ILE B 37 -22.40 4.21 -4.62
CA ILE B 37 -21.90 2.90 -4.24
C ILE B 37 -21.39 2.14 -5.46
N GLY B 38 -22.14 2.20 -6.56
CA GLY B 38 -21.69 1.54 -7.77
C GLY B 38 -20.37 2.07 -8.28
N ILE B 39 -20.22 3.40 -8.30
CA ILE B 39 -18.98 4.01 -8.75
C ILE B 39 -17.83 3.54 -7.87
N LYS B 40 -18.01 3.57 -6.55
CA LYS B 40 -16.87 3.20 -5.68
C LYS B 40 -16.56 1.71 -5.86
N LEU B 41 -17.56 0.82 -5.95
CA LEU B 41 -17.25 -0.60 -6.08
C LEU B 41 -16.51 -0.89 -7.37
N PHE B 42 -16.96 -0.31 -8.49
CA PHE B 42 -16.32 -0.64 -9.75
C PHE B 42 -15.01 0.11 -9.97
N LYS B 43 -14.66 1.06 -9.11
CA LYS B 43 -13.31 1.68 -9.24
C LYS B 43 -12.40 0.94 -8.25
N LYS B 44 -12.92 0.60 -7.07
CA LYS B 44 -12.13 -0.12 -6.04
C LYS B 44 -11.62 -1.42 -6.65
N PHE B 45 -12.46 -2.14 -7.40
CA PHE B 45 -11.95 -3.43 -7.92
C PHE B 45 -10.62 -3.21 -8.63
N THR B 46 -10.65 -2.44 -9.72
CA THR B 46 -9.41 -2.22 -10.53
C THR B 46 -8.30 -1.62 -9.65
N SER B 47 -8.64 -0.64 -8.80
CA SER B 47 -7.58 0.04 -8.00
C SER B 47 -6.86 -0.96 -7.08
N LYS B 48 -7.62 -1.80 -6.37
CA LYS B 48 -7.02 -2.80 -5.44
C LYS B 48 -6.28 -3.86 -6.25
N ALA B 49 -6.80 -4.24 -7.42
CA ALA B 49 -6.10 -5.19 -8.29
C ALA B 49 -4.67 -4.69 -8.49
N SER B 50 -4.49 -3.37 -8.68
CA SER B 50 -3.13 -2.84 -8.92
C SER B 50 -2.62 -2.07 -7.69
N ASP C 5 -62.82 45.15 31.60
CA ASP C 5 -61.75 45.70 30.76
C ASP C 5 -61.47 44.79 29.57
N PRO C 6 -61.88 45.22 28.37
CA PRO C 6 -61.68 44.38 27.18
C PRO C 6 -60.23 44.11 26.86
N ALA C 7 -59.30 44.97 27.30
CA ALA C 7 -57.90 44.81 26.95
C ALA C 7 -57.33 43.52 27.52
N LYS C 8 -57.69 43.19 28.77
CA LYS C 8 -57.18 41.96 29.39
C LYS C 8 -57.64 40.72 28.63
N ALA C 9 -58.92 40.68 28.27
CA ALA C 9 -59.44 39.55 27.50
C ALA C 9 -58.79 39.47 26.13
N ALA C 10 -58.57 40.63 25.49
CA ALA C 10 -57.90 40.63 24.20
C ALA C 10 -56.49 40.10 24.30
N PHE C 11 -55.76 40.50 25.34
CA PHE C 11 -54.40 40.01 25.54
C PHE C 11 -54.40 38.50 25.76
N ASN C 12 -55.35 38.01 26.55
CA ASN C 12 -55.45 36.56 26.77
C ASN C 12 -55.74 35.82 25.47
N SER C 13 -56.63 36.38 24.64
CA SER C 13 -56.95 35.73 23.37
C SER C 13 -55.72 35.69 22.45
N LEU C 14 -54.97 36.80 22.38
CA LEU C 14 -53.76 36.80 21.57
C LEU C 14 -52.73 35.82 22.11
N GLN C 15 -52.63 35.70 23.43
CA GLN C 15 -51.71 34.73 24.00
C GLN C 15 -52.10 33.30 23.63
N ALA C 16 -53.40 32.99 23.69
CA ALA C 16 -53.84 31.65 23.31
C ALA C 16 -53.57 31.38 21.84
N SER C 17 -53.81 32.37 20.98
CA SER C 17 -53.52 32.22 19.56
C SER C 17 -52.02 31.99 19.34
N ALA C 18 -51.18 32.73 20.06
CA ALA C 18 -49.74 32.53 19.93
C ALA C 18 -49.34 31.13 20.39
N THR C 19 -49.96 30.64 21.47
CA THR C 19 -49.65 29.30 21.95
C THR C 19 -50.01 28.23 20.92
N GLU C 20 -51.18 28.36 20.29
CA GLU C 20 -51.54 27.36 19.29
C GLU C 20 -50.64 27.46 18.06
N TYR C 21 -50.25 28.68 17.68
CA TYR C 21 -49.26 28.84 16.61
C TYR C 21 -47.96 28.15 16.97
N ILE C 22 -47.51 28.30 18.21
CA ILE C 22 -46.28 27.66 18.65
C ILE C 22 -46.40 26.15 18.58
N GLY C 23 -47.56 25.61 18.96
CA GLY C 23 -47.76 24.17 18.86
C GLY C 23 -47.66 23.67 17.42
N TYR C 24 -48.34 24.36 16.50
CA TYR C 24 -48.27 23.95 15.09
C TYR C 24 -46.84 24.05 14.56
N ALA C 25 -46.15 25.14 14.89
CA ALA C 25 -44.78 25.32 14.44
C ALA C 25 -43.87 24.23 14.99
N TRP C 26 -44.08 23.85 16.26
CA TRP C 26 -43.28 22.78 16.85
C TRP C 26 -43.51 21.46 16.11
N ALA C 27 -44.77 21.14 15.80
CA ALA C 27 -45.04 19.91 15.05
C ALA C 27 -44.32 19.92 13.71
N MET C 28 -44.46 21.01 12.95
CA MET C 28 -43.85 21.07 11.63
C MET C 28 -42.33 20.99 11.71
N VAL C 29 -41.73 21.72 12.64
CA VAL C 29 -40.27 21.72 12.73
C VAL C 29 -39.76 20.36 13.18
N VAL C 30 -40.49 19.67 14.06
CA VAL C 30 -40.09 18.31 14.43
C VAL C 30 -40.09 17.40 13.21
N VAL C 31 -41.14 17.49 12.38
CA VAL C 31 -41.18 16.65 11.18
C VAL C 31 -39.99 16.97 10.27
N ILE C 32 -39.74 18.25 10.04
CA ILE C 32 -38.69 18.65 9.10
C ILE C 32 -37.31 18.22 9.61
N VAL C 33 -37.04 18.46 10.89
CA VAL C 33 -35.74 18.12 11.44
C VAL C 33 -35.54 16.61 11.49
N GLY C 34 -36.61 15.86 11.79
CA GLY C 34 -36.49 14.40 11.75
C GLY C 34 -36.13 13.90 10.37
N ALA C 35 -36.79 14.42 9.33
CA ALA C 35 -36.46 14.01 7.97
C ALA C 35 -35.03 14.38 7.61
N THR C 36 -34.62 15.61 7.97
CA THR C 36 -33.25 16.04 7.66
C THR C 36 -32.22 15.17 8.34
N ILE C 37 -32.43 14.84 9.62
CA ILE C 37 -31.49 14.00 10.34
C ILE C 37 -31.44 12.61 9.73
N GLY C 38 -32.61 12.06 9.36
CA GLY C 38 -32.61 10.74 8.74
C GLY C 38 -31.82 10.71 7.44
N ILE C 39 -32.05 11.71 6.57
CA ILE C 39 -31.33 11.75 5.30
C ILE C 39 -29.84 11.92 5.53
N LYS C 40 -29.46 12.83 6.44
CA LYS C 40 -28.05 13.08 6.70
C LYS C 40 -27.35 11.85 7.25
N LEU C 41 -28.00 11.14 8.18
CA LEU C 41 -27.41 9.94 8.74
C LEU C 41 -27.28 8.85 7.69
N PHE C 42 -28.29 8.69 6.83
CA PHE C 42 -28.19 7.71 5.77
C PHE C 42 -27.00 8.01 4.85
N LYS C 43 -26.87 9.26 4.44
CA LYS C 43 -25.75 9.64 3.54
C LYS C 43 -24.41 9.42 4.24
N LYS C 44 -24.30 9.80 5.52
CA LYS C 44 -23.03 9.64 6.23
C LYS C 44 -22.66 8.17 6.38
N PHE C 45 -23.63 7.34 6.80
CA PHE C 45 -23.34 5.93 6.98
C PHE C 45 -22.95 5.26 5.68
N THR C 46 -23.65 5.57 4.59
CA THR C 46 -23.29 4.99 3.31
C THR C 46 -21.91 5.45 2.85
N SER C 47 -21.60 6.73 3.04
CA SER C 47 -20.29 7.23 2.63
C SER C 47 -19.17 6.55 3.41
N LYS C 48 -19.37 6.35 4.72
CA LYS C 48 -18.35 5.68 5.51
C LYS C 48 -18.26 4.19 5.18
N ALA C 49 -19.37 3.57 4.78
CA ALA C 49 -19.38 2.13 4.55
C ALA C 49 -18.54 1.74 3.33
N SER C 50 -18.56 2.56 2.29
CA SER C 50 -17.83 2.25 1.06
C SER C 50 -16.61 3.15 0.88
N ALA D 7 -57.72 65.43 37.54
CA ALA D 7 -56.44 65.67 36.90
C ALA D 7 -55.39 64.67 37.39
N LYS D 8 -55.05 64.79 38.69
CA LYS D 8 -54.06 63.89 39.27
C LYS D 8 -54.56 62.45 39.27
N ALA D 9 -55.85 62.25 39.56
CA ALA D 9 -56.42 60.92 39.55
C ALA D 9 -56.37 60.30 38.15
N ALA D 10 -56.59 61.13 37.12
CA ALA D 10 -56.48 60.64 35.74
C ALA D 10 -55.06 60.18 35.44
N PHE D 11 -54.06 60.95 35.86
CA PHE D 11 -52.67 60.55 35.64
C PHE D 11 -52.35 59.27 36.39
N ASN D 12 -52.83 59.14 37.63
CA ASN D 12 -52.58 57.91 38.38
C ASN D 12 -53.22 56.71 37.70
N SER D 13 -54.46 56.87 37.22
CA SER D 13 -55.13 55.77 36.53
C SER D 13 -54.39 55.39 35.25
N LEU D 14 -53.93 56.39 34.50
CA LEU D 14 -53.19 56.11 33.27
C LEU D 14 -51.88 55.38 33.57
N GLN D 15 -51.17 55.81 34.62
CA GLN D 15 -49.94 55.13 34.99
C GLN D 15 -50.22 53.68 35.40
N ALA D 16 -51.26 53.45 36.18
CA ALA D 16 -51.58 52.08 36.59
C ALA D 16 -51.94 51.23 35.37
N SER D 17 -52.81 51.74 34.51
CA SER D 17 -53.23 50.98 33.31
C SER D 17 -52.01 50.67 32.46
N ALA D 18 -51.11 51.66 32.31
CA ALA D 18 -49.88 51.46 31.51
C ALA D 18 -49.09 50.28 32.09
N THR D 19 -48.87 50.26 33.40
CA THR D 19 -48.08 49.17 34.04
C THR D 19 -48.81 47.84 33.88
N GLU D 20 -50.14 47.83 34.00
CA GLU D 20 -50.93 46.58 33.80
C GLU D 20 -50.66 46.05 32.39
N TYR D 21 -50.70 46.93 31.38
CA TYR D 21 -50.47 46.50 29.98
C TYR D 21 -49.02 46.01 29.81
N ILE D 22 -48.06 46.71 30.43
CA ILE D 22 -46.63 46.28 30.36
C ILE D 22 -46.54 44.85 30.93
N GLY D 23 -47.21 44.59 32.05
CA GLY D 23 -47.22 43.24 32.63
C GLY D 23 -47.71 42.21 31.64
N TYR D 24 -48.77 42.55 30.88
CA TYR D 24 -49.31 41.63 29.89
C TYR D 24 -48.39 41.50 28.68
N ALA D 25 -47.80 42.62 28.24
CA ALA D 25 -46.88 42.58 27.11
C ALA D 25 -45.67 41.71 27.43
N TRP D 26 -45.14 41.83 28.66
CA TRP D 26 -44.04 40.97 29.07
C TRP D 26 -44.46 39.51 29.11
N ALA D 27 -45.65 39.23 29.66
CA ALA D 27 -46.12 37.85 29.75
C ALA D 27 -46.32 37.24 28.38
N MET D 28 -46.58 38.06 27.36
CA MET D 28 -46.70 37.54 26.00
C MET D 28 -45.32 37.36 25.36
N VAL D 29 -44.46 38.36 25.48
CA VAL D 29 -43.18 38.32 24.79
C VAL D 29 -42.30 37.22 25.36
N VAL D 30 -42.44 36.89 26.64
CA VAL D 30 -41.63 35.80 27.17
C VAL D 30 -41.97 34.50 26.46
N VAL D 31 -43.26 34.24 26.25
CA VAL D 31 -43.67 33.01 25.56
C VAL D 31 -43.17 33.02 24.12
N ILE D 32 -43.36 34.14 23.43
CA ILE D 32 -42.96 34.20 22.01
C ILE D 32 -41.46 34.00 21.86
N VAL D 33 -40.67 34.71 22.68
CA VAL D 33 -39.23 34.62 22.60
C VAL D 33 -38.75 33.23 23.01
N GLY D 34 -39.38 32.64 24.03
CA GLY D 34 -39.02 31.29 24.42
C GLY D 34 -39.24 30.30 23.30
N ALA D 35 -40.37 30.40 22.60
CA ALA D 35 -40.62 29.50 21.49
C ALA D 35 -39.60 29.69 20.37
N THR D 36 -39.30 30.95 20.03
CA THR D 36 -38.34 31.21 18.96
C THR D 36 -36.96 30.66 19.31
N ILE D 37 -36.48 30.97 20.51
CA ILE D 37 -35.15 30.50 20.93
C ILE D 37 -35.14 28.98 21.05
N GLY D 38 -36.24 28.38 21.49
CA GLY D 38 -36.29 26.93 21.55
C GLY D 38 -36.15 26.29 20.18
N ILE D 39 -36.86 26.81 19.19
CA ILE D 39 -36.75 26.28 17.84
C ILE D 39 -35.33 26.46 17.31
N LYS D 40 -34.75 27.64 17.54
CA LYS D 40 -33.39 27.91 17.06
C LYS D 40 -32.39 26.95 17.68
N LEU D 41 -32.42 26.79 19.00
CA LEU D 41 -31.48 25.91 19.68
C LEU D 41 -31.71 24.45 19.30
N PHE D 42 -32.98 24.05 19.12
CA PHE D 42 -33.28 22.69 18.69
C PHE D 42 -32.63 22.39 17.35
N LYS D 43 -32.84 23.26 16.38
CA LYS D 43 -32.23 23.06 15.06
C LYS D 43 -30.72 23.04 15.15
N LYS D 44 -30.14 24.00 15.89
CA LYS D 44 -28.70 24.10 15.98
C LYS D 44 -28.08 22.84 16.60
N PHE D 45 -28.67 22.35 17.69
CA PHE D 45 -28.08 21.21 18.39
C PHE D 45 -28.34 19.90 17.67
N THR D 46 -29.50 19.72 17.05
CA THR D 46 -29.71 18.51 16.26
C THR D 46 -28.80 18.49 15.04
N SER D 47 -28.47 19.66 14.49
CA SER D 47 -27.49 19.68 13.40
C SER D 47 -26.10 19.39 13.91
N LYS D 48 -25.71 19.98 15.04
CA LYS D 48 -24.34 19.80 15.57
C LYS D 48 -24.11 18.35 15.99
N ALA D 49 -25.11 17.69 16.60
CA ALA D 49 -24.91 16.34 17.10
C ALA D 49 -24.76 15.33 15.97
N SER D 50 -25.44 15.53 14.86
CA SER D 50 -25.33 14.60 13.73
C SER D 50 -24.19 15.00 12.80
N PRO E 2 46.10 -68.62 -24.23
CA PRO E 2 47.52 -68.77 -23.85
C PRO E 2 47.87 -68.02 -22.58
N VAL E 3 47.08 -68.22 -21.52
CA VAL E 3 47.27 -67.52 -20.26
C VAL E 3 47.14 -68.52 -19.12
N LEU E 4 47.67 -68.13 -17.96
CA LEU E 4 47.63 -68.99 -16.79
C LEU E 4 46.20 -69.17 -16.29
N LEU E 5 45.99 -70.22 -15.51
CA LEU E 5 44.67 -70.49 -14.94
C LEU E 5 44.32 -69.42 -13.92
N GLY E 6 43.03 -69.08 -13.86
CA GLY E 6 42.52 -68.10 -12.92
C GLY E 6 42.34 -66.71 -13.47
N ILE E 7 43.04 -66.36 -14.55
CA ILE E 7 42.85 -65.05 -15.16
C ILE E 7 41.45 -64.89 -15.72
N PRO E 8 40.90 -65.81 -16.53
CA PRO E 8 39.51 -65.63 -16.98
C PRO E 8 38.52 -65.59 -15.84
N LEU E 9 38.73 -66.40 -14.80
CA LEU E 9 37.83 -66.38 -13.65
C LEU E 9 37.90 -65.04 -12.94
N LEU E 10 39.10 -64.48 -12.80
CA LEU E 10 39.24 -63.16 -12.19
C LEU E 10 38.53 -62.09 -13.01
N LEU E 11 38.67 -62.15 -14.33
CA LEU E 11 38.00 -61.17 -15.18
C LEU E 11 36.49 -61.29 -15.08
N ARG E 12 35.97 -62.53 -15.07
CA ARG E 12 34.54 -62.72 -14.91
C ARG E 12 34.06 -62.19 -13.56
N PHE E 13 34.84 -62.40 -12.51
CA PHE E 13 34.48 -61.88 -11.20
C PHE E 13 34.43 -60.35 -11.20
N LEU E 14 35.41 -59.71 -11.85
CA LEU E 14 35.40 -58.25 -11.93
C LEU E 14 34.18 -57.76 -12.68
N GLY E 15 33.85 -58.39 -13.81
CA GLY E 15 32.66 -58.00 -14.54
C GLY E 15 31.39 -58.18 -13.72
N PHE E 16 31.30 -59.29 -12.98
CA PHE E 16 30.15 -59.54 -12.14
C PHE E 16 30.02 -58.48 -11.05
N LEU E 17 31.14 -58.10 -10.43
CA LEU E 17 31.11 -57.06 -9.42
C LEU E 17 30.62 -55.73 -10.00
N LEU E 18 31.14 -55.37 -11.18
CA LEU E 18 30.71 -54.12 -11.79
C LEU E 18 29.21 -54.14 -12.12
N VAL E 19 28.73 -55.27 -12.65
CA VAL E 19 27.31 -55.38 -12.99
C VAL E 19 26.45 -55.24 -11.73
N THR E 20 26.83 -55.92 -10.65
CA THR E 20 26.06 -55.84 -9.41
C THR E 20 26.03 -54.42 -8.85
N LEU E 21 27.18 -53.76 -8.83
CA LEU E 21 27.22 -52.40 -8.31
C LEU E 21 26.37 -51.44 -9.15
N PHE E 22 26.45 -51.58 -10.47
CA PHE E 22 25.69 -50.67 -11.32
C PHE E 22 24.19 -50.95 -11.22
N GLY E 23 23.81 -52.21 -11.02
CA GLY E 23 22.41 -52.52 -10.75
C GLY E 23 21.92 -51.90 -9.45
N TYR E 24 22.76 -51.92 -8.41
CA TYR E 24 22.40 -51.23 -7.18
C TYR E 24 22.18 -49.74 -7.43
N LEU E 25 23.07 -49.14 -8.23
CA LEU E 25 22.92 -47.73 -8.57
C LEU E 25 21.61 -47.47 -9.29
N LEU E 26 21.23 -48.35 -10.21
CA LEU E 26 19.95 -48.21 -10.91
C LEU E 26 18.77 -48.27 -9.94
N THR E 27 18.82 -49.21 -8.99
CA THR E 27 17.74 -49.30 -8.01
C THR E 27 17.63 -48.03 -7.18
N PHE E 28 18.75 -47.48 -6.75
CA PHE E 28 18.71 -46.25 -5.98
C PHE E 28 18.18 -45.08 -6.80
N LEU E 29 18.53 -45.03 -8.10
CA LEU E 29 17.99 -43.99 -8.96
C LEU E 29 16.47 -44.08 -9.06
N LYS E 30 15.94 -45.30 -9.20
CA LYS E 30 14.50 -45.46 -9.25
C LYS E 30 13.84 -45.05 -7.93
N LYS E 31 14.51 -45.34 -6.81
CA LYS E 31 14.01 -44.88 -5.52
C LYS E 31 13.93 -43.35 -5.47
N GLY E 32 14.96 -42.67 -5.97
CA GLY E 32 14.93 -41.21 -6.00
C GLY E 32 13.81 -40.67 -6.86
N PHE E 33 13.58 -41.29 -8.02
CA PHE E 33 12.47 -40.85 -8.86
C PHE E 33 11.13 -41.03 -8.17
N GLY E 34 10.95 -42.14 -7.47
CA GLY E 34 9.74 -42.32 -6.68
C GLY E 34 9.58 -41.26 -5.61
N LYS E 35 10.69 -40.87 -4.98
CA LYS E 35 10.64 -39.79 -3.99
C LYS E 35 10.16 -38.49 -4.62
N ILE E 36 10.67 -38.16 -5.82
CA ILE E 36 10.25 -36.94 -6.50
C ILE E 36 8.76 -36.98 -6.81
N ALA E 37 8.28 -38.12 -7.29
CA ALA E 37 6.85 -38.25 -7.59
C ALA E 37 6.00 -38.06 -6.35
N ILE E 38 6.44 -38.64 -5.22
CA ILE E 38 5.70 -38.49 -3.97
C ILE E 38 5.65 -37.02 -3.56
N ALA E 39 6.77 -36.30 -3.70
CA ALA E 39 6.80 -34.90 -3.34
C ALA E 39 5.82 -34.09 -4.18
N ILE E 40 5.80 -34.34 -5.49
CA ILE E 40 4.89 -33.59 -6.37
C ILE E 40 3.44 -33.87 -5.98
N SER E 41 3.13 -35.15 -5.72
CA SER E 41 1.77 -35.51 -5.33
C SER E 41 1.35 -34.80 -4.05
N LEU E 42 2.25 -34.76 -3.06
CA LEU E 42 1.92 -34.10 -1.80
C LEU E 42 1.68 -32.61 -2.00
N PHE E 43 2.51 -31.96 -2.81
CA PHE E 43 2.36 -30.53 -3.06
C PHE E 43 1.00 -30.22 -3.70
N LEU E 44 0.64 -30.97 -4.74
CA LEU E 44 -0.63 -30.72 -5.40
C LEU E 44 -1.82 -31.03 -4.48
N ALA E 45 -1.70 -32.09 -3.67
CA ALA E 45 -2.76 -32.42 -2.74
C ALA E 45 -2.97 -31.31 -1.71
N LEU E 46 -1.87 -30.73 -1.21
CA LEU E 46 -2.00 -29.62 -0.28
C LEU E 46 -2.72 -28.44 -0.92
N ILE E 47 -2.37 -28.12 -2.18
CA ILE E 47 -3.08 -27.03 -2.85
C ILE E 47 -4.57 -27.33 -2.95
N ILE E 48 -4.92 -28.56 -3.33
CA ILE E 48 -6.33 -28.89 -3.51
C ILE E 48 -7.08 -28.81 -2.18
N GLY E 49 -6.47 -29.28 -1.10
CA GLY E 49 -7.12 -29.20 0.20
C GLY E 49 -7.34 -27.76 0.65
N LEU E 50 -6.34 -26.91 0.45
CA LEU E 50 -6.50 -25.49 0.78
C LEU E 50 -7.65 -24.88 -0.02
N ASN E 51 -7.73 -25.21 -1.31
CA ASN E 51 -8.84 -24.70 -2.12
C ASN E 51 -10.18 -25.16 -1.56
N SER E 52 -10.28 -26.43 -1.16
CA SER E 52 -11.54 -26.93 -0.64
C SER E 52 -11.96 -26.17 0.61
N ILE E 53 -11.02 -25.93 1.53
CA ILE E 53 -11.36 -25.19 2.75
C ILE E 53 -11.80 -23.78 2.42
N LEU E 54 -11.06 -23.10 1.54
CA LEU E 54 -11.38 -21.71 1.22
C LEU E 54 -12.75 -21.60 0.56
N VAL E 55 -13.10 -22.54 -0.31
CA VAL E 55 -14.40 -22.44 -1.03
C VAL E 55 -15.54 -22.60 -0.02
N GLY E 56 -15.37 -23.44 1.00
CA GLY E 56 -16.42 -23.71 1.99
C GLY E 56 -16.81 -22.50 2.82
N TYR E 57 -15.83 -21.68 3.23
CA TYR E 57 -16.09 -20.51 4.10
C TYR E 57 -17.09 -19.55 3.45
N LEU E 58 -16.99 -19.37 2.15
CA LEU E 58 -17.84 -18.36 1.44
C LEU E 58 -19.33 -18.70 1.48
N SER E 59 -19.73 -19.90 1.91
CA SER E 59 -21.17 -20.13 1.86
C SER E 59 -21.91 -19.37 2.96
N ASP E 60 -21.32 -19.29 4.16
CA ASP E 60 -22.03 -18.75 5.30
C ASP E 60 -22.26 -17.25 5.16
N ILE E 61 -21.23 -16.51 4.77
CA ILE E 61 -21.24 -15.04 4.86
C ILE E 61 -21.88 -14.42 3.63
N SER E 62 -22.52 -15.23 2.80
CA SER E 62 -23.08 -14.73 1.55
C SER E 62 -24.17 -13.68 1.81
N ALA E 63 -24.18 -12.65 0.98
CA ALA E 63 -25.19 -11.60 1.05
C ALA E 63 -25.40 -11.01 -0.34
N GLN E 64 -26.53 -10.35 -0.51
CA GLN E 64 -26.93 -9.83 -1.81
C GLN E 64 -27.27 -8.35 -1.70
N LEU E 65 -27.06 -7.63 -2.80
CA LEU E 65 -27.44 -6.22 -2.86
C LEU E 65 -28.96 -6.11 -2.79
N PRO E 66 -29.50 -5.22 -1.97
CA PRO E 66 -30.96 -5.09 -1.86
C PRO E 66 -31.59 -4.65 -3.18
N SER E 67 -32.92 -4.70 -3.20
CA SER E 67 -33.64 -4.31 -4.41
C SER E 67 -33.38 -2.85 -4.76
N ASP E 68 -33.28 -1.99 -3.75
CA ASP E 68 -32.89 -0.62 -3.98
C ASP E 68 -31.42 -0.55 -4.35
N PHE E 69 -30.99 0.64 -4.76
CA PHE E 69 -29.62 0.92 -5.22
C PHE E 69 -29.36 0.28 -6.58
N VAL E 70 -30.30 -0.53 -7.06
CA VAL E 70 -30.18 -1.11 -8.40
C VAL E 70 -30.38 -0.02 -9.45
N GLN E 71 -31.34 0.87 -9.22
CA GLN E 71 -31.65 1.90 -10.20
C GLN E 71 -30.46 2.82 -10.44
N GLY E 72 -29.79 3.25 -9.37
CA GLY E 72 -28.64 4.12 -9.54
C GLY E 72 -27.47 3.42 -10.23
N VAL E 73 -27.20 2.18 -9.82
CA VAL E 73 -26.09 1.44 -10.44
C VAL E 73 -26.34 1.26 -11.93
N GLN E 74 -27.57 0.88 -12.30
CA GLN E 74 -27.89 0.78 -13.71
C GLN E 74 -27.86 2.15 -14.40
N LEU E 75 -28.15 3.21 -13.65
CA LEU E 75 -28.09 4.56 -14.20
C LEU E 75 -26.66 4.92 -14.62
N ILE E 76 -25.67 4.53 -13.82
CA ILE E 76 -24.30 4.93 -14.08
C ILE E 76 -23.46 3.89 -14.80
N LEU E 77 -23.84 2.62 -14.77
CA LEU E 77 -22.92 1.56 -15.14
C LEU E 77 -22.62 1.58 -16.63
N PRO E 78 -21.36 1.72 -17.04
CA PRO E 78 -21.03 1.70 -18.46
C PRO E 78 -21.05 0.27 -19.00
N SER E 79 -20.83 0.15 -20.30
CA SER E 79 -20.95 -1.14 -20.97
C SER E 79 -19.77 -2.06 -20.68
N ASN E 80 -18.65 -1.54 -20.18
CA ASN E 80 -17.44 -2.32 -20.00
C ASN E 80 -16.99 -2.41 -18.54
N ALA E 81 -17.93 -2.45 -17.61
CA ALA E 81 -17.57 -2.63 -16.21
C ALA E 81 -17.44 -4.10 -15.85
N LEU E 82 -18.52 -4.86 -16.05
CA LEU E 82 -18.47 -6.30 -15.85
C LEU E 82 -17.41 -6.98 -16.71
N PRO E 83 -17.22 -6.63 -18.00
CA PRO E 83 -16.09 -7.21 -18.73
C PRO E 83 -14.75 -6.94 -18.08
N CYS E 84 -14.54 -5.75 -17.52
CA CYS E 84 -13.28 -5.47 -16.85
C CYS E 84 -13.12 -6.31 -15.59
N PHE E 85 -14.19 -6.47 -14.81
CA PHE E 85 -14.12 -7.31 -13.62
C PHE E 85 -13.80 -8.75 -13.99
N TYR E 86 -14.43 -9.26 -15.05
CA TYR E 86 -14.18 -10.64 -15.47
C TYR E 86 -12.77 -10.80 -16.04
N VAL E 87 -12.26 -9.77 -16.71
CA VAL E 87 -10.89 -9.81 -17.20
C VAL E 87 -9.91 -9.88 -16.03
N ILE E 88 -10.17 -9.12 -14.97
CA ILE E 88 -9.32 -9.18 -13.78
C ILE E 88 -9.34 -10.58 -13.19
N LEU E 89 -10.53 -11.17 -13.05
CA LEU E 89 -10.61 -12.52 -12.51
C LEU E 89 -9.89 -13.54 -13.38
N SER E 90 -10.02 -13.42 -14.71
CA SER E 90 -9.34 -14.33 -15.61
C SER E 90 -7.83 -14.18 -15.51
N VAL E 91 -7.35 -12.95 -15.37
CA VAL E 91 -5.92 -12.72 -15.19
C VAL E 91 -5.43 -13.39 -13.91
N LYS E 92 -6.22 -13.28 -12.84
CA LYS E 92 -5.86 -13.93 -11.55
C LYS E 92 -5.73 -15.44 -11.77
N ALA E 93 -6.70 -16.06 -12.44
CA ALA E 93 -6.66 -17.51 -12.65
C ALA E 93 -5.47 -17.91 -13.53
N ALA E 94 -5.21 -17.15 -14.59
CA ALA E 94 -4.09 -17.45 -15.47
C ALA E 94 -2.76 -17.39 -14.73
N ILE E 95 -2.58 -16.36 -13.89
CA ILE E 95 -1.34 -16.24 -13.14
C ILE E 95 -1.20 -17.40 -12.14
N PHE E 96 -2.31 -17.81 -11.52
CA PHE E 96 -2.25 -18.93 -10.60
C PHE E 96 -1.78 -20.21 -11.29
N ILE E 97 -2.40 -20.54 -12.43
CA ILE E 97 -2.01 -21.78 -13.09
C ILE E 97 -0.59 -21.67 -13.66
N PHE E 98 -0.18 -20.46 -14.08
CA PHE E 98 1.18 -20.27 -14.55
C PHE E 98 2.19 -20.54 -13.44
N ASP E 99 1.90 -20.05 -12.23
CA ASP E 99 2.79 -20.32 -11.10
C ASP E 99 2.86 -21.81 -10.79
N VAL E 100 1.71 -22.49 -10.83
CA VAL E 100 1.70 -23.93 -10.55
C VAL E 100 2.55 -24.67 -11.57
N LYS E 101 2.37 -24.36 -12.86
CA LYS E 101 3.13 -25.04 -13.90
C LYS E 101 4.62 -24.72 -13.79
N GLN E 102 4.97 -23.50 -13.42
CA GLN E 102 6.39 -23.17 -13.26
C GLN E 102 7.00 -23.95 -12.10
N LYS E 103 6.25 -24.15 -11.02
CA LYS E 103 6.76 -24.98 -9.93
C LYS E 103 6.95 -26.42 -10.39
N ILE E 104 6.01 -26.94 -11.18
CA ILE E 104 6.16 -28.29 -11.71
C ILE E 104 7.41 -28.39 -12.58
N VAL E 105 7.67 -27.36 -13.40
CA VAL E 105 8.89 -27.34 -14.20
C VAL E 105 10.13 -27.34 -13.31
N SER E 106 10.12 -26.50 -12.27
CA SER E 106 11.26 -26.43 -11.37
C SER E 106 11.53 -27.74 -10.66
N TYR E 107 10.51 -28.59 -10.52
CA TYR E 107 10.76 -29.93 -9.96
C TYR E 107 11.68 -30.80 -10.81
N LEU E 108 12.15 -30.31 -11.97
CA LEU E 108 13.09 -31.07 -12.77
C LEU E 108 14.51 -31.07 -12.19
N ASP E 109 14.79 -30.24 -11.19
CA ASP E 109 16.12 -30.13 -10.62
C ASP E 109 16.35 -31.07 -9.45
N TRP E 110 15.34 -31.84 -9.05
CA TRP E 110 15.50 -32.74 -7.93
C TRP E 110 16.26 -34.00 -8.35
N LYS F 262 59.00 -86.60 -4.30
CA LYS F 262 57.91 -85.70 -4.65
C LYS F 262 58.44 -84.34 -5.09
N MET F 263 58.75 -84.22 -6.38
CA MET F 263 59.24 -82.93 -6.94
C MET F 263 58.10 -81.91 -6.87
N ALA F 264 56.86 -82.38 -7.04
CA ALA F 264 55.68 -81.50 -6.94
C ALA F 264 55.72 -80.74 -5.61
N ASN F 265 55.94 -81.46 -4.50
CA ASN F 265 55.99 -80.82 -3.20
C ASN F 265 57.12 -79.78 -3.13
N ALA F 266 58.28 -80.12 -3.69
CA ALA F 266 59.40 -79.17 -3.67
C ALA F 266 59.07 -77.90 -4.45
N ASN F 267 58.50 -78.05 -5.65
CA ASN F 267 58.14 -76.88 -6.44
C ASN F 267 57.05 -76.06 -5.76
N LYS F 268 56.07 -76.74 -5.14
CA LYS F 268 55.03 -76.02 -4.42
C LYS F 268 55.61 -75.24 -3.25
N GLY F 269 56.53 -75.84 -2.50
CA GLY F 269 57.14 -75.14 -1.38
C GLY F 269 57.99 -73.97 -1.82
N ALA F 270 58.64 -74.10 -2.98
CA ALA F 270 59.54 -73.04 -3.48
C ALA F 270 58.75 -71.76 -3.79
N MET F 271 57.57 -71.89 -4.41
CA MET F 271 56.82 -70.68 -4.84
C MET F 271 55.53 -70.56 -4.02
N THR F 272 55.62 -70.57 -2.68
CA THR F 272 54.45 -70.40 -1.85
C THR F 272 54.82 -69.66 -0.58
N GLU F 273 53.99 -68.70 -0.19
CA GLU F 273 54.13 -67.96 1.05
C GLU F 273 52.85 -68.12 1.86
N ASN F 274 53.02 -68.39 3.17
CA ASN F 274 51.88 -68.62 4.05
C ASN F 274 51.23 -67.28 4.39
N ALA F 275 50.01 -67.07 3.88
CA ALA F 275 49.26 -65.86 4.12
C ALA F 275 47.93 -66.21 4.78
N ASP F 276 47.57 -65.44 5.82
CA ASP F 276 46.37 -65.68 6.59
C ASP F 276 45.32 -64.62 6.26
N GLU F 277 44.12 -65.07 5.91
CA GLU F 277 43.05 -64.12 5.58
C GLU F 277 42.67 -63.27 6.80
N ASN F 278 42.62 -63.89 7.98
CA ASN F 278 42.21 -63.19 9.19
C ASN F 278 43.21 -62.11 9.61
N ALA F 279 44.41 -62.10 9.05
CA ALA F 279 45.38 -61.06 9.36
C ALA F 279 45.27 -59.90 8.38
N LEU F 280 45.28 -60.18 7.09
CA LEU F 280 45.18 -59.13 6.08
C LEU F 280 43.83 -58.42 6.17
N GLN F 281 42.74 -59.17 6.31
CA GLN F 281 41.43 -58.56 6.45
C GLN F 281 41.36 -57.70 7.70
N SER F 282 41.89 -58.20 8.82
CA SER F 282 41.85 -57.43 10.06
C SER F 282 42.66 -56.15 9.93
N ASP F 283 43.84 -56.21 9.31
CA ASP F 283 44.66 -55.01 9.17
C ASP F 283 43.98 -53.98 8.30
N ALA F 284 43.45 -54.41 7.14
CA ALA F 284 42.78 -53.47 6.24
C ALA F 284 41.57 -52.84 6.91
N LYS F 285 40.75 -53.66 7.57
CA LYS F 285 39.57 -53.12 8.25
C LYS F 285 39.94 -52.19 9.38
N GLY F 286 41.03 -52.51 10.11
CA GLY F 286 41.46 -51.63 11.18
C GLY F 286 41.88 -50.26 10.68
N LYS F 287 42.68 -50.22 9.61
CA LYS F 287 43.07 -48.94 9.05
C LYS F 287 41.86 -48.17 8.53
N LEU F 288 40.99 -48.85 7.80
CA LEU F 288 39.82 -48.17 7.22
C LEU F 288 38.91 -47.63 8.31
N ASP F 289 38.73 -48.38 9.40
CA ASP F 289 37.91 -47.90 10.50
C ASP F 289 38.59 -46.74 11.23
N SER F 290 39.91 -46.82 11.43
CA SER F 290 40.61 -45.75 12.12
C SER F 290 40.58 -44.43 11.34
N VAL F 291 40.38 -44.49 10.02
CA VAL F 291 40.19 -43.24 9.28
C VAL F 291 38.72 -42.87 9.11
N ALA F 292 37.82 -43.86 9.00
CA ALA F 292 36.40 -43.55 8.89
C ALA F 292 35.84 -42.96 10.17
N THR F 293 36.43 -43.30 11.32
CA THR F 293 36.01 -42.66 12.56
C THR F 293 36.32 -41.17 12.54
N ASP F 294 37.48 -40.79 11.97
CA ASP F 294 37.79 -39.37 11.81
C ASP F 294 36.80 -38.71 10.85
N TYR F 295 36.45 -39.40 9.77
CA TYR F 295 35.44 -38.88 8.85
C TYR F 295 34.12 -38.58 9.57
N GLY F 296 33.62 -39.58 10.30
CA GLY F 296 32.36 -39.39 11.01
C GLY F 296 32.44 -38.34 12.09
N ALA F 297 33.58 -38.26 12.78
CA ALA F 297 33.76 -37.23 13.80
C ALA F 297 33.73 -35.85 13.17
N ALA F 298 34.35 -35.67 12.01
CA ALA F 298 34.31 -34.37 11.34
C ALA F 298 32.88 -34.00 10.94
N ILE F 299 32.14 -34.96 10.40
CA ILE F 299 30.76 -34.68 10.00
C ILE F 299 29.93 -34.27 11.22
N ASP F 300 30.05 -35.04 12.31
CA ASP F 300 29.27 -34.75 13.50
C ASP F 300 29.69 -33.43 14.14
N GLY F 301 30.97 -33.10 14.06
CA GLY F 301 31.42 -31.82 14.59
C GLY F 301 30.85 -30.65 13.82
N PHE F 302 30.82 -30.76 12.49
CA PHE F 302 30.18 -29.70 11.69
C PHE F 302 28.71 -29.56 12.04
N ILE F 303 28.01 -30.69 12.16
CA ILE F 303 26.58 -30.65 12.47
C ILE F 303 26.36 -29.98 13.82
N GLY F 304 27.14 -30.38 14.82
CA GLY F 304 27.00 -29.81 16.15
C GLY F 304 27.32 -28.32 16.19
N ASP F 305 28.35 -27.91 15.46
CA ASP F 305 28.71 -26.49 15.42
C ASP F 305 27.58 -25.66 14.83
N VAL F 306 27.02 -26.10 13.69
CA VAL F 306 25.97 -25.32 13.07
C VAL F 306 24.71 -25.30 13.94
N SER F 307 24.37 -26.46 14.55
CA SER F 307 23.21 -26.49 15.43
C SER F 307 23.39 -25.59 16.64
N GLY F 308 24.60 -25.58 17.22
CA GLY F 308 24.85 -24.72 18.36
C GLY F 308 24.81 -23.25 18.00
N LEU F 309 25.30 -22.90 16.81
CA LEU F 309 25.15 -21.51 16.35
C LEU F 309 23.68 -21.16 16.19
N ALA F 310 22.88 -22.10 15.67
CA ALA F 310 21.47 -21.81 15.43
C ALA F 310 20.70 -21.61 16.73
N ASN F 311 20.83 -22.55 17.67
CA ASN F 311 20.02 -22.52 18.88
C ASN F 311 20.69 -21.84 20.07
N GLY F 312 21.86 -21.24 19.87
CA GLY F 312 22.52 -20.51 20.93
C GLY F 312 23.36 -21.34 21.88
N ASN F 313 23.52 -22.64 21.62
CA ASN F 313 24.39 -23.44 22.48
C ASN F 313 25.86 -23.06 22.31
N GLY F 314 26.28 -22.79 21.07
CA GLY F 314 27.65 -22.41 20.81
C GLY F 314 28.34 -23.32 19.81
N ALA F 315 29.47 -22.87 19.27
CA ALA F 315 30.23 -23.62 18.29
C ALA F 315 31.69 -23.63 18.65
N THR F 316 32.39 -24.69 18.24
CA THR F 316 33.82 -24.84 18.47
C THR F 316 34.50 -25.22 17.16
N GLY F 317 35.71 -24.73 16.96
CA GLY F 317 36.48 -25.06 15.77
C GLY F 317 36.42 -23.94 14.74
N ASP F 318 36.11 -24.30 13.49
CA ASP F 318 36.04 -23.30 12.43
C ASP F 318 34.95 -22.27 12.69
N PHE F 319 33.83 -22.71 13.26
CA PHE F 319 32.70 -21.83 13.50
C PHE F 319 32.79 -21.08 14.83
N ALA F 320 33.89 -21.25 15.57
CA ALA F 320 34.02 -20.57 16.85
C ALA F 320 34.07 -19.05 16.67
N GLY F 321 34.55 -18.58 15.52
CA GLY F 321 34.63 -17.16 15.27
C GLY F 321 33.30 -16.47 15.12
N SER F 322 32.25 -17.23 14.79
CA SER F 322 30.91 -16.65 14.63
C SER F 322 30.15 -16.60 15.95
N ASN F 323 30.72 -17.12 17.03
CA ASN F 323 30.04 -17.06 18.33
C ASN F 323 29.82 -15.63 18.78
N SER F 324 30.83 -14.78 18.61
CA SER F 324 30.70 -13.38 18.98
C SER F 324 29.62 -12.69 18.16
N GLN F 325 29.59 -12.97 16.86
CA GLN F 325 28.59 -12.35 15.95
C GLN F 325 27.18 -12.81 16.34
N MET F 326 27.01 -14.10 16.64
CA MET F 326 25.69 -14.61 16.99
C MET F 326 25.24 -14.10 18.36
N ALA F 327 26.18 -13.93 19.28
CA ALA F 327 25.86 -13.30 20.56
C ALA F 327 25.47 -11.84 20.39
N GLN F 328 26.12 -11.13 19.46
CA GLN F 328 25.74 -9.76 19.14
C GLN F 328 24.35 -9.67 18.51
N VAL F 329 23.96 -10.68 17.72
CA VAL F 329 22.63 -10.67 17.14
C VAL F 329 21.56 -10.79 18.23
N GLY F 330 21.79 -11.67 19.20
CA GLY F 330 20.89 -11.82 20.32
C GLY F 330 19.86 -12.92 20.11
N ASP F 331 19.13 -13.22 21.18
CA ASP F 331 18.12 -14.27 21.17
C ASP F 331 16.91 -13.83 21.98
N GLY F 332 15.76 -14.42 21.66
CA GLY F 332 14.52 -14.05 22.30
C GLY F 332 13.88 -12.86 21.61
N ASP F 333 14.16 -11.67 22.14
CA ASP F 333 13.67 -10.41 21.52
C ASP F 333 14.67 -9.29 21.85
N ASN F 334 15.70 -9.59 22.65
CA ASN F 334 16.71 -8.61 23.03
C ASN F 334 17.87 -8.72 22.05
N SER F 335 17.86 -7.88 21.03
CA SER F 335 18.92 -7.89 20.03
C SER F 335 19.87 -6.73 20.27
N PRO F 336 21.11 -6.98 20.70
CA PRO F 336 22.06 -5.87 20.86
C PRO F 336 22.30 -5.11 19.57
N LEU F 337 22.07 -5.75 18.41
CA LEU F 337 22.18 -5.02 17.12
C LEU F 337 21.00 -4.05 16.99
N MET F 338 19.82 -4.44 17.50
CA MET F 338 18.65 -3.57 17.41
C MET F 338 18.65 -2.50 18.49
N ASN F 339 19.22 -2.79 19.66
CA ASN F 339 19.20 -1.84 20.77
C ASN F 339 20.03 -0.59 20.49
N ASN F 340 20.85 -0.59 19.44
CA ASN F 340 21.58 0.61 19.08
C ASN F 340 20.64 1.73 18.66
N PHE F 341 19.51 1.39 18.02
CA PHE F 341 18.56 2.40 17.60
C PHE F 341 17.81 3.02 18.76
N ARG F 342 17.77 2.35 19.92
CA ARG F 342 17.00 2.87 21.05
C ARG F 342 17.58 4.17 21.60
N GLN F 343 18.89 4.37 21.44
CA GLN F 343 19.50 5.59 21.95
C GLN F 343 18.99 6.80 21.21
N TYR F 344 18.70 6.66 19.92
CA TYR F 344 18.20 7.75 19.09
C TYR F 344 16.68 7.77 18.99
N LEU F 345 15.99 6.97 19.80
CA LEU F 345 14.53 6.92 19.74
C LEU F 345 13.96 8.29 20.10
N PRO F 346 13.01 8.81 19.32
CA PRO F 346 12.44 10.13 19.63
C PRO F 346 11.73 10.12 20.98
N SER F 347 11.84 11.23 21.70
CA SER F 347 11.22 11.34 23.00
C SER F 347 9.75 11.74 22.84
N LEU F 348 8.87 11.03 23.55
CA LEU F 348 7.44 11.27 23.48
C LEU F 348 6.90 11.48 24.88
N PRO F 349 5.85 12.31 25.02
CA PRO F 349 5.30 12.58 26.36
C PRO F 349 4.72 11.33 26.99
N GLN F 350 4.80 11.27 28.31
CA GLN F 350 4.24 10.18 29.09
C GLN F 350 2.79 10.50 29.44
N SER F 351 1.91 9.53 29.24
CA SER F 351 0.49 9.75 29.46
C SER F 351 0.19 9.95 30.94
N VAL F 352 -0.56 11.01 31.25
CA VAL F 352 -0.93 11.36 32.62
C VAL F 352 -2.44 11.54 32.66
N GLU F 353 -2.94 11.88 33.85
CA GLU F 353 -4.37 12.12 34.02
C GLU F 353 -4.79 13.38 33.27
N CYS F 354 -6.08 13.46 33.00
CA CYS F 354 -6.60 14.57 32.20
C CYS F 354 -6.71 15.83 33.04
N ARG F 355 -6.22 16.95 32.49
CA ARG F 355 -6.35 18.26 33.12
C ARG F 355 -7.21 19.15 32.22
N PRO F 356 -8.31 19.71 32.73
CA PRO F 356 -9.16 20.56 31.89
C PRO F 356 -8.41 21.81 31.42
N PHE F 357 -8.72 22.25 30.21
CA PHE F 357 -8.15 23.47 29.66
C PHE F 357 -9.11 24.63 29.87
N VAL F 358 -8.59 25.74 30.38
CA VAL F 358 -9.39 26.90 30.76
C VAL F 358 -9.15 28.00 29.74
N PHE F 359 -10.24 28.50 29.14
CA PHE F 359 -10.13 29.62 28.17
C PHE F 359 -10.51 30.92 28.88
N GLY F 360 -9.75 31.99 28.66
CA GLY F 360 -10.08 33.30 29.27
C GLY F 360 -10.24 33.20 30.77
N ALA F 361 -9.23 32.69 31.48
CA ALA F 361 -9.32 32.51 32.94
C ALA F 361 -9.51 33.87 33.63
N GLY F 362 -10.50 33.98 34.52
CA GLY F 362 -10.73 35.22 35.27
C GLY F 362 -11.63 36.21 34.55
N LYS F 363 -11.95 35.95 33.28
CA LYS F 363 -12.76 36.89 32.47
C LYS F 363 -14.24 36.47 32.52
N PRO F 364 -15.22 37.34 32.17
CA PRO F 364 -16.63 36.98 32.15
C PRO F 364 -16.92 35.86 31.12
N TYR F 365 -16.03 35.66 30.16
CA TYR F 365 -16.20 34.63 29.10
C TYR F 365 -15.37 33.38 29.46
N GLU F 366 -15.31 33.03 30.74
CA GLU F 366 -14.44 31.90 31.18
C GLU F 366 -15.16 30.57 31.04
N PHE F 367 -14.76 29.74 30.07
CA PHE F 367 -15.29 28.39 29.97
C PHE F 367 -14.14 27.41 29.90
N SER F 368 -14.39 26.19 30.38
CA SER F 368 -13.37 25.17 30.44
C SER F 368 -13.91 23.85 29.90
N ILE F 369 -13.03 23.08 29.27
CA ILE F 369 -13.40 21.76 28.79
C ILE F 369 -13.63 20.85 29.98
N ASP F 370 -14.83 20.27 30.06
CA ASP F 370 -15.24 19.55 31.27
C ASP F 370 -14.45 18.27 31.49
N CYS F 371 -13.70 17.81 30.50
CA CYS F 371 -12.83 16.63 30.53
C CYS F 371 -13.57 15.36 30.92
N ASP F 372 -14.91 15.40 30.98
CA ASP F 372 -15.66 14.17 31.20
C ASP F 372 -15.74 13.34 29.93
N LYS F 373 -15.88 13.99 28.78
CA LYS F 373 -15.89 13.29 27.50
C LYS F 373 -14.49 12.97 27.01
N ILE F 374 -13.48 13.67 27.50
CA ILE F 374 -12.10 13.35 27.13
C ILE F 374 -11.73 11.95 27.62
N ASN F 375 -12.22 11.57 28.80
CA ASN F 375 -11.96 10.23 29.30
C ASN F 375 -12.63 9.17 28.45
N LEU F 376 -13.86 9.43 28.00
CA LEU F 376 -14.54 8.49 27.11
C LEU F 376 -13.79 8.35 25.79
N PHE F 377 -13.34 9.47 25.24
CA PHE F 377 -12.54 9.40 24.02
C PHE F 377 -11.24 8.65 24.26
N ARG F 378 -10.63 8.84 25.44
CA ARG F 378 -9.36 8.16 25.77
C ARG F 378 -9.61 6.65 25.84
N GLY F 379 -10.77 6.23 26.38
CA GLY F 379 -11.11 4.81 26.40
C GLY F 379 -11.28 4.22 25.02
N VAL F 380 -12.04 4.92 24.17
CA VAL F 380 -12.24 4.38 22.82
C VAL F 380 -10.94 4.40 22.02
N PHE F 381 -10.09 5.41 22.24
CA PHE F 381 -8.79 5.46 21.58
C PHE F 381 -7.91 4.30 22.02
N ALA F 382 -7.92 3.97 23.30
CA ALA F 382 -7.18 2.82 23.78
C ALA F 382 -7.68 1.54 23.15
N PHE F 383 -9.00 1.40 23.03
CA PHE F 383 -9.56 0.22 22.38
C PHE F 383 -9.10 0.12 20.92
N LEU F 384 -9.14 1.23 20.19
CA LEU F 384 -8.73 1.21 18.78
C LEU F 384 -7.26 0.88 18.65
N LEU F 385 -6.41 1.45 19.52
CA LEU F 385 -4.99 1.14 19.49
C LEU F 385 -4.75 -0.34 19.77
N TYR F 386 -5.49 -0.93 20.70
CA TYR F 386 -5.34 -2.39 20.91
C TYR F 386 -5.71 -3.15 19.65
N VAL F 387 -6.92 -2.96 19.14
CA VAL F 387 -7.40 -3.72 17.96
C VAL F 387 -6.40 -3.56 16.80
N ALA F 388 -5.75 -2.40 16.69
CA ALA F 388 -4.75 -2.29 15.62
C ALA F 388 -3.51 -3.10 15.94
N THR F 389 -3.02 -3.01 17.17
CA THR F 389 -1.80 -3.74 17.54
C THR F 389 -2.04 -5.25 17.53
N PHE F 390 -3.21 -5.71 18.00
CA PHE F 390 -3.51 -7.13 17.97
C PHE F 390 -3.56 -7.65 16.55
N MET F 391 -4.22 -6.93 15.66
CA MET F 391 -4.28 -7.36 14.27
C MET F 391 -2.89 -7.38 13.64
N TYR F 392 -2.07 -6.37 13.96
CA TYR F 392 -0.71 -6.34 13.43
C TYR F 392 0.10 -7.55 13.89
N VAL F 393 0.01 -7.88 15.18
CA VAL F 393 0.78 -9.02 15.69
C VAL F 393 0.26 -10.33 15.11
N PHE F 394 -1.06 -10.47 15.00
CA PHE F 394 -1.64 -11.69 14.44
C PHE F 394 -1.19 -11.90 13.00
N SER F 395 -1.27 -10.84 12.19
CA SER F 395 -0.81 -10.94 10.77
C SER F 395 0.71 -11.14 10.72
N THR F 396 1.46 -10.54 11.65
CA THR F 396 2.93 -10.72 11.71
C THR F 396 3.23 -12.21 11.88
N PHE F 397 2.58 -12.87 12.84
CA PHE F 397 2.84 -14.29 13.05
C PHE F 397 2.32 -15.13 11.91
N ALA F 398 1.17 -14.75 11.32
CA ALA F 398 0.61 -15.53 10.22
C ALA F 398 1.45 -15.45 8.95
N ASN F 399 2.29 -14.43 8.80
CA ASN F 399 3.08 -14.24 7.60
C ASN F 399 4.57 -14.26 7.92
N ILE F 400 4.99 -15.25 8.71
CA ILE F 400 6.41 -15.39 9.01
C ILE F 400 7.15 -16.10 7.89
N LEU F 401 6.56 -17.16 7.33
CA LEU F 401 7.22 -17.86 6.23
C LEU F 401 7.13 -17.07 4.93
N ARG F 402 6.10 -16.25 4.76
CA ARG F 402 6.03 -15.37 3.60
C ARG F 402 7.08 -14.27 3.72
N ASN F 403 7.76 -13.99 2.61
CA ASN F 403 8.86 -13.00 2.66
C ASN F 403 8.27 -11.59 2.73
N LYS F 404 7.56 -11.27 3.81
CA LYS F 404 6.87 -9.95 3.93
C LYS F 404 7.26 -9.25 5.23
N GLU F 405 7.18 -7.91 5.23
CA GLU F 405 7.61 -7.11 6.41
C GLU F 405 6.71 -7.40 7.61
N SER F 406 7.31 -7.62 8.78
CA SER F 406 6.53 -7.95 10.00
C SER F 406 7.35 -7.61 11.26
N ASP G 5 -38.21 40.20 38.84
CA ASP G 5 -38.23 40.71 37.47
C ASP G 5 -38.47 39.58 36.48
N PRO G 6 -39.37 39.79 35.53
CA PRO G 6 -39.64 38.75 34.52
C PRO G 6 -38.44 38.43 33.65
N ALA G 7 -37.56 39.40 33.43
CA ALA G 7 -36.43 39.18 32.53
C ALA G 7 -35.51 38.09 33.03
N LYS G 8 -35.15 38.13 34.32
CA LYS G 8 -34.24 37.14 34.86
C LYS G 8 -34.89 35.75 34.87
N ALA G 9 -36.18 35.68 35.16
CA ALA G 9 -36.87 34.39 35.11
C ALA G 9 -36.87 33.83 33.70
N ALA G 10 -37.11 34.67 32.69
CA ALA G 10 -37.07 34.21 31.32
C ALA G 10 -35.67 33.73 30.94
N PHE G 11 -34.65 34.46 31.37
CA PHE G 11 -33.28 34.06 31.05
C PHE G 11 -32.92 32.73 31.70
N ASN G 12 -33.33 32.53 32.95
CA ASN G 12 -33.08 31.25 33.61
C ASN G 12 -33.83 30.11 32.93
N SER G 13 -35.06 30.35 32.50
CA SER G 13 -35.80 29.32 31.77
C SER G 13 -35.10 28.97 30.46
N LEU G 14 -34.61 29.98 29.75
CA LEU G 14 -33.87 29.73 28.51
C LEU G 14 -32.60 28.94 28.78
N GLN G 15 -31.89 29.26 29.86
CA GLN G 15 -30.68 28.51 30.21
C GLN G 15 -30.99 27.06 30.52
N ALA G 16 -32.08 26.82 31.26
CA ALA G 16 -32.47 25.44 31.57
C ALA G 16 -32.82 24.67 30.31
N SER G 17 -33.57 25.31 29.40
CA SER G 17 -33.89 24.66 28.13
C SER G 17 -32.63 24.33 27.34
N ALA G 18 -31.68 25.26 27.33
CA ALA G 18 -30.41 25.01 26.64
C ALA G 18 -29.68 23.83 27.27
N THR G 19 -29.68 23.73 28.59
CA THR G 19 -29.02 22.61 29.25
C THR G 19 -29.66 21.29 28.88
N GLU G 20 -30.99 21.24 28.84
CA GLU G 20 -31.67 20.01 28.41
C GLU G 20 -31.30 19.64 26.98
N TYR G 21 -31.29 20.63 26.09
CA TYR G 21 -30.89 20.39 24.71
C TYR G 21 -29.47 19.84 24.64
N ILE G 22 -28.57 20.39 25.46
CA ILE G 22 -27.17 19.96 25.46
C ILE G 22 -27.07 18.51 25.89
N GLY G 23 -27.80 18.13 26.94
CA GLY G 23 -27.76 16.74 27.38
C GLY G 23 -28.26 15.78 26.31
N TYR G 24 -29.39 16.10 25.69
CA TYR G 24 -29.91 15.23 24.64
C TYR G 24 -28.95 15.16 23.45
N ALA G 25 -28.35 16.30 23.09
CA ALA G 25 -27.40 16.31 21.98
C ALA G 25 -26.17 15.47 22.30
N TRP G 26 -25.71 15.51 23.55
CA TRP G 26 -24.56 14.68 23.93
C TRP G 26 -24.90 13.21 23.79
N ALA G 27 -26.09 12.80 24.24
CA ALA G 27 -26.47 11.40 24.09
C ALA G 27 -26.50 10.99 22.61
N MET G 28 -27.14 11.81 21.78
CA MET G 28 -27.29 11.43 20.38
C MET G 28 -25.94 11.42 19.66
N VAL G 29 -25.06 12.37 19.97
CA VAL G 29 -23.75 12.38 19.34
C VAL G 29 -22.93 11.18 19.77
N VAL G 30 -23.06 10.74 21.03
CA VAL G 30 -22.35 9.54 21.45
C VAL G 30 -22.83 8.33 20.66
N VAL G 31 -24.14 8.22 20.45
CA VAL G 31 -24.66 7.08 19.68
C VAL G 31 -24.12 7.12 18.25
N ILE G 32 -24.17 8.29 17.62
CA ILE G 32 -23.75 8.40 16.22
C ILE G 32 -22.24 8.16 16.09
N VAL G 33 -21.46 8.62 17.07
CA VAL G 33 -20.02 8.37 17.07
C VAL G 33 -19.75 6.88 17.19
N GLY G 34 -20.48 6.18 18.05
CA GLY G 34 -20.32 4.74 18.14
C GLY G 34 -20.62 4.05 16.82
N ALA G 35 -21.67 4.49 16.14
CA ALA G 35 -21.99 3.92 14.83
C ALA G 35 -20.86 4.15 13.82
N THR G 36 -20.31 5.38 13.79
CA THR G 36 -19.24 5.67 12.86
C THR G 36 -18.01 4.81 13.14
N ILE G 37 -17.65 4.65 14.42
CA ILE G 37 -16.51 3.82 14.79
C ILE G 37 -16.73 2.38 14.37
N GLY G 38 -17.94 1.86 14.59
CA GLY G 38 -18.24 0.50 14.18
C GLY G 38 -18.09 0.30 12.67
N ILE G 39 -18.62 1.23 11.89
CA ILE G 39 -18.51 1.15 10.44
C ILE G 39 -17.04 1.13 10.03
N LYS G 40 -16.24 2.04 10.59
CA LYS G 40 -14.83 2.10 10.14
C LYS G 40 -14.10 0.82 10.57
N LEU G 41 -14.33 0.32 11.80
CA LEU G 41 -13.61 -0.88 12.22
C LEU G 41 -13.96 -2.08 11.35
N PHE G 42 -15.24 -2.28 11.06
CA PHE G 42 -15.61 -3.46 10.31
C PHE G 42 -15.37 -3.32 8.81
N LYS G 43 -15.01 -2.14 8.33
CA LYS G 43 -14.62 -2.03 6.90
C LYS G 43 -13.10 -2.13 6.84
N LYS G 44 -12.41 -1.51 7.81
CA LYS G 44 -10.93 -1.54 7.86
C LYS G 44 -10.47 -2.99 7.92
N PHE G 45 -11.14 -3.84 8.70
CA PHE G 45 -10.64 -5.23 8.79
C PHE G 45 -10.48 -5.79 7.37
N THR G 46 -11.60 -5.92 6.65
CA THR G 46 -11.57 -6.53 5.29
C THR G 46 -10.61 -5.75 4.39
N SER G 47 -10.65 -4.40 4.43
CA SER G 47 -9.82 -3.60 3.50
C SER G 47 -8.32 -3.90 3.72
N LYS G 48 -7.87 -3.90 4.98
CA LYS G 48 -6.44 -4.16 5.30
C LYS G 48 -6.11 -5.61 4.98
N ALA G 49 -7.04 -6.54 5.21
CA ALA G 49 -6.82 -7.95 4.84
C ALA G 49 -6.38 -7.99 3.38
N SER G 50 -7.00 -7.18 2.52
CA SER G 50 -6.66 -7.22 1.07
C SER G 50 -5.87 -5.96 0.68
N ASP H 5 -33.71 66.34 38.02
CA ASP H 5 -33.93 65.99 36.63
C ASP H 5 -34.19 64.49 36.48
N PRO H 6 -35.44 64.13 36.21
CA PRO H 6 -35.78 62.70 36.08
C PRO H 6 -35.07 61.99 34.94
N ALA H 7 -34.64 62.72 33.91
CA ALA H 7 -34.02 62.09 32.75
C ALA H 7 -32.72 61.40 33.13
N LYS H 8 -31.91 62.03 33.99
CA LYS H 8 -30.64 61.43 34.38
C LYS H 8 -30.86 60.12 35.13
N ALA H 9 -31.81 60.10 36.07
CA ALA H 9 -32.11 58.89 36.80
C ALA H 9 -32.67 57.82 35.88
N ALA H 10 -33.51 58.21 34.92
CA ALA H 10 -34.04 57.24 33.96
C ALA H 10 -32.93 56.63 33.13
N PHE H 11 -31.98 57.46 32.67
CA PHE H 11 -30.86 56.95 31.90
C PHE H 11 -30.02 55.98 32.72
N ASN H 12 -29.79 56.31 33.99
CA ASN H 12 -29.03 55.41 34.86
C ASN H 12 -29.76 54.08 35.05
N SER H 13 -31.09 54.14 35.21
CA SER H 13 -31.86 52.91 35.39
C SER H 13 -31.80 52.03 34.13
N LEU H 14 -31.92 52.66 32.95
CA LEU H 14 -31.81 51.88 31.71
C LEU H 14 -30.42 51.30 31.55
N GLN H 15 -29.38 52.05 31.95
CA GLN H 15 -28.03 51.52 31.88
C GLN H 15 -27.86 50.30 32.79
N ALA H 16 -28.40 50.37 34.01
CA ALA H 16 -28.31 49.23 34.92
C ALA H 16 -29.06 48.02 34.36
N SER H 17 -30.23 48.26 33.78
CA SER H 17 -30.98 47.17 33.16
C SER H 17 -30.20 46.55 32.01
N ALA H 18 -29.56 47.39 31.19
CA ALA H 18 -28.75 46.87 30.09
C ALA H 18 -27.58 46.06 30.62
N THR H 19 -26.96 46.51 31.71
CA THR H 19 -25.84 45.77 32.29
C THR H 19 -26.27 44.39 32.78
N GLU H 20 -27.42 44.32 33.45
CA GLU H 20 -27.87 43.00 33.92
C GLU H 20 -28.27 42.11 32.76
N TYR H 21 -28.86 42.69 31.70
CA TYR H 21 -29.12 41.91 30.49
C TYR H 21 -27.83 41.37 29.90
N ILE H 22 -26.78 42.20 29.87
CA ILE H 22 -25.50 41.77 29.33
C ILE H 22 -24.94 40.62 30.17
N GLY H 23 -25.08 40.70 31.49
CA GLY H 23 -24.61 39.61 32.34
C GLY H 23 -25.32 38.30 32.05
N TYR H 24 -26.65 38.35 31.96
CA TYR H 24 -27.40 37.13 31.66
C TYR H 24 -27.02 36.57 30.29
N ALA H 25 -26.90 37.45 29.29
CA ALA H 25 -26.53 37.01 27.95
C ALA H 25 -25.14 36.38 27.94
N TRP H 26 -24.20 36.96 28.71
CA TRP H 26 -22.86 36.39 28.80
C TRP H 26 -22.90 34.99 29.40
N ALA H 27 -23.67 34.81 30.47
CA ALA H 27 -23.79 33.48 31.06
C ALA H 27 -24.32 32.47 30.05
N MET H 28 -25.42 32.82 29.38
CA MET H 28 -26.03 31.89 28.43
C MET H 28 -25.09 31.57 27.27
N VAL H 29 -24.42 32.59 26.72
CA VAL H 29 -23.56 32.34 25.58
C VAL H 29 -22.34 31.53 26.00
N VAL H 30 -21.83 31.73 27.22
CA VAL H 30 -20.73 30.89 27.69
C VAL H 30 -21.16 29.44 27.75
N VAL H 31 -22.36 29.18 28.29
CA VAL H 31 -22.84 27.79 28.36
C VAL H 31 -22.95 27.20 26.95
N ILE H 32 -23.55 27.95 26.03
CA ILE H 32 -23.79 27.43 24.68
C ILE H 32 -22.48 27.16 23.95
N VAL H 33 -21.54 28.10 24.03
CA VAL H 33 -20.27 27.95 23.33
C VAL H 33 -19.44 26.83 23.95
N GLY H 34 -19.50 26.68 25.28
CA GLY H 34 -18.80 25.56 25.89
C GLY H 34 -19.33 24.22 25.41
N ALA H 35 -20.66 24.08 25.34
CA ALA H 35 -21.22 22.83 24.86
C ALA H 35 -20.85 22.58 23.40
N THR H 36 -20.92 23.63 22.57
CA THR H 36 -20.57 23.48 21.16
C THR H 36 -19.12 23.06 20.98
N ILE H 37 -18.21 23.69 21.72
CA ILE H 37 -16.80 23.35 21.63
C ILE H 37 -16.56 21.91 22.08
N GLY H 38 -17.22 21.51 23.18
CA GLY H 38 -17.06 20.13 23.64
C GLY H 38 -17.50 19.12 22.60
N ILE H 39 -18.69 19.34 22.01
CA ILE H 39 -19.18 18.40 21.01
C ILE H 39 -18.27 18.38 19.79
N LYS H 40 -17.84 19.56 19.33
CA LYS H 40 -16.99 19.62 18.14
C LYS H 40 -15.65 18.92 18.39
N LEU H 41 -15.05 19.14 19.56
CA LEU H 41 -13.79 18.49 19.86
C LEU H 41 -13.94 16.99 19.97
N PHE H 42 -15.03 16.52 20.59
CA PHE H 42 -15.27 15.09 20.65
C PHE H 42 -15.37 14.48 19.26
N LYS H 43 -16.16 15.11 18.39
CA LYS H 43 -16.33 14.59 17.01
C LYS H 43 -14.99 14.60 16.27
N LYS H 44 -14.22 15.69 16.39
CA LYS H 44 -12.94 15.77 15.68
C LYS H 44 -11.96 14.70 16.17
N PHE H 45 -11.84 14.56 17.49
CA PHE H 45 -10.91 13.58 18.04
C PHE H 45 -11.29 12.18 17.63
N THR H 46 -12.58 11.84 17.69
CA THR H 46 -13.01 10.50 17.28
C THR H 46 -12.75 10.27 15.80
N SER H 47 -13.03 11.28 14.96
CA SER H 47 -12.81 11.12 13.53
C SER H 47 -11.34 10.90 13.22
N LYS H 48 -10.45 11.63 13.91
CA LYS H 48 -9.02 11.44 13.67
C LYS H 48 -8.52 10.11 14.24
N ALA H 49 -9.15 9.62 15.32
CA ALA H 49 -8.66 8.41 15.98
C ALA H 49 -8.86 7.17 15.10
N SER H 50 -9.97 7.11 14.37
CA SER H 50 -10.26 5.94 13.55
C SER H 50 -10.10 6.25 12.06
N ALA I 7 -35.92 84.09 25.69
CA ALA I 7 -35.76 83.59 24.33
C ALA I 7 -34.37 82.97 24.14
N LYS I 8 -33.35 83.82 24.22
CA LYS I 8 -31.98 83.33 24.08
C LYS I 8 -31.60 82.38 25.20
N ALA I 9 -32.03 82.68 26.43
CA ALA I 9 -31.76 81.79 27.55
C ALA I 9 -32.42 80.43 27.35
N ALA I 10 -33.63 80.42 26.79
CA ALA I 10 -34.30 79.15 26.52
C ALA I 10 -33.51 78.33 25.50
N PHE I 11 -33.01 78.97 24.45
CA PHE I 11 -32.20 78.26 23.46
C PHE I 11 -30.92 77.72 24.09
N ASN I 12 -30.27 78.52 24.93
CA ASN I 12 -29.06 78.06 25.59
C ASN I 12 -29.33 76.86 26.49
N SER I 13 -30.44 76.91 27.25
CA SER I 13 -30.79 75.80 28.11
C SER I 13 -31.10 74.55 27.30
N LEU I 14 -31.82 74.70 26.18
CA LEU I 14 -32.13 73.55 25.34
C LEU I 14 -30.86 72.95 24.75
N GLN I 15 -29.93 73.80 24.30
CA GLN I 15 -28.67 73.29 23.77
C GLN I 15 -27.89 72.54 24.85
N ALA I 16 -27.82 73.08 26.05
CA ALA I 16 -27.10 72.40 27.14
C ALA I 16 -27.75 71.06 27.45
N SER I 17 -29.07 71.06 27.62
CA SER I 17 -29.79 69.80 27.96
C SER I 17 -29.56 68.79 26.85
N ALA I 18 -29.60 69.23 25.59
CA ALA I 18 -29.38 68.32 24.44
C ALA I 18 -28.00 67.66 24.58
N THR I 19 -26.96 68.46 24.84
CA THR I 19 -25.59 67.90 24.95
C THR I 19 -25.50 66.96 26.16
N GLU I 20 -26.15 67.31 27.27
CA GLU I 20 -26.17 66.42 28.46
C GLU I 20 -26.76 65.06 28.06
N TYR I 21 -27.87 65.07 27.33
CA TYR I 21 -28.53 63.80 26.91
C TYR I 21 -27.61 63.03 25.94
N ILE I 22 -26.96 63.75 25.01
CA ILE I 22 -26.01 63.10 24.06
C ILE I 22 -24.93 62.40 24.88
N GLY I 23 -24.40 63.07 25.91
CA GLY I 23 -23.38 62.45 26.79
C GLY I 23 -23.89 61.15 27.38
N TYR I 24 -25.16 61.12 27.80
CA TYR I 24 -25.73 59.91 28.39
C TYR I 24 -26.00 58.86 27.32
N ALA I 25 -26.49 59.27 26.15
CA ALA I 25 -26.73 58.33 25.07
C ALA I 25 -25.43 57.66 24.63
N TRP I 26 -24.35 58.43 24.54
CA TRP I 26 -23.06 57.83 24.21
C TRP I 26 -22.60 56.87 25.29
N ALA I 27 -22.76 57.26 26.56
CA ALA I 27 -22.33 56.40 27.67
C ALA I 27 -23.12 55.10 27.71
N MET I 28 -24.35 55.10 27.17
CA MET I 28 -25.12 53.87 27.08
C MET I 28 -24.70 53.04 25.88
N VAL I 29 -24.60 53.69 24.71
CA VAL I 29 -24.34 52.94 23.47
C VAL I 29 -22.96 52.32 23.50
N VAL I 30 -22.00 52.94 24.19
CA VAL I 30 -20.67 52.32 24.26
C VAL I 30 -20.77 50.97 24.95
N VAL I 31 -21.52 50.90 26.05
CA VAL I 31 -21.67 49.63 26.78
C VAL I 31 -22.40 48.61 25.91
N ILE I 32 -23.50 49.02 25.28
CA ILE I 32 -24.28 48.07 24.48
C ILE I 32 -23.45 47.53 23.32
N VAL I 33 -22.76 48.42 22.60
CA VAL I 33 -21.97 48.01 21.45
C VAL I 33 -20.78 47.16 21.90
N GLY I 34 -20.17 47.50 23.02
CA GLY I 34 -19.08 46.69 23.54
C GLY I 34 -19.53 45.28 23.85
N ALA I 35 -20.70 45.13 24.48
CA ALA I 35 -21.20 43.80 24.78
C ALA I 35 -21.49 43.02 23.51
N THR I 36 -22.13 43.66 22.52
CA THR I 36 -22.45 42.97 21.28
C THR I 36 -21.19 42.51 20.55
N ILE I 37 -20.22 43.42 20.40
CA ILE I 37 -18.98 43.07 19.71
C ILE I 37 -18.20 42.02 20.49
N GLY I 38 -18.24 42.09 21.82
CA GLY I 38 -17.58 41.07 22.62
C GLY I 38 -18.15 39.69 22.37
N ILE I 39 -19.48 39.58 22.36
CA ILE I 39 -20.11 38.29 22.11
C ILE I 39 -19.76 37.80 20.71
N LYS I 40 -19.81 38.70 19.72
CA LYS I 40 -19.51 38.31 18.35
C LYS I 40 -18.08 37.80 18.21
N LEU I 41 -17.11 38.54 18.76
CA LEU I 41 -15.71 38.14 18.65
C LEU I 41 -15.44 36.87 19.45
N PHE I 42 -16.09 36.72 20.60
CA PHE I 42 -15.94 35.50 21.39
C PHE I 42 -16.37 34.28 20.59
N LYS I 43 -17.57 34.34 20.00
CA LYS I 43 -18.05 33.21 19.21
C LYS I 43 -17.12 32.95 18.02
N LYS I 44 -16.72 34.02 17.32
CA LYS I 44 -15.89 33.86 16.13
C LYS I 44 -14.56 33.21 16.46
N PHE I 45 -13.91 33.66 17.53
CA PHE I 45 -12.57 33.16 17.85
C PHE I 45 -12.62 31.78 18.49
N THR I 46 -13.63 31.48 19.32
CA THR I 46 -13.74 30.13 19.84
C THR I 46 -14.06 29.14 18.72
N SER I 47 -14.80 29.58 17.69
CA SER I 47 -15.02 28.70 16.55
C SER I 47 -13.75 28.53 15.73
N LYS I 48 -13.02 29.62 15.49
CA LYS I 48 -11.80 29.55 14.65
C LYS I 48 -10.72 28.70 15.33
N ALA I 49 -10.56 28.81 16.65
CA ALA I 49 -9.49 28.09 17.34
C ALA I 49 -9.72 26.59 17.36
N SER I 50 -10.97 26.16 17.44
CA SER I 50 -11.27 24.73 17.46
C SER I 50 -11.46 24.19 16.04
N PRO J 2 40.09 -75.53 -10.47
CA PRO J 2 41.21 -75.68 -11.41
C PRO J 2 41.96 -74.37 -11.66
N VAL J 3 42.34 -73.68 -10.58
CA VAL J 3 43.01 -72.39 -10.68
C VAL J 3 44.18 -72.36 -9.71
N LEU J 4 45.10 -71.44 -9.97
CA LEU J 4 46.28 -71.31 -9.12
C LEU J 4 45.90 -70.84 -7.73
N LEU J 5 46.81 -71.06 -6.78
CA LEU J 5 46.58 -70.63 -5.41
C LEU J 5 46.61 -69.11 -5.32
N GLY J 6 45.78 -68.56 -4.44
CA GLY J 6 45.70 -67.13 -4.22
C GLY J 6 44.59 -66.43 -4.94
N ILE J 7 44.08 -67.00 -6.04
CA ILE J 7 42.94 -66.39 -6.73
C ILE J 7 41.70 -66.34 -5.87
N PRO J 8 41.25 -67.44 -5.23
CA PRO J 8 40.08 -67.32 -4.34
C PRO J 8 40.30 -66.36 -3.20
N LEU J 9 41.51 -66.33 -2.63
CA LEU J 9 41.79 -65.39 -1.55
C LEU J 9 41.71 -63.95 -2.04
N LEU J 10 42.23 -63.69 -3.24
CA LEU J 10 42.14 -62.35 -3.82
C LEU J 10 40.69 -61.95 -4.06
N LEU J 11 39.87 -62.87 -4.56
CA LEU J 11 38.46 -62.56 -4.79
C LEU J 11 37.74 -62.28 -3.48
N ARG J 12 38.02 -63.08 -2.45
CA ARG J 12 37.42 -62.83 -1.13
C ARG J 12 37.84 -61.47 -0.59
N PHE J 13 39.11 -61.10 -0.78
CA PHE J 13 39.57 -59.81 -0.32
C PHE J 13 38.86 -58.67 -1.05
N LEU J 14 38.66 -58.82 -2.36
CA LEU J 14 37.94 -57.79 -3.12
C LEU J 14 36.51 -57.66 -2.63
N GLY J 15 35.83 -58.79 -2.41
CA GLY J 15 34.48 -58.73 -1.87
C GLY J 15 34.42 -58.08 -0.50
N PHE J 16 35.38 -58.41 0.36
CA PHE J 16 35.43 -57.82 1.70
C PHE J 16 35.64 -56.31 1.61
N LEU J 17 36.52 -55.86 0.73
CA LEU J 17 36.74 -54.43 0.55
C LEU J 17 35.46 -53.73 0.09
N LEU J 18 34.77 -54.32 -0.89
CA LEU J 18 33.53 -53.71 -1.37
C LEU J 18 32.48 -53.63 -0.27
N VAL J 19 32.35 -54.70 0.52
CA VAL J 19 31.37 -54.72 1.60
C VAL J 19 31.70 -53.64 2.63
N THR J 20 32.97 -53.52 3.01
CA THR J 20 33.36 -52.51 4.00
C THR J 20 33.09 -51.10 3.49
N LEU J 21 33.45 -50.82 2.24
CA LEU J 21 33.22 -49.48 1.69
C LEU J 21 31.73 -49.16 1.63
N PHE J 22 30.91 -50.13 1.20
CA PHE J 22 29.49 -49.85 1.09
C PHE J 22 28.84 -49.69 2.47
N GLY J 23 29.34 -50.41 3.47
CA GLY J 23 28.88 -50.18 4.84
C GLY J 23 29.24 -48.79 5.34
N TYR J 24 30.43 -48.31 5.01
CA TYR J 24 30.78 -46.92 5.34
C TYR J 24 29.81 -45.94 4.68
N LEU J 25 29.47 -46.20 3.42
CA LEU J 25 28.51 -45.35 2.72
C LEU J 25 27.16 -45.36 3.42
N LEU J 26 26.71 -46.52 3.87
CA LEU J 26 25.45 -46.61 4.61
C LEU J 26 25.49 -45.79 5.89
N THR J 27 26.60 -45.88 6.63
CA THR J 27 26.71 -45.11 7.86
C THR J 27 26.65 -43.61 7.59
N PHE J 28 27.33 -43.15 6.53
CA PHE J 28 27.29 -41.73 6.20
C PHE J 28 25.88 -41.30 5.77
N LEU J 29 25.16 -42.17 5.06
CA LEU J 29 23.78 -41.85 4.70
C LEU J 29 22.91 -41.67 5.93
N LYS J 30 23.07 -42.56 6.91
CA LYS J 30 22.30 -42.41 8.14
C LYS J 30 22.66 -41.13 8.88
N LYS J 31 23.96 -40.75 8.85
CA LYS J 31 24.36 -39.48 9.44
C LYS J 31 23.65 -38.31 8.76
N GLY J 32 23.57 -38.34 7.43
CA GLY J 32 22.87 -37.28 6.72
C GLY J 32 21.40 -37.20 7.07
N PHE J 33 20.75 -38.36 7.19
CA PHE J 33 19.34 -38.36 7.59
C PHE J 33 19.16 -37.77 8.98
N GLY J 34 20.05 -38.10 9.91
CA GLY J 34 20.01 -37.48 11.23
C GLY J 34 20.17 -35.98 11.16
N LYS J 35 21.05 -35.51 10.27
CA LYS J 35 21.21 -34.07 10.09
C LYS J 35 19.92 -33.41 9.62
N ILE J 36 19.24 -34.05 8.67
CA ILE J 36 17.97 -33.49 8.17
C ILE J 36 16.93 -33.43 9.29
N ALA J 37 16.85 -34.49 10.10
CA ALA J 37 15.90 -34.48 11.21
C ALA J 37 16.21 -33.37 12.20
N ILE J 38 17.49 -33.16 12.50
CA ILE J 38 17.89 -32.09 13.41
C ILE J 38 17.47 -30.74 12.85
N ALA J 39 17.68 -30.53 11.55
CA ALA J 39 17.30 -29.26 10.94
C ALA J 39 15.80 -29.01 11.05
N ILE J 40 14.99 -30.04 10.76
CA ILE J 40 13.54 -29.87 10.85
C ILE J 40 13.13 -29.53 12.28
N SER J 41 13.71 -30.24 13.25
CA SER J 41 13.38 -29.98 14.65
C SER J 41 13.72 -28.54 15.04
N LEU J 42 14.89 -28.05 14.63
CA LEU J 42 15.29 -26.69 14.95
C LEU J 42 14.33 -25.68 14.34
N PHE J 43 13.93 -25.89 13.08
CA PHE J 43 13.03 -24.97 12.41
C PHE J 43 11.69 -24.87 13.14
N LEU J 44 11.11 -26.03 13.47
CA LEU J 44 9.82 -26.01 14.16
C LEU J 44 9.94 -25.41 15.56
N ALA J 45 11.05 -25.69 16.26
CA ALA J 45 11.25 -25.12 17.58
C ALA J 45 11.35 -23.59 17.52
N LEU J 46 12.04 -23.07 16.50
CA LEU J 46 12.11 -21.62 16.35
C LEU J 46 10.73 -21.01 16.13
N ILE J 47 9.91 -21.67 15.30
CA ILE J 47 8.55 -21.15 15.09
C ILE J 47 7.78 -21.14 16.41
N ILE J 48 7.88 -22.21 17.18
CA ILE J 48 7.12 -22.28 18.44
C ILE J 48 7.57 -21.22 19.42
N GLY J 49 8.89 -21.00 19.52
CA GLY J 49 9.39 -19.96 20.41
C GLY J 49 8.92 -18.57 20.01
N LEU J 50 8.95 -18.28 18.70
CA LEU J 50 8.46 -16.98 18.25
C LEU J 50 6.98 -16.82 18.61
N ASN J 51 6.19 -17.87 18.42
CA ASN J 51 4.78 -17.80 18.80
C ASN J 51 4.63 -17.50 20.28
N SER J 52 5.42 -18.16 21.12
CA SER J 52 5.31 -17.94 22.56
C SER J 52 5.59 -16.50 22.92
N ILE J 53 6.64 -15.92 22.34
CA ILE J 53 6.96 -14.52 22.64
C ILE J 53 5.85 -13.60 22.17
N LEU J 54 5.35 -13.81 20.95
CA LEU J 54 4.32 -12.93 20.41
C LEU J 54 3.04 -12.99 21.24
N VAL J 55 2.67 -14.18 21.72
CA VAL J 55 1.39 -14.31 22.49
C VAL J 55 1.53 -13.54 23.81
N GLY J 56 2.72 -13.54 24.42
CA GLY J 56 2.93 -12.89 25.72
C GLY J 56 2.75 -11.38 25.69
N TYR J 57 3.21 -10.71 24.62
CA TYR J 57 3.14 -9.23 24.53
C TYR J 57 1.70 -8.74 24.63
N LEU J 58 0.75 -9.47 24.05
CA LEU J 58 -0.66 -9.01 24.00
C LEU J 58 -1.32 -8.93 25.37
N SER J 59 -0.70 -9.46 26.44
CA SER J 59 -1.43 -9.37 27.70
C SER J 59 -1.43 -7.95 28.26
N ASP J 60 -0.30 -7.25 28.13
CA ASP J 60 -0.15 -5.96 28.81
C ASP J 60 -1.06 -4.90 28.19
N ILE J 61 -1.09 -4.81 26.86
CA ILE J 61 -1.70 -3.68 26.17
C ILE J 61 -3.19 -3.88 25.98
N SER J 62 -3.76 -4.88 26.63
CA SER J 62 -5.17 -5.20 26.43
C SER J 62 -6.07 -4.05 26.86
N ALA J 63 -7.12 -3.82 26.08
CA ALA J 63 -8.11 -2.79 26.39
C ALA J 63 -9.45 -3.21 25.83
N GLN J 64 -10.52 -2.61 26.35
CA GLN J 64 -11.87 -2.98 25.98
C GLN J 64 -12.66 -1.75 25.56
N LEU J 65 -13.62 -1.97 24.68
CA LEU J 65 -14.52 -0.89 24.26
C LEU J 65 -15.37 -0.46 25.45
N PRO J 66 -15.51 0.84 25.69
CA PRO J 66 -16.31 1.29 26.84
C PRO J 66 -17.77 0.90 26.71
N SER J 67 -18.51 1.11 27.79
CA SER J 67 -19.93 0.77 27.79
C SER J 67 -20.69 1.57 26.74
N ASP J 68 -20.32 2.83 26.55
CA ASP J 68 -20.89 3.62 25.47
C ASP J 68 -20.35 3.12 24.14
N PHE J 69 -20.94 3.66 23.05
CA PHE J 69 -20.61 3.29 21.67
C PHE J 69 -21.12 1.89 21.35
N VAL J 70 -21.62 1.17 22.36
CA VAL J 70 -22.21 -0.14 22.11
C VAL J 70 -23.55 0.02 21.41
N GLN J 71 -24.33 1.02 21.80
CA GLN J 71 -25.65 1.21 21.21
C GLN J 71 -25.57 1.49 19.72
N GLY J 72 -24.65 2.37 19.31
CA GLY J 72 -24.51 2.67 17.90
C GLY J 72 -24.02 1.47 17.09
N VAL J 73 -23.03 0.76 17.61
CA VAL J 73 -22.50 -0.40 16.90
C VAL J 73 -23.59 -1.44 16.71
N GLN J 74 -24.36 -1.71 17.77
CA GLN J 74 -25.47 -2.63 17.62
C GLN J 74 -26.55 -2.07 16.70
N LEU J 75 -26.68 -0.75 16.64
CA LEU J 75 -27.64 -0.13 15.73
C LEU J 75 -27.29 -0.42 14.29
N ILE J 76 -26.01 -0.39 13.94
CA ILE J 76 -25.60 -0.53 12.55
C ILE J 76 -25.17 -1.94 12.16
N LEU J 77 -24.78 -2.78 13.11
CA LEU J 77 -24.04 -3.99 12.79
C LEU J 77 -24.91 -4.99 12.05
N PRO J 78 -24.56 -5.40 10.84
CA PRO J 78 -25.35 -6.41 10.13
C PRO J 78 -25.08 -7.80 10.69
N SER J 79 -25.81 -8.77 10.15
CA SER J 79 -25.76 -10.13 10.68
C SER J 79 -24.48 -10.87 10.28
N ASN J 80 -23.74 -10.38 9.29
CA ASN J 80 -22.58 -11.09 8.76
C ASN J 80 -21.28 -10.31 8.92
N ALA J 81 -21.14 -9.54 9.99
CA ALA J 81 -19.88 -8.84 10.23
C ALA J 81 -18.90 -9.73 10.99
N LEU J 82 -19.31 -10.20 12.17
CA LEU J 82 -18.48 -11.13 12.91
C LEU J 82 -18.18 -12.41 12.13
N PRO J 83 -19.12 -13.02 11.39
CA PRO J 83 -18.73 -14.14 10.53
C PRO J 83 -17.65 -13.80 9.53
N CYS J 84 -17.70 -12.60 8.94
CA CYS J 84 -16.65 -12.21 8.00
C CYS J 84 -15.30 -12.06 8.70
N PHE J 85 -15.29 -11.46 9.89
CA PHE J 85 -14.05 -11.33 10.64
C PHE J 85 -13.47 -12.69 10.98
N TYR J 86 -14.32 -13.62 11.41
CA TYR J 86 -13.84 -14.95 11.76
C TYR J 86 -13.38 -15.73 10.52
N VAL J 87 -14.02 -15.50 9.38
CA VAL J 87 -13.58 -16.13 8.14
C VAL J 87 -12.19 -15.62 7.77
N ILE J 88 -11.95 -14.32 7.94
CA ILE J 88 -10.62 -13.78 7.66
C ILE J 88 -9.58 -14.42 8.57
N LEU J 89 -9.89 -14.53 9.87
CA LEU J 89 -8.94 -15.15 10.79
C LEU J 89 -8.68 -16.61 10.43
N SER J 90 -9.73 -17.35 10.06
CA SER J 90 -9.57 -18.75 9.68
C SER J 90 -8.72 -18.89 8.42
N VAL J 91 -8.90 -17.97 7.46
CA VAL J 91 -8.08 -17.98 6.26
C VAL J 91 -6.62 -17.75 6.61
N LYS J 92 -6.37 -16.81 7.54
CA LYS J 92 -4.98 -16.54 7.98
C LYS J 92 -4.37 -17.81 8.56
N ALA J 93 -5.11 -18.51 9.43
CA ALA J 93 -4.57 -19.73 10.05
C ALA J 93 -4.33 -20.82 9.03
N ALA J 94 -5.26 -20.99 8.08
CA ALA J 94 -5.12 -22.02 7.07
C ALA J 94 -3.89 -21.76 6.20
N ILE J 95 -3.67 -20.50 5.81
CA ILE J 95 -2.51 -20.17 4.99
C ILE J 95 -1.22 -20.43 5.78
N PHE J 96 -1.22 -20.09 7.07
CA PHE J 96 -0.03 -20.34 7.89
C PHE J 96 0.33 -21.82 7.92
N ILE J 97 -0.65 -22.67 8.23
CA ILE J 97 -0.33 -24.10 8.32
C ILE J 97 0.01 -24.67 6.94
N PHE J 98 -0.60 -24.13 5.88
CA PHE J 98 -0.25 -24.56 4.53
C PHE J 98 1.21 -24.25 4.22
N ASP J 99 1.66 -23.05 4.59
CA ASP J 99 3.07 -22.70 4.37
C ASP J 99 3.99 -23.62 5.16
N VAL J 100 3.64 -23.91 6.41
CA VAL J 100 4.48 -24.79 7.23
C VAL J 100 4.58 -26.17 6.60
N LYS J 101 3.44 -26.73 6.17
CA LYS J 101 3.46 -28.05 5.57
C LYS J 101 4.22 -28.06 4.25
N GLN J 102 4.13 -26.99 3.46
CA GLN J 102 4.87 -26.93 2.21
C GLN J 102 6.38 -26.87 2.47
N LYS J 103 6.79 -26.18 3.53
CA LYS J 103 8.21 -26.19 3.88
C LYS J 103 8.66 -27.58 4.31
N ILE J 104 7.82 -28.29 5.07
CA ILE J 104 8.14 -29.66 5.46
C ILE J 104 8.28 -30.54 4.22
N VAL J 105 7.40 -30.36 3.24
CA VAL J 105 7.51 -31.11 1.99
C VAL J 105 8.81 -30.79 1.29
N SER J 106 9.16 -29.50 1.21
CA SER J 106 10.39 -29.09 0.53
C SER J 106 11.63 -29.66 1.21
N TYR J 107 11.55 -29.99 2.50
CA TYR J 107 12.68 -30.67 3.14
C TYR J 107 12.99 -32.04 2.56
N LEU J 108 12.24 -32.52 1.57
CA LEU J 108 12.55 -33.78 0.93
C LEU J 108 13.74 -33.70 -0.01
N ASP J 109 14.21 -32.50 -0.33
CA ASP J 109 15.30 -32.32 -1.28
C ASP J 109 16.67 -32.31 -0.62
N TRP J 110 16.73 -32.41 0.71
CA TRP J 110 18.01 -32.39 1.40
C TRP J 110 18.71 -33.74 1.28
N LYS K 262 69.29 -78.54 -5.45
CA LYS K 262 68.03 -77.88 -5.13
C LYS K 262 67.41 -77.26 -6.37
N MET K 263 66.63 -78.07 -7.10
CA MET K 263 65.94 -77.57 -8.32
C MET K 263 64.88 -76.55 -7.88
N ALA K 264 64.28 -76.76 -6.71
CA ALA K 264 63.28 -75.81 -6.17
C ALA K 264 63.89 -74.40 -6.16
N ASN K 265 65.11 -74.25 -5.62
CA ASN K 265 65.76 -72.95 -5.58
C ASN K 265 65.96 -72.37 -6.97
N ALA K 266 66.38 -73.21 -7.92
CA ALA K 266 66.59 -72.72 -9.28
C ALA K 266 65.29 -72.23 -9.91
N ASN K 267 64.20 -72.99 -9.75
CA ASN K 267 62.92 -72.57 -10.31
C ASN K 267 62.41 -71.31 -9.62
N LYS K 268 62.60 -71.21 -8.30
CA LYS K 268 62.20 -70.00 -7.59
C LYS K 268 62.98 -68.79 -8.07
N GLY K 269 64.29 -68.94 -8.27
CA GLY K 269 65.08 -67.83 -8.75
C GLY K 269 64.73 -67.42 -10.17
N ALA K 270 64.35 -68.39 -10.99
CA ALA K 270 64.02 -68.12 -12.41
C ALA K 270 62.79 -67.21 -12.51
N MET K 271 61.75 -67.47 -11.70
CA MET K 271 60.49 -66.70 -11.83
C MET K 271 60.28 -65.82 -10.60
N THR K 272 61.26 -64.99 -10.24
CA THR K 272 61.11 -64.09 -9.11
C THR K 272 61.86 -62.79 -9.39
N GLU K 273 61.22 -61.67 -9.07
CA GLU K 273 61.83 -60.35 -9.15
C GLU K 273 61.76 -59.69 -7.78
N ASN K 274 62.87 -59.09 -7.36
CA ASN K 274 62.95 -58.46 -6.05
C ASN K 274 62.22 -57.12 -6.08
N ALA K 275 61.09 -57.04 -5.38
CA ALA K 275 60.29 -55.85 -5.29
C ALA K 275 60.17 -55.41 -3.84
N ASP K 276 60.33 -54.10 -3.60
CA ASP K 276 60.30 -53.54 -2.26
C ASP K 276 59.01 -52.76 -2.07
N GLU K 277 58.29 -53.07 -0.99
CA GLU K 277 57.04 -52.37 -0.70
C GLU K 277 57.28 -50.88 -0.44
N ASN K 278 58.35 -50.57 0.29
CA ASN K 278 58.65 -49.18 0.66
C ASN K 278 59.01 -48.32 -0.54
N ALA K 279 59.29 -48.92 -1.69
CA ALA K 279 59.57 -48.15 -2.90
C ALA K 279 58.31 -47.90 -3.71
N LEU K 280 57.54 -48.95 -3.99
CA LEU K 280 56.31 -48.79 -4.75
C LEU K 280 55.30 -47.94 -4.00
N GLN K 281 55.12 -48.19 -2.70
CA GLN K 281 54.21 -47.38 -1.90
C GLN K 281 54.65 -45.92 -1.89
N SER K 282 55.95 -45.68 -1.70
CA SER K 282 56.44 -44.31 -1.65
C SER K 282 56.22 -43.61 -2.99
N ASP K 283 56.48 -44.29 -4.10
CA ASP K 283 56.30 -43.66 -5.41
C ASP K 283 54.84 -43.32 -5.66
N ALA K 284 53.94 -44.29 -5.39
CA ALA K 284 52.52 -44.03 -5.61
C ALA K 284 52.02 -42.90 -4.74
N LYS K 285 52.39 -42.90 -3.46
CA LYS K 285 51.95 -41.84 -2.55
C LYS K 285 52.53 -40.49 -2.97
N GLY K 286 53.78 -40.48 -3.45
CA GLY K 286 54.37 -39.23 -3.89
C GLY K 286 53.64 -38.63 -5.07
N LYS K 287 53.33 -39.45 -6.07
CA LYS K 287 52.57 -38.94 -7.21
C LYS K 287 51.18 -38.46 -6.80
N LEU K 288 50.49 -39.27 -5.98
CA LEU K 288 49.13 -38.90 -5.57
C LEU K 288 49.13 -37.62 -4.75
N ASP K 289 50.13 -37.43 -3.89
CA ASP K 289 50.22 -36.20 -3.13
C ASP K 289 50.57 -35.01 -4.01
N SER K 290 51.48 -35.21 -4.97
CA SER K 290 51.87 -34.12 -5.85
C SER K 290 50.72 -33.64 -6.73
N VAL K 291 49.72 -34.50 -6.96
CA VAL K 291 48.55 -34.01 -7.68
C VAL K 291 47.43 -33.54 -6.73
N ALA K 292 47.30 -34.16 -5.56
CA ALA K 292 46.28 -33.73 -4.61
C ALA K 292 46.60 -32.35 -4.04
N THR K 293 47.87 -31.98 -3.97
CA THR K 293 48.21 -30.62 -3.55
C THR K 293 47.70 -29.60 -4.56
N ASP K 294 47.78 -29.92 -5.86
CA ASP K 294 47.19 -29.04 -6.86
C ASP K 294 45.68 -28.97 -6.71
N TYR K 295 45.04 -30.11 -6.43
CA TYR K 295 43.60 -30.11 -6.18
C TYR K 295 43.23 -29.16 -5.04
N GLY K 296 43.90 -29.33 -3.90
CA GLY K 296 43.61 -28.48 -2.75
C GLY K 296 43.92 -27.02 -3.00
N ALA K 297 45.00 -26.75 -3.73
CA ALA K 297 45.35 -25.37 -4.07
C ALA K 297 44.27 -24.74 -4.94
N ALA K 298 43.73 -25.49 -5.90
CA ALA K 298 42.66 -24.95 -6.73
C ALA K 298 41.41 -24.65 -5.90
N ILE K 299 41.04 -25.56 -4.99
CA ILE K 299 39.88 -25.33 -4.15
C ILE K 299 40.07 -24.08 -3.29
N ASP K 300 41.24 -23.97 -2.65
CA ASP K 300 41.50 -22.83 -1.78
C ASP K 300 41.58 -21.53 -2.59
N GLY K 301 42.10 -21.58 -3.81
CA GLY K 301 42.14 -20.39 -4.64
C GLY K 301 40.75 -19.92 -5.01
N PHE K 302 39.85 -20.85 -5.36
CA PHE K 302 38.47 -20.45 -5.64
C PHE K 302 37.83 -19.82 -4.41
N ILE K 303 38.03 -20.44 -3.25
CA ILE K 303 37.43 -19.92 -2.02
C ILE K 303 37.94 -18.51 -1.74
N GLY K 304 39.25 -18.32 -1.85
CA GLY K 304 39.84 -17.01 -1.59
C GLY K 304 39.37 -15.96 -2.59
N ASP K 305 39.25 -16.33 -3.86
CA ASP K 305 38.78 -15.39 -4.87
C ASP K 305 37.36 -14.92 -4.56
N VAL K 306 36.46 -15.87 -4.26
CA VAL K 306 35.08 -15.48 -4.00
C VAL K 306 34.98 -14.66 -2.71
N SER K 307 35.73 -15.05 -1.68
CA SER K 307 35.70 -14.27 -0.44
C SER K 307 36.23 -12.86 -0.65
N GLY K 308 37.31 -12.72 -1.44
CA GLY K 308 37.86 -11.41 -1.71
C GLY K 308 36.92 -10.54 -2.52
N LEU K 309 36.21 -11.15 -3.47
CA LEU K 309 35.17 -10.40 -4.19
C LEU K 309 34.09 -9.94 -3.24
N ALA K 310 33.69 -10.81 -2.30
CA ALA K 310 32.61 -10.47 -1.39
C ALA K 310 33.00 -9.33 -0.44
N ASN K 311 34.15 -9.44 0.21
CA ASN K 311 34.52 -8.47 1.25
C ASN K 311 35.40 -7.34 0.75
N GLY K 312 35.65 -7.27 -0.56
CA GLY K 312 36.42 -6.17 -1.11
C GLY K 312 37.93 -6.34 -1.07
N ASN K 313 38.44 -7.50 -0.63
CA ASN K 313 39.88 -7.71 -0.65
C ASN K 313 40.40 -7.83 -2.08
N GLY K 314 39.67 -8.52 -2.95
CA GLY K 314 40.08 -8.68 -4.32
C GLY K 314 40.18 -10.14 -4.75
N ALA K 315 40.24 -10.38 -6.06
CA ALA K 315 40.31 -11.73 -6.60
C ALA K 315 41.40 -11.79 -7.66
N THR K 316 41.98 -12.98 -7.83
CA THR K 316 43.01 -13.23 -8.83
C THR K 316 42.66 -14.49 -9.59
N GLY K 317 42.97 -14.51 -10.88
CA GLY K 317 42.72 -15.67 -11.72
C GLY K 317 41.47 -15.50 -12.57
N ASP K 318 40.59 -16.50 -12.53
CA ASP K 318 39.36 -16.44 -13.32
C ASP K 318 38.47 -15.29 -12.87
N PHE K 319 38.43 -15.02 -11.57
CA PHE K 319 37.57 -13.99 -11.03
C PHE K 319 38.20 -12.60 -11.05
N ALA K 320 39.41 -12.47 -11.60
CA ALA K 320 40.06 -11.16 -11.64
C ALA K 320 39.28 -10.17 -12.50
N GLY K 321 38.54 -10.66 -13.48
CA GLY K 321 37.76 -9.79 -14.35
C GLY K 321 36.60 -9.12 -13.67
N SER K 322 36.13 -9.68 -12.55
CA SER K 322 35.01 -9.08 -11.81
C SER K 322 35.46 -8.04 -10.80
N ASN K 323 36.78 -7.83 -10.66
CA ASN K 323 37.27 -6.83 -9.71
C ASN K 323 36.81 -5.44 -10.12
N SER K 324 36.87 -5.12 -11.41
CA SER K 324 36.42 -3.82 -11.89
C SER K 324 34.93 -3.62 -11.62
N GLN K 325 34.14 -4.66 -11.89
CA GLN K 325 32.68 -4.59 -11.68
C GLN K 325 32.36 -4.39 -10.19
N MET K 326 33.06 -5.11 -9.30
CA MET K 326 32.79 -5.00 -7.88
C MET K 326 33.26 -3.65 -7.33
N ALA K 327 34.35 -3.12 -7.89
CA ALA K 327 34.77 -1.77 -7.53
C ALA K 327 33.77 -0.72 -8.01
N GLN K 328 33.17 -0.93 -9.18
CA GLN K 328 32.12 -0.04 -9.65
C GLN K 328 30.86 -0.11 -8.79
N VAL K 329 30.55 -1.28 -8.23
CA VAL K 329 29.40 -1.39 -7.34
C VAL K 329 29.62 -0.55 -6.08
N GLY K 330 30.81 -0.62 -5.51
CA GLY K 330 31.16 0.17 -4.34
C GLY K 330 30.93 -0.57 -3.04
N ASP K 331 31.41 0.05 -1.96
CA ASP K 331 31.29 -0.53 -0.63
C ASP K 331 30.99 0.57 0.38
N GLY K 332 30.39 0.15 1.50
CA GLY K 332 29.96 1.09 2.52
C GLY K 332 28.60 1.66 2.22
N ASP K 333 28.58 2.82 1.57
CA ASP K 333 27.31 3.45 1.13
C ASP K 333 27.59 4.28 -0.13
N ASN K 334 28.86 4.36 -0.55
CA ASN K 334 29.23 5.13 -1.74
C ASN K 334 29.26 4.18 -2.93
N SER K 335 28.16 4.14 -3.67
CA SER K 335 28.07 3.27 -4.83
C SER K 335 28.24 4.10 -6.10
N PRO K 336 29.34 3.94 -6.83
CA PRO K 336 29.48 4.66 -8.10
C PRO K 336 28.38 4.35 -9.09
N LEU K 337 27.74 3.18 -8.95
CA LEU K 337 26.57 2.86 -9.82
C LEU K 337 25.39 3.73 -9.40
N MET K 338 25.26 4.01 -8.10
CA MET K 338 24.15 4.83 -7.62
C MET K 338 24.41 6.32 -7.80
N ASN K 339 25.67 6.74 -7.75
CA ASN K 339 25.99 8.16 -7.85
C ASN K 339 25.70 8.74 -9.23
N ASN K 340 25.43 7.89 -10.23
CA ASN K 340 25.04 8.40 -11.53
C ASN K 340 23.71 9.14 -11.47
N PHE K 341 22.80 8.71 -10.60
CA PHE K 341 21.51 9.37 -10.47
C PHE K 341 21.62 10.73 -9.80
N ARG K 342 22.70 10.99 -9.07
CA ARG K 342 22.81 12.25 -8.34
C ARG K 342 22.94 13.45 -9.28
N GLN K 343 23.48 13.24 -10.49
CA GLN K 343 23.61 14.34 -11.43
C GLN K 343 22.26 14.86 -11.87
N TYR K 344 21.27 13.98 -11.98
CA TYR K 344 19.92 14.35 -12.39
C TYR K 344 18.99 14.61 -11.20
N LEU K 345 19.53 14.68 -9.99
CA LEU K 345 18.70 14.90 -8.81
C LEU K 345 18.01 16.26 -8.92
N PRO K 346 16.70 16.33 -8.67
CA PRO K 346 16.00 17.62 -8.78
C PRO K 346 16.54 18.62 -7.76
N SER K 347 16.60 19.88 -8.18
CA SER K 347 17.10 20.93 -7.31
C SER K 347 15.99 21.42 -6.38
N LEU K 348 16.30 21.53 -5.10
CA LEU K 348 15.36 21.95 -4.10
C LEU K 348 15.93 23.12 -3.30
N PRO K 349 15.06 24.03 -2.84
CA PRO K 349 15.56 25.20 -2.10
C PRO K 349 16.24 24.81 -0.81
N GLN K 350 17.23 25.60 -0.42
CA GLN K 350 17.94 25.40 0.83
C GLN K 350 17.23 26.16 1.95
N SER K 351 17.04 25.49 3.08
CA SER K 351 16.30 26.09 4.18
C SER K 351 17.07 27.25 4.79
N VAL K 352 16.39 28.38 4.96
CA VAL K 352 16.96 29.59 5.53
C VAL K 352 16.07 30.07 6.67
N GLU K 353 16.46 31.18 7.28
CA GLU K 353 15.67 31.75 8.36
C GLU K 353 14.35 32.29 7.83
N CYS K 354 13.39 32.43 8.74
CA CYS K 354 12.04 32.84 8.35
C CYS K 354 12.00 34.34 8.07
N ARG K 355 11.38 34.70 6.95
CA ARG K 355 11.15 36.10 6.59
C ARG K 355 9.65 36.35 6.55
N PRO K 356 9.13 37.31 7.32
CA PRO K 356 7.68 37.57 7.29
C PRO K 356 7.22 38.04 5.92
N PHE K 357 6.00 37.65 5.56
CA PHE K 357 5.38 38.08 4.32
C PHE K 357 4.47 39.26 4.58
N VAL K 358 4.61 40.31 3.77
CA VAL K 358 3.90 41.56 3.95
C VAL K 358 2.83 41.67 2.88
N PHE K 359 1.58 41.88 3.30
CA PHE K 359 0.45 42.05 2.35
C PHE K 359 0.14 43.55 2.24
N GLY K 360 -0.07 44.04 1.01
CA GLY K 360 -0.43 45.46 0.82
C GLY K 360 0.57 46.39 1.49
N ALA K 361 1.85 46.26 1.15
CA ALA K 361 2.91 47.10 1.79
C ALA K 361 2.67 48.58 1.48
N GLY K 362 2.68 49.43 2.50
CA GLY K 362 2.51 50.89 2.31
C GLY K 362 1.06 51.32 2.31
N LYS K 363 0.11 50.37 2.28
CA LYS K 363 -1.33 50.72 2.21
C LYS K 363 -1.93 50.73 3.62
N PRO K 364 -3.11 51.36 3.85
CA PRO K 364 -3.76 51.35 5.18
C PRO K 364 -4.12 49.93 5.63
N TYR K 365 -4.21 48.98 4.70
CA TYR K 365 -4.57 47.57 5.03
C TYR K 365 -3.30 46.71 5.10
N GLU K 366 -2.20 47.27 5.63
CA GLU K 366 -0.91 46.54 5.64
C GLU K 366 -0.80 45.61 6.84
N PHE K 367 -0.87 44.30 6.62
CA PHE K 367 -0.64 43.34 7.69
C PHE K 367 0.41 42.34 7.24
N SER K 368 1.16 41.81 8.20
CA SER K 368 2.24 40.88 7.91
C SER K 368 2.15 39.67 8.83
N ILE K 369 2.56 38.52 8.30
CA ILE K 369 2.61 37.31 9.11
C ILE K 369 3.73 37.46 10.14
N ASP K 370 3.38 37.33 11.42
CA ASP K 370 4.31 37.66 12.50
C ASP K 370 5.48 36.69 12.58
N CYS K 371 5.42 35.56 11.88
CA CYS K 371 6.47 34.54 11.78
C CYS K 371 6.90 34.00 13.14
N ASP K 372 6.18 34.34 14.22
CA ASP K 372 6.46 33.73 15.51
C ASP K 372 5.91 32.31 15.58
N LYS K 373 4.74 32.08 14.99
CA LYS K 373 4.17 30.74 14.94
C LYS K 373 4.75 29.90 13.83
N ILE K 374 5.35 30.54 12.81
CA ILE K 374 6.00 29.78 11.74
C ILE K 374 7.18 28.99 12.31
N ASN K 375 7.90 29.56 13.28
CA ASN K 375 9.00 28.85 13.89
C ASN K 375 8.52 27.65 14.70
N LEU K 376 7.40 27.81 15.41
CA LEU K 376 6.83 26.68 16.14
C LEU K 376 6.40 25.57 15.18
N PHE K 377 5.76 25.95 14.07
CA PHE K 377 5.39 24.95 13.08
C PHE K 377 6.62 24.29 12.49
N ARG K 378 7.69 25.07 12.28
CA ARG K 378 8.94 24.52 11.71
C ARG K 378 9.54 23.50 12.69
N GLY K 379 9.45 23.78 14.00
CA GLY K 379 9.93 22.82 14.99
C GLY K 379 9.14 21.52 14.99
N VAL K 380 7.80 21.64 14.97
CA VAL K 380 7.00 20.42 14.97
C VAL K 380 7.16 19.65 13.65
N PHE K 381 7.34 20.37 12.55
CA PHE K 381 7.59 19.72 11.27
C PHE K 381 8.91 18.96 11.27
N ALA K 382 9.94 19.56 11.86
CA ALA K 382 11.21 18.86 11.99
C ALA K 382 11.07 17.61 12.84
N PHE K 383 10.31 17.70 13.93
CA PHE K 383 10.08 16.52 14.75
C PHE K 383 9.38 15.42 13.98
N LEU K 384 8.34 15.78 13.22
CA LEU K 384 7.60 14.77 12.44
C LEU K 384 8.48 14.14 11.37
N LEU K 385 9.30 14.95 10.70
CA LEU K 385 10.22 14.41 9.69
C LEU K 385 11.22 13.46 10.33
N TYR K 386 11.72 13.77 11.52
CA TYR K 386 12.62 12.81 12.19
C TYR K 386 11.87 11.50 12.47
N VAL K 387 10.75 11.56 13.19
CA VAL K 387 10.01 10.32 13.57
C VAL K 387 9.70 9.51 12.32
N ALA K 388 9.45 10.15 11.18
CA ALA K 388 9.22 9.35 9.98
C ALA K 388 10.51 8.70 9.49
N THR K 389 11.60 9.47 9.44
CA THR K 389 12.86 8.91 8.95
C THR K 389 13.40 7.84 9.89
N PHE K 390 13.29 8.05 11.20
CA PHE K 390 13.75 7.05 12.16
C PHE K 390 12.97 5.75 12.01
N MET K 391 11.64 5.84 11.88
CA MET K 391 10.84 4.63 11.70
C MET K 391 11.20 3.95 10.39
N TYR K 392 11.43 4.73 9.34
CA TYR K 392 11.80 4.14 8.05
C TYR K 392 13.12 3.38 8.15
N VAL K 393 14.12 3.98 8.81
CA VAL K 393 15.42 3.32 8.93
C VAL K 393 15.32 2.07 9.82
N PHE K 394 14.56 2.16 10.91
CA PHE K 394 14.40 1.02 11.81
C PHE K 394 13.75 -0.15 11.09
N SER K 395 12.67 0.12 10.36
CA SER K 395 11.99 -0.95 9.59
C SER K 395 12.89 -1.45 8.45
N THR K 396 13.68 -0.55 7.85
CA THR K 396 14.63 -0.94 6.77
C THR K 396 15.59 -1.99 7.33
N PHE K 397 16.19 -1.72 8.49
CA PHE K 397 17.13 -2.69 9.06
C PHE K 397 16.42 -3.95 9.53
N ALA K 398 15.20 -3.81 10.08
CA ALA K 398 14.48 -4.98 10.56
C ALA K 398 14.03 -5.91 9.44
N ASN K 399 13.94 -5.42 8.21
CA ASN K 399 13.45 -6.22 7.09
C ASN K 399 14.52 -6.33 6.01
N ILE K 400 15.75 -6.64 6.42
CA ILE K 400 16.82 -6.83 5.44
C ILE K 400 16.78 -8.23 4.84
N LEU K 401 16.54 -9.25 5.66
CA LEU K 401 16.46 -10.61 5.13
C LEU K 401 15.15 -10.85 4.39
N ARG K 402 14.09 -10.13 4.77
CA ARG K 402 12.85 -10.22 4.00
C ARG K 402 13.01 -9.55 2.64
N ASN K 403 12.51 -10.19 1.60
CA ASN K 403 12.70 -9.66 0.23
C ASN K 403 11.77 -8.45 0.03
N LYS K 404 11.99 -7.37 0.78
CA LYS K 404 11.09 -6.18 0.72
C LYS K 404 11.89 -4.91 0.47
N GLU K 405 11.24 -3.90 -0.14
CA GLU K 405 11.94 -2.64 -0.51
C GLU K 405 12.40 -1.90 0.75
N SER K 406 13.64 -1.43 0.76
CA SER K 406 14.20 -0.73 1.95
C SER K 406 15.38 0.16 1.52
N ASP L 5 -12.65 62.40 23.05
CA ASP L 5 -13.84 61.90 22.37
C ASP L 5 -14.15 60.47 22.81
N PRO L 6 -15.42 60.20 23.13
CA PRO L 6 -15.80 58.83 23.54
C PRO L 6 -15.58 57.79 22.46
N ALA L 7 -15.68 58.19 21.19
CA ALA L 7 -15.58 57.22 20.11
C ALA L 7 -14.21 56.56 20.07
N LYS L 8 -13.14 57.34 20.18
CA LYS L 8 -11.80 56.77 20.12
C LYS L 8 -11.53 55.89 21.33
N ALA L 9 -12.03 56.28 22.51
CA ALA L 9 -11.86 55.44 23.69
C ALA L 9 -12.58 54.11 23.51
N ALA L 10 -13.80 54.13 22.97
CA ALA L 10 -14.52 52.90 22.72
C ALA L 10 -13.78 52.02 21.72
N PHE L 11 -13.24 52.63 20.66
CA PHE L 11 -12.52 51.86 19.66
C PHE L 11 -11.26 51.22 20.24
N ASN L 12 -10.53 51.96 21.08
CA ASN L 12 -9.35 51.39 21.73
C ASN L 12 -9.73 50.26 22.67
N SER L 13 -10.83 50.41 23.42
CA SER L 13 -11.28 49.34 24.28
C SER L 13 -11.64 48.09 23.48
N LEU L 14 -12.31 48.28 22.35
CA LEU L 14 -12.65 47.15 21.49
C LEU L 14 -11.38 46.48 20.96
N GLN L 15 -10.39 47.27 20.56
CA GLN L 15 -9.13 46.69 20.07
C GLN L 15 -8.43 45.89 21.16
N ALA L 16 -8.41 46.41 22.39
CA ALA L 16 -7.79 45.67 23.49
C ALA L 16 -8.52 44.36 23.76
N SER L 17 -9.85 44.40 23.75
CA SER L 17 -10.63 43.17 23.92
C SER L 17 -10.31 42.16 22.82
N ALA L 18 -10.22 42.64 21.58
CA ALA L 18 -9.87 41.76 20.48
C ALA L 18 -8.49 41.14 20.67
N THR L 19 -7.52 41.93 21.16
CA THR L 19 -6.19 41.40 21.40
C THR L 19 -6.21 40.30 22.45
N GLU L 20 -6.97 40.50 23.54
CA GLU L 20 -7.07 39.47 24.56
C GLU L 20 -7.70 38.19 23.98
N TYR L 21 -8.76 38.35 23.19
CA TYR L 21 -9.38 37.20 22.55
C TYR L 21 -8.39 36.47 21.65
N ILE L 22 -7.57 37.22 20.92
CA ILE L 22 -6.59 36.62 20.01
C ILE L 22 -5.57 35.81 20.80
N GLY L 23 -5.08 36.35 21.92
CA GLY L 23 -4.12 35.60 22.73
C GLY L 23 -4.70 34.31 23.26
N TYR L 24 -5.92 34.36 23.81
CA TYR L 24 -6.55 33.15 24.33
C TYR L 24 -6.79 32.15 23.20
N ALA L 25 -7.24 32.62 22.04
CA ALA L 25 -7.47 31.73 20.91
C ALA L 25 -6.18 31.07 20.44
N TRP L 26 -5.08 31.81 20.45
CA TRP L 26 -3.80 31.21 20.07
C TRP L 26 -3.42 30.10 21.04
N ALA L 27 -3.58 30.33 22.34
CA ALA L 27 -3.26 29.28 23.30
C ALA L 27 -4.11 28.03 23.06
N MET L 28 -5.42 28.23 22.89
CA MET L 28 -6.31 27.08 22.75
C MET L 28 -6.05 26.33 21.44
N VAL L 29 -5.77 27.06 20.36
CA VAL L 29 -5.49 26.39 19.09
C VAL L 29 -4.17 25.63 19.17
N VAL L 30 -3.18 26.14 19.91
CA VAL L 30 -1.94 25.38 20.07
C VAL L 30 -2.22 24.07 20.80
N VAL L 31 -3.03 24.12 21.86
CA VAL L 31 -3.35 22.89 22.59
C VAL L 31 -4.06 21.89 21.68
N ILE L 32 -5.06 22.36 20.92
CA ILE L 32 -5.83 21.45 20.08
C ILE L 32 -4.98 20.89 18.96
N VAL L 33 -4.08 21.69 18.40
CA VAL L 33 -3.15 21.23 17.38
C VAL L 33 -2.24 20.14 17.94
N GLY L 34 -1.73 20.34 19.16
CA GLY L 34 -0.93 19.30 19.78
C GLY L 34 -1.70 17.99 19.94
N ALA L 35 -2.96 18.09 20.35
CA ALA L 35 -3.79 16.89 20.46
C ALA L 35 -3.96 16.19 19.11
N THR L 36 -4.23 16.96 18.06
CA THR L 36 -4.41 16.35 16.74
C THR L 36 -3.14 15.66 16.28
N ILE L 37 -1.97 16.29 16.49
CA ILE L 37 -0.71 15.69 16.09
C ILE L 37 -0.46 14.40 16.87
N GLY L 38 -0.76 14.40 18.18
CA GLY L 38 -0.59 13.19 18.96
C GLY L 38 -1.46 12.05 18.45
N ILE L 39 -2.72 12.34 18.17
CA ILE L 39 -3.63 11.31 17.66
C ILE L 39 -3.09 10.74 16.35
N LYS L 40 -2.66 11.61 15.44
CA LYS L 40 -2.22 11.08 14.12
C LYS L 40 -0.92 10.27 14.31
N LEU L 41 0.03 10.74 15.14
CA LEU L 41 1.27 9.98 15.30
C LEU L 41 1.01 8.60 15.91
N PHE L 42 0.18 8.53 16.93
CA PHE L 42 -0.01 7.24 17.59
C PHE L 42 -0.97 6.34 16.84
N LYS L 43 -1.65 6.83 15.81
CA LYS L 43 -2.47 5.90 14.98
C LYS L 43 -1.61 5.49 13.79
N LYS L 44 -0.83 6.43 13.24
CA LYS L 44 0.05 6.15 12.07
C LYS L 44 0.99 5.02 12.45
N PHE L 45 1.55 5.03 13.67
CA PHE L 45 2.52 3.96 13.99
C PHE L 45 1.88 2.60 13.68
N THR L 46 0.82 2.27 14.42
CA THR L 46 0.16 0.94 14.26
C THR L 46 -0.28 0.74 12.81
N SER L 47 -0.89 1.77 12.19
CA SER L 47 -1.42 1.59 10.81
C SER L 47 -0.31 1.21 9.82
N LYS L 48 0.82 1.92 9.88
CA LYS L 48 1.96 1.66 8.96
C LYS L 48 2.58 0.31 9.31
N ALA L 49 2.64 -0.04 10.60
CA ALA L 49 3.15 -1.36 11.01
C ALA L 49 2.40 -2.42 10.20
N SER L 50 1.08 -2.25 10.02
CA SER L 50 0.30 -3.28 9.31
C SER L 50 -0.11 -2.77 7.92
N ASP M 5 -22.55 80.24 6.08
CA ASP M 5 -23.49 79.13 5.99
C ASP M 5 -23.05 77.98 6.89
N PRO M 6 -23.78 77.78 8.00
CA PRO M 6 -23.40 76.72 8.94
C PRO M 6 -23.48 75.32 8.35
N ALA M 7 -24.28 75.11 7.32
CA ALA M 7 -24.46 73.78 6.76
C ALA M 7 -23.16 73.24 6.18
N LYS M 8 -22.39 74.10 5.49
CA LYS M 8 -21.14 73.64 4.90
C LYS M 8 -20.14 73.20 5.98
N ALA M 9 -20.02 74.00 7.04
CA ALA M 9 -19.12 73.64 8.14
C ALA M 9 -19.59 72.36 8.82
N ALA M 10 -20.90 72.21 9.00
CA ALA M 10 -21.43 70.98 9.60
C ALA M 10 -21.11 69.77 8.74
N PHE M 11 -21.27 69.89 7.42
CA PHE M 11 -20.95 68.79 6.53
C PHE M 11 -19.47 68.43 6.60
N ASN M 12 -18.61 69.45 6.66
CA ASN M 12 -17.17 69.19 6.77
C ASN M 12 -16.86 68.48 8.08
N SER M 13 -17.50 68.90 9.18
CA SER M 13 -17.26 68.25 10.47
C SER M 13 -17.70 66.79 10.45
N LEU M 14 -18.87 66.51 9.87
CA LEU M 14 -19.32 65.12 9.77
C LEU M 14 -18.38 64.31 8.89
N GLN M 15 -17.87 64.91 7.80
CA GLN M 15 -16.92 64.20 6.96
C GLN M 15 -15.64 63.86 7.73
N ALA M 16 -15.13 64.80 8.52
CA ALA M 16 -13.93 64.53 9.31
C ALA M 16 -14.19 63.43 10.33
N SER M 17 -15.35 63.47 10.98
CA SER M 17 -15.71 62.41 11.93
C SER M 17 -15.79 61.06 11.24
N ALA M 18 -16.39 61.02 10.04
CA ALA M 18 -16.45 59.77 9.29
C ALA M 18 -15.06 59.27 8.93
N THR M 19 -14.17 60.18 8.56
CA THR M 19 -12.80 59.79 8.22
C THR M 19 -12.08 59.17 9.41
N GLU M 20 -12.22 59.78 10.59
CA GLU M 20 -11.55 59.21 11.75
C GLU M 20 -12.18 57.88 12.14
N TYR M 21 -13.50 57.74 11.99
CA TYR M 21 -14.14 56.44 12.20
C TYR M 21 -13.59 55.40 11.25
N ILE M 22 -13.39 55.78 9.98
CA ILE M 22 -12.85 54.86 9.00
C ILE M 22 -11.43 54.44 9.39
N GLY M 23 -10.63 55.38 9.88
CA GLY M 23 -9.28 55.02 10.32
C GLY M 23 -9.29 54.02 11.45
N TYR M 24 -10.12 54.26 12.48
CA TYR M 24 -10.19 53.32 13.59
C TYR M 24 -10.68 51.95 13.12
N ALA M 25 -11.71 51.93 12.26
CA ALA M 25 -12.22 50.67 11.76
C ALA M 25 -11.17 49.92 10.96
N TRP M 26 -10.37 50.65 10.16
CA TRP M 26 -9.31 50.02 9.40
C TRP M 26 -8.28 49.38 10.32
N ALA M 27 -7.88 50.09 11.38
CA ALA M 27 -6.93 49.52 12.32
C ALA M 27 -7.48 48.23 12.93
N MET M 28 -8.71 48.27 13.42
CA MET M 28 -9.29 47.10 14.08
C MET M 28 -9.42 45.93 13.11
N VAL M 29 -9.89 46.19 11.89
CA VAL M 29 -10.09 45.09 10.94
C VAL M 29 -8.75 44.53 10.51
N VAL M 30 -7.72 45.35 10.40
CA VAL M 30 -6.39 44.82 10.08
C VAL M 30 -5.92 43.87 11.17
N VAL M 31 -6.11 44.27 12.44
CA VAL M 31 -5.71 43.39 13.54
C VAL M 31 -6.47 42.06 13.48
N ILE M 32 -7.79 42.14 13.29
CA ILE M 32 -8.63 40.94 13.31
C ILE M 32 -8.26 40.01 12.16
N VAL M 33 -8.12 40.57 10.95
CA VAL M 33 -7.83 39.74 9.78
C VAL M 33 -6.42 39.15 9.89
N GLY M 34 -5.47 39.90 10.42
CA GLY M 34 -4.14 39.34 10.63
C GLY M 34 -4.16 38.14 11.56
N ALA M 35 -4.88 38.27 12.68
CA ALA M 35 -4.97 37.14 13.61
C ALA M 35 -5.67 35.95 12.96
N THR M 36 -6.75 36.20 12.22
CA THR M 36 -7.47 35.11 11.57
C THR M 36 -6.59 34.39 10.56
N ILE M 37 -5.85 35.15 9.74
CA ILE M 37 -4.98 34.55 8.75
C ILE M 37 -3.87 33.74 9.42
N GLY M 38 -3.30 34.28 10.51
CA GLY M 38 -2.27 33.53 11.22
C GLY M 38 -2.77 32.20 11.75
N ILE M 39 -3.94 32.23 12.40
CA ILE M 39 -4.50 30.99 12.95
C ILE M 39 -4.82 30.00 11.83
N LYS M 40 -5.43 30.49 10.75
CA LYS M 40 -5.81 29.60 9.65
C LYS M 40 -4.58 28.97 9.00
N LEU M 41 -3.52 29.76 8.78
CA LEU M 41 -2.32 29.23 8.19
C LEU M 41 -1.65 28.21 9.11
N PHE M 42 -1.61 28.49 10.41
CA PHE M 42 -1.05 27.53 11.35
C PHE M 42 -1.80 26.20 11.29
N LYS M 43 -3.13 26.26 11.32
CA LYS M 43 -3.95 25.02 11.28
C LYS M 43 -3.72 24.29 9.96
N LYS M 44 -3.69 25.01 8.83
CA LYS M 44 -3.50 24.35 7.53
C LYS M 44 -2.13 23.69 7.44
N PHE M 45 -1.09 24.41 7.84
CA PHE M 45 0.26 23.85 7.75
C PHE M 45 0.41 22.63 8.64
N THR M 46 -0.12 22.68 9.86
CA THR M 46 -0.04 21.52 10.73
C THR M 46 -0.83 20.34 10.18
N SER M 47 -2.02 20.60 9.63
CA SER M 47 -2.81 19.51 9.07
C SER M 47 -2.10 18.86 7.89
N LYS M 48 -1.46 19.66 7.03
CA LYS M 48 -0.74 19.08 5.91
C LYS M 48 0.54 18.36 6.36
N ALA M 49 1.15 18.82 7.45
CA ALA M 49 2.43 18.25 7.87
C ALA M 49 2.27 16.81 8.38
N SER M 50 1.17 16.52 9.06
CA SER M 50 0.97 15.19 9.62
C SER M 50 -0.11 14.42 8.86
N ALA N 7 -40.40 85.82 -4.99
CA ALA N 7 -41.02 84.55 -5.31
C ALA N 7 -40.10 83.69 -6.18
N LYS N 8 -39.85 84.16 -7.40
CA LYS N 8 -38.96 83.43 -8.30
C LYS N 8 -37.53 83.37 -7.76
N ALA N 9 -37.07 84.46 -7.17
CA ALA N 9 -35.73 84.49 -6.59
C ALA N 9 -35.62 83.49 -5.44
N ALA N 10 -36.68 83.37 -4.64
CA ALA N 10 -36.67 82.39 -3.56
C ALA N 10 -36.57 80.97 -4.11
N PHE N 11 -37.31 80.66 -5.17
CA PHE N 11 -37.21 79.33 -5.78
C PHE N 11 -35.82 79.08 -6.34
N ASN N 12 -35.23 80.09 -6.99
CA ASN N 12 -33.88 79.93 -7.53
C ASN N 12 -32.88 79.67 -6.41
N SER N 13 -32.99 80.43 -5.31
CA SER N 13 -32.08 80.24 -4.18
C SER N 13 -32.25 78.85 -3.57
N LEU N 14 -33.50 78.39 -3.43
CA LEU N 14 -33.74 77.06 -2.89
C LEU N 14 -33.16 75.97 -3.79
N GLN N 15 -33.33 76.13 -5.10
CA GLN N 15 -32.77 75.16 -6.03
C GLN N 15 -31.24 75.14 -5.94
N ALA N 16 -30.61 76.31 -5.88
CA ALA N 16 -29.16 76.35 -5.76
C ALA N 16 -28.69 75.70 -4.47
N SER N 17 -29.31 76.08 -3.35
CA SER N 17 -28.92 75.51 -2.03
C SER N 17 -29.09 74.00 -2.07
N ALA N 18 -30.19 73.53 -2.66
CA ALA N 18 -30.45 72.07 -2.75
C ALA N 18 -29.29 71.39 -3.49
N THR N 19 -28.88 71.94 -4.64
CA THR N 19 -27.78 71.32 -5.43
C THR N 19 -26.47 71.39 -4.64
N GLU N 20 -26.22 72.50 -3.94
CA GLU N 20 -25.01 72.61 -3.09
C GLU N 20 -24.99 71.47 -2.07
N TYR N 21 -26.13 71.22 -1.40
CA TYR N 21 -26.21 70.15 -0.38
C TYR N 21 -26.03 68.78 -1.05
N ILE N 22 -26.63 68.58 -2.23
CA ILE N 22 -26.47 67.29 -2.98
C ILE N 22 -24.97 67.08 -3.23
N GLY N 23 -24.27 68.14 -3.65
CA GLY N 23 -22.81 68.03 -3.88
C GLY N 23 -22.09 67.56 -2.63
N TYR N 24 -22.49 68.08 -1.46
CA TYR N 24 -21.86 67.67 -0.21
C TYR N 24 -22.27 66.26 0.19
N ALA N 25 -23.55 65.92 0.00
CA ALA N 25 -24.01 64.57 0.32
C ALA N 25 -23.27 63.53 -0.53
N TRP N 26 -23.08 63.82 -1.81
CA TRP N 26 -22.32 62.91 -2.67
C TRP N 26 -20.87 62.81 -2.20
N ALA N 27 -20.26 63.94 -1.86
CA ALA N 27 -18.86 63.93 -1.42
C ALA N 27 -18.69 63.16 -0.12
N MET N 28 -19.75 63.07 0.69
CA MET N 28 -19.68 62.25 1.91
C MET N 28 -19.91 60.78 1.60
N VAL N 29 -20.96 60.48 0.81
CA VAL N 29 -21.33 59.09 0.59
C VAL N 29 -20.26 58.37 -0.21
N VAL N 30 -19.51 59.08 -1.06
CA VAL N 30 -18.45 58.39 -1.80
C VAL N 30 -17.41 57.87 -0.82
N VAL N 31 -17.03 58.68 0.17
CA VAL N 31 -16.05 58.24 1.16
C VAL N 31 -16.58 57.08 1.98
N ILE N 32 -17.83 57.19 2.45
CA ILE N 32 -18.39 56.13 3.29
C ILE N 32 -18.48 54.82 2.53
N VAL N 33 -19.00 54.87 1.30
CA VAL N 33 -19.18 53.67 0.50
C VAL N 33 -17.81 53.09 0.12
N GLY N 34 -16.84 53.94 -0.19
CA GLY N 34 -15.51 53.46 -0.49
C GLY N 34 -14.90 52.72 0.68
N ALA N 35 -15.05 53.25 1.89
CA ALA N 35 -14.52 52.55 3.06
C ALA N 35 -15.22 51.21 3.27
N THR N 36 -16.54 51.18 3.16
CA THR N 36 -17.28 49.94 3.36
C THR N 36 -16.86 48.88 2.34
N ILE N 37 -16.84 49.25 1.06
CA ILE N 37 -16.47 48.30 0.01
C ILE N 37 -15.02 47.87 0.16
N GLY N 38 -14.14 48.79 0.59
CA GLY N 38 -12.76 48.41 0.81
C GLY N 38 -12.62 47.36 1.89
N ILE N 39 -13.32 47.54 3.01
CA ILE N 39 -13.26 46.55 4.07
C ILE N 39 -13.82 45.21 3.59
N LYS N 40 -14.94 45.25 2.87
CA LYS N 40 -15.55 44.02 2.38
C LYS N 40 -14.61 43.27 1.44
N LEU N 41 -14.04 43.96 0.46
CA LEU N 41 -13.14 43.32 -0.49
C LEU N 41 -11.86 42.84 0.19
N PHE N 42 -11.35 43.61 1.17
CA PHE N 42 -10.17 43.19 1.90
C PHE N 42 -10.41 41.86 2.59
N LYS N 43 -11.52 41.76 3.35
CA LYS N 43 -11.83 40.52 4.03
C LYS N 43 -12.02 39.37 3.04
N LYS N 44 -12.76 39.63 1.96
CA LYS N 44 -13.05 38.58 0.99
C LYS N 44 -11.77 38.04 0.36
N PHE N 45 -10.87 38.94 -0.06
CA PHE N 45 -9.67 38.50 -0.77
C PHE N 45 -8.64 37.90 0.16
N THR N 46 -8.49 38.43 1.38
CA THR N 46 -7.58 37.78 2.33
C THR N 46 -8.09 36.40 2.71
N SER N 47 -9.41 36.21 2.76
CA SER N 47 -9.92 34.87 3.00
C SER N 47 -9.70 33.96 1.81
N LYS N 48 -9.96 34.46 0.60
CA LYS N 48 -9.83 33.62 -0.61
C LYS N 48 -8.37 33.21 -0.83
N ALA N 49 -7.42 34.11 -0.59
CA ALA N 49 -6.01 33.81 -0.88
C ALA N 49 -5.45 32.76 0.07
N SER N 50 -5.89 32.75 1.32
CA SER N 50 -5.40 31.77 2.28
C SER N 50 -6.24 30.50 2.24
N PRO O 2 49.41 -70.53 2.22
CA PRO O 2 49.46 -71.47 1.10
C PRO O 2 49.11 -70.82 -0.23
N VAL O 3 49.75 -69.69 -0.54
CA VAL O 3 49.47 -68.94 -1.75
C VAL O 3 50.79 -68.54 -2.40
N LEU O 4 50.71 -68.20 -3.68
CA LEU O 4 51.90 -67.80 -4.42
C LEU O 4 52.45 -66.47 -3.91
N LEU O 5 53.71 -66.21 -4.22
CA LEU O 5 54.33 -64.96 -3.82
C LEU O 5 53.72 -63.80 -4.58
N GLY O 6 53.62 -62.65 -3.90
CA GLY O 6 53.09 -61.44 -4.48
C GLY O 6 51.64 -61.16 -4.16
N ILE O 7 50.86 -62.19 -3.83
CA ILE O 7 49.46 -61.96 -3.45
C ILE O 7 49.35 -61.12 -2.18
N PRO O 8 50.03 -61.42 -1.08
CA PRO O 8 49.94 -60.53 0.10
C PRO O 8 50.41 -59.12 -0.19
N LEU O 9 51.47 -58.98 -1.01
CA LEU O 9 51.96 -57.65 -1.35
C LEU O 9 50.92 -56.89 -2.16
N LEU O 10 50.25 -57.58 -3.10
CA LEU O 10 49.20 -56.94 -3.87
C LEU O 10 48.05 -56.50 -2.99
N LEU O 11 47.66 -57.34 -2.03
CA LEU O 11 46.57 -56.98 -1.13
C LEU O 11 46.94 -55.78 -0.26
N ARG O 12 48.18 -55.76 0.24
CA ARG O 12 48.64 -54.61 1.02
C ARG O 12 48.63 -53.34 0.17
N PHE O 13 49.05 -53.45 -1.08
CA PHE O 13 49.04 -52.30 -1.97
C PHE O 13 47.61 -51.78 -2.20
N LEU O 14 46.66 -52.69 -2.38
CA LEU O 14 45.27 -52.28 -2.56
C LEU O 14 44.76 -51.58 -1.32
N GLY O 15 45.04 -52.13 -0.14
CA GLY O 15 44.63 -51.47 1.09
C GLY O 15 45.25 -50.09 1.26
N PHE O 16 46.53 -49.97 0.92
CA PHE O 16 47.21 -48.69 1.01
C PHE O 16 46.59 -47.67 0.06
N LEU O 17 46.26 -48.09 -1.16
CA LEU O 17 45.62 -47.19 -2.11
C LEU O 17 44.27 -46.71 -1.57
N LEU O 18 43.47 -47.64 -1.04
CA LEU O 18 42.16 -47.26 -0.50
C LEU O 18 42.31 -46.27 0.66
N VAL O 19 43.28 -46.52 1.55
CA VAL O 19 43.48 -45.64 2.69
C VAL O 19 43.89 -44.25 2.22
N THR O 20 44.81 -44.17 1.26
CA THR O 20 45.25 -42.87 0.76
C THR O 20 44.11 -42.10 0.11
N LEU O 21 43.31 -42.78 -0.72
CA LEU O 21 42.20 -42.10 -1.38
C LEU O 21 41.17 -41.60 -0.37
N PHE O 22 40.86 -42.42 0.64
CA PHE O 22 39.86 -42.01 1.60
C PHE O 22 40.38 -40.87 2.49
N GLY O 23 41.69 -40.85 2.77
CA GLY O 23 42.27 -39.71 3.46
C GLY O 23 42.19 -38.43 2.65
N TYR O 24 42.41 -38.53 1.34
CA TYR O 24 42.21 -37.37 0.47
C TYR O 24 40.76 -36.87 0.56
N LEU O 25 39.82 -37.81 0.54
CA LEU O 25 38.41 -37.43 0.66
C LEU O 25 38.14 -36.71 1.97
N LEU O 26 38.73 -37.19 3.07
CA LEU O 26 38.57 -36.53 4.36
C LEU O 26 39.11 -35.11 4.33
N THR O 27 40.29 -34.92 3.72
CA THR O 27 40.86 -33.58 3.63
C THR O 27 39.95 -32.65 2.84
N PHE O 28 39.40 -33.12 1.74
CA PHE O 28 38.49 -32.29 0.95
C PHE O 28 37.22 -31.95 1.72
N LEU O 29 36.71 -32.90 2.51
CA LEU O 29 35.54 -32.63 3.33
C LEU O 29 35.83 -31.52 4.35
N LYS O 30 37.01 -31.57 4.99
CA LYS O 30 37.36 -30.52 5.93
C LYS O 30 37.50 -29.17 5.22
N LYS O 31 38.02 -29.18 4.00
CA LYS O 31 38.08 -27.94 3.22
C LYS O 31 36.68 -27.37 2.99
N GLY O 32 35.72 -28.23 2.63
CA GLY O 32 34.36 -27.77 2.43
C GLY O 32 33.75 -27.19 3.69
N PHE O 33 33.99 -27.83 4.83
CA PHE O 33 33.48 -27.29 6.09
C PHE O 33 34.08 -25.92 6.40
N GLY O 34 35.37 -25.75 6.13
CA GLY O 34 35.98 -24.43 6.29
C GLY O 34 35.34 -23.40 5.38
N LYS O 35 35.01 -23.80 4.16
CA LYS O 35 34.32 -22.89 3.24
C LYS O 35 32.97 -22.45 3.80
N ILE O 36 32.22 -23.40 4.37
CA ILE O 36 30.92 -23.05 4.94
C ILE O 36 31.08 -22.08 6.10
N ALA O 37 32.07 -22.32 6.97
CA ALA O 37 32.32 -21.40 8.08
C ALA O 37 32.67 -20.01 7.60
N ILE O 38 33.50 -19.92 6.56
CA ILE O 38 33.86 -18.63 6.00
C ILE O 38 32.63 -17.90 5.47
N ALA O 39 31.75 -18.63 4.79
CA ALA O 39 30.55 -18.01 4.26
C ALA O 39 29.67 -17.45 5.37
N ILE O 40 29.48 -18.23 6.44
CA ILE O 40 28.65 -17.75 7.56
C ILE O 40 29.25 -16.51 8.17
N SER O 41 30.58 -16.52 8.37
CA SER O 41 31.24 -15.36 8.95
C SER O 41 31.05 -14.11 8.09
N LEU O 42 31.20 -14.26 6.77
CA LEU O 42 31.04 -13.12 5.88
C LEU O 42 29.61 -12.58 5.94
N PHE O 43 28.62 -13.46 5.96
CA PHE O 43 27.23 -13.03 6.01
C PHE O 43 26.94 -12.22 7.28
N LEU O 44 27.37 -12.75 8.43
CA LEU O 44 27.12 -12.03 9.68
C LEU O 44 27.88 -10.71 9.73
N ALA O 45 29.11 -10.69 9.20
CA ALA O 45 29.88 -9.45 9.18
C ALA O 45 29.20 -8.39 8.32
N LEU O 46 28.65 -8.80 7.17
CA LEU O 46 27.93 -7.84 6.34
C LEU O 46 26.73 -7.26 7.08
N ILE O 47 25.99 -8.11 7.79
CA ILE O 47 24.85 -7.58 8.56
C ILE O 47 25.32 -6.57 9.60
N ILE O 48 26.40 -6.89 10.31
CA ILE O 48 26.88 -5.98 11.36
C ILE O 48 27.33 -4.66 10.77
N GLY O 49 28.03 -4.69 9.64
CA GLY O 49 28.47 -3.45 9.00
C GLY O 49 27.30 -2.59 8.55
N LEU O 50 26.29 -3.22 7.96
CA LEU O 50 25.10 -2.46 7.57
C LEU O 50 24.44 -1.81 8.78
N ASN O 51 24.35 -2.55 9.89
CA ASN O 51 23.79 -1.96 11.10
C ASN O 51 24.60 -0.76 11.56
N SER O 52 25.92 -0.87 11.52
CA SER O 52 26.76 0.24 11.96
C SER O 52 26.51 1.49 11.12
N ILE O 53 26.44 1.32 9.80
CA ILE O 53 26.19 2.48 8.94
C ILE O 53 24.82 3.09 9.22
N LEU O 54 23.80 2.25 9.34
CA LEU O 54 22.44 2.76 9.55
C LEU O 54 22.34 3.51 10.88
N VAL O 55 22.99 3.00 11.93
CA VAL O 55 22.87 3.67 13.26
C VAL O 55 23.51 5.06 13.19
N GLY O 56 24.60 5.21 12.43
CA GLY O 56 25.34 6.49 12.35
C GLY O 56 24.52 7.61 11.73
N TYR O 57 23.74 7.33 10.69
CA TYR O 57 22.96 8.38 9.97
C TYR O 57 22.01 9.10 10.93
N LEU O 58 21.41 8.37 11.86
CA LEU O 58 20.37 8.96 12.74
C LEU O 58 20.92 10.04 13.68
N SER O 59 22.24 10.21 13.78
CA SER O 59 22.66 11.24 14.74
C SER O 59 22.42 12.65 14.20
N ASP O 60 22.64 12.86 12.91
CA ASP O 60 22.60 14.21 12.35
C ASP O 60 21.20 14.78 12.35
N ILE O 61 20.22 13.99 11.91
CA ILE O 61 18.88 14.51 11.61
C ILE O 61 18.00 14.54 12.84
N SER O 62 18.59 14.33 14.02
CA SER O 62 17.81 14.24 15.24
C SER O 62 17.08 15.56 15.53
N ALA O 63 15.85 15.44 16.01
CA ALA O 63 15.05 16.60 16.39
C ALA O 63 14.09 16.19 17.49
N GLN O 64 13.59 17.19 18.22
CA GLN O 64 12.74 16.95 19.38
C GLN O 64 11.44 17.75 19.26
N LEU O 65 10.39 17.21 19.86
CA LEU O 65 9.12 17.92 19.90
C LEU O 65 9.27 19.17 20.75
N PRO O 66 8.76 20.31 20.29
CA PRO O 66 8.91 21.55 21.07
C PRO O 66 8.19 21.47 22.41
N SER O 67 8.42 22.47 23.24
CA SER O 67 7.77 22.51 24.55
C SER O 67 6.27 22.57 24.43
N ASP O 68 5.78 23.31 23.44
CA ASP O 68 4.35 23.31 23.15
C ASP O 68 3.94 21.97 22.54
N PHE O 69 2.62 21.79 22.40
CA PHE O 69 2.02 20.57 21.88
C PHE O 69 2.15 19.43 22.89
N VAL O 70 2.89 19.65 23.97
CA VAL O 70 2.98 18.64 25.02
C VAL O 70 1.66 18.57 25.79
N GLN O 71 1.05 19.72 26.04
CA GLN O 71 -0.18 19.75 26.83
C GLN O 71 -1.29 18.98 26.14
N GLY O 72 -1.46 19.17 24.82
CA GLY O 72 -2.50 18.46 24.11
C GLY O 72 -2.26 16.95 24.06
N VAL O 73 -1.01 16.57 23.78
CA VAL O 73 -0.67 15.15 23.71
C VAL O 73 -0.94 14.48 25.04
N GLN O 74 -0.52 15.11 26.14
CA GLN O 74 -0.83 14.56 27.46
C GLN O 74 -2.33 14.60 27.75
N LEU O 75 -3.05 15.56 27.16
CA LEU O 75 -4.49 15.64 27.33
C LEU O 75 -5.17 14.41 26.74
N ILE O 76 -4.71 13.95 25.57
CA ILE O 76 -5.38 12.87 24.87
C ILE O 76 -4.77 11.49 25.10
N LEU O 77 -3.50 11.41 25.52
CA LEU O 77 -2.77 10.16 25.42
C LEU O 77 -3.32 9.12 26.39
N PRO O 78 -3.77 7.97 25.92
CA PRO O 78 -4.25 6.92 26.83
C PRO O 78 -3.08 6.21 27.50
N SER O 79 -3.42 5.29 28.40
CA SER O 79 -2.41 4.62 29.20
C SER O 79 -1.64 3.56 28.42
N ASN O 80 -2.13 3.13 27.25
CA ASN O 80 -1.52 2.04 26.52
C ASN O 80 -1.05 2.44 25.13
N ALA O 81 -0.57 3.67 24.97
CA ALA O 81 -0.02 4.09 23.69
C ALA O 81 1.46 3.73 23.58
N LEU O 82 2.27 4.23 24.53
CA LEU O 82 3.67 3.84 24.57
C LEU O 82 3.87 2.33 24.72
N PRO O 83 3.11 1.60 25.55
CA PRO O 83 3.24 0.14 25.52
C PRO O 83 2.99 -0.46 24.15
N CYS O 84 2.02 0.05 23.40
CA CYS O 84 1.78 -0.48 22.06
C CYS O 84 2.95 -0.19 21.13
N PHE O 85 3.50 1.02 21.19
CA PHE O 85 4.66 1.35 20.37
C PHE O 85 5.84 0.44 20.70
N TYR O 86 6.09 0.21 21.99
CA TYR O 86 7.20 -0.64 22.38
C TYR O 86 6.95 -2.10 22.01
N VAL O 87 5.69 -2.55 22.05
CA VAL O 87 5.36 -3.90 21.60
C VAL O 87 5.66 -4.05 20.12
N ILE O 88 5.32 -3.03 19.32
CA ILE O 88 5.62 -3.08 17.90
C ILE O 88 7.13 -3.17 17.66
N LEU O 89 7.90 -2.36 18.40
CA LEU O 89 9.36 -2.41 18.24
C LEU O 89 9.92 -3.77 18.64
N SER O 90 9.41 -4.34 19.73
CA SER O 90 9.87 -5.65 20.18
C SER O 90 9.52 -6.73 19.16
N VAL O 91 8.34 -6.64 18.55
CA VAL O 91 7.97 -7.59 17.51
C VAL O 91 8.93 -7.49 16.33
N LYS O 92 9.28 -6.25 15.96
CA LYS O 92 10.25 -6.04 14.84
C LYS O 92 11.57 -6.73 15.18
N ALA O 93 12.08 -6.54 16.40
CA ALA O 93 13.37 -7.14 16.78
C ALA O 93 13.29 -8.65 16.80
N ALA O 94 12.19 -9.21 17.34
CA ALA O 94 12.03 -10.65 17.40
C ALA O 94 12.00 -11.26 16.00
N ILE O 95 11.28 -10.63 15.08
CA ILE O 95 11.21 -11.14 13.71
C ILE O 95 12.60 -11.08 13.05
N PHE O 96 13.35 -10.00 13.31
CA PHE O 96 14.68 -9.90 12.73
C PHE O 96 15.58 -11.05 13.20
N ILE O 97 15.63 -11.28 14.51
CA ILE O 97 16.52 -12.33 14.99
C ILE O 97 16.01 -13.72 14.57
N PHE O 98 14.69 -13.88 14.45
CA PHE O 98 14.15 -15.14 13.95
C PHE O 98 14.60 -15.40 12.52
N ASP O 99 14.56 -14.37 11.67
CA ASP O 99 15.05 -14.54 10.30
C ASP O 99 16.53 -14.89 10.27
N VAL O 100 17.33 -14.23 11.10
CA VAL O 100 18.77 -14.52 11.13
C VAL O 100 19.01 -15.97 11.54
N LYS O 101 18.33 -16.42 12.59
CA LYS O 101 18.51 -17.79 13.06
C LYS O 101 18.03 -18.80 12.02
N GLN O 102 16.95 -18.49 11.30
CA GLN O 102 16.47 -19.41 10.27
C GLN O 102 17.47 -19.50 9.12
N LYS O 103 18.12 -18.39 8.77
CA LYS O 103 19.17 -18.46 7.76
C LYS O 103 20.34 -19.31 8.23
N ILE O 104 20.72 -19.17 9.50
CA ILE O 104 21.80 -19.99 10.06
C ILE O 104 21.41 -21.46 9.98
N VAL O 105 20.15 -21.79 10.30
CA VAL O 105 19.69 -23.17 10.18
C VAL O 105 19.79 -23.65 8.74
N SER O 106 19.34 -22.82 7.79
CA SER O 106 19.38 -23.20 6.39
C SER O 106 20.79 -23.43 5.88
N TYR O 107 21.79 -22.83 6.53
CA TYR O 107 23.19 -23.14 6.17
C TYR O 107 23.58 -24.59 6.43
N LEU O 108 22.69 -25.43 6.95
CA LEU O 108 22.99 -26.84 7.12
C LEU O 108 22.96 -27.63 5.82
N ASP O 109 22.46 -27.05 4.73
CA ASP O 109 22.33 -27.74 3.47
C ASP O 109 23.55 -27.59 2.58
N TRP O 110 24.55 -26.82 3.01
CA TRP O 110 25.74 -26.61 2.19
C TRP O 110 26.67 -27.82 2.26
N LYS P 262 70.60 -75.41 -18.12
CA LYS P 262 69.81 -74.47 -17.33
C LYS P 262 68.32 -74.69 -17.54
N MET P 263 67.75 -75.60 -16.75
CA MET P 263 66.29 -75.87 -16.83
C MET P 263 65.54 -74.62 -16.36
N ALA P 264 66.11 -73.90 -15.39
CA ALA P 264 65.50 -72.65 -14.89
C ALA P 264 65.21 -71.72 -16.08
N ASN P 265 66.19 -71.52 -16.96
CA ASN P 265 66.00 -70.66 -18.11
C ASN P 265 64.89 -71.17 -19.02
N ALA P 266 64.84 -72.49 -19.24
CA ALA P 266 63.78 -73.05 -20.09
C ALA P 266 62.41 -72.82 -19.49
N ASN P 267 62.25 -73.07 -18.19
CA ASN P 267 60.96 -72.86 -17.55
C ASN P 267 60.58 -71.38 -17.56
N LYS P 268 61.55 -70.50 -17.33
CA LYS P 268 61.27 -69.07 -17.37
C LYS P 268 60.82 -68.65 -18.76
N GLY P 269 61.49 -69.14 -19.81
CA GLY P 269 61.10 -68.79 -21.16
C GLY P 269 59.73 -69.34 -21.54
N ALA P 270 59.39 -70.51 -21.00
CA ALA P 270 58.09 -71.15 -21.34
C ALA P 270 56.92 -70.30 -20.82
N MET P 271 57.02 -69.76 -19.61
CA MET P 271 55.87 -69.02 -19.02
C MET P 271 56.22 -67.53 -18.89
N THR P 272 56.64 -66.89 -19.98
CA THR P 272 56.92 -65.47 -19.95
C THR P 272 56.58 -64.84 -21.29
N GLU P 273 55.92 -63.68 -21.24
CA GLU P 273 55.61 -62.89 -22.42
C GLU P 273 56.22 -61.50 -22.25
N ASN P 274 56.86 -61.01 -23.31
CA ASN P 274 57.53 -59.71 -23.27
C ASN P 274 56.49 -58.60 -23.36
N ALA P 275 56.32 -57.86 -22.27
CA ALA P 275 55.38 -56.76 -22.19
C ALA P 275 56.12 -55.48 -21.85
N ASP P 276 55.79 -54.39 -22.56
CA ASP P 276 56.44 -53.11 -22.39
C ASP P 276 55.50 -52.14 -21.68
N GLU P 277 55.99 -51.54 -20.60
CA GLU P 277 55.17 -50.58 -19.85
C GLU P 277 54.81 -49.37 -20.70
N ASN P 278 55.78 -48.88 -21.49
CA ASN P 278 55.57 -47.68 -22.30
C ASN P 278 54.55 -47.89 -23.41
N ALA P 279 54.18 -49.13 -23.71
CA ALA P 279 53.15 -49.40 -24.71
C ALA P 279 51.77 -49.48 -24.08
N LEU P 280 51.62 -50.28 -23.02
CA LEU P 280 50.33 -50.41 -22.36
C LEU P 280 49.90 -49.09 -21.73
N GLN P 281 50.82 -48.40 -21.04
CA GLN P 281 50.49 -47.12 -20.46
C GLN P 281 50.08 -46.11 -21.53
N SER P 282 50.83 -46.08 -22.64
CA SER P 282 50.51 -45.14 -23.72
C SER P 282 49.15 -45.43 -24.32
N ASP P 283 48.83 -46.70 -24.54
CA ASP P 283 47.54 -47.05 -25.13
C ASP P 283 46.40 -46.67 -24.20
N ALA P 284 46.52 -47.02 -22.92
CA ALA P 284 45.45 -46.69 -21.97
C ALA P 284 45.26 -45.19 -21.85
N LYS P 285 46.36 -44.44 -21.74
CA LYS P 285 46.26 -42.99 -21.63
C LYS P 285 45.69 -42.38 -22.90
N GLY P 286 46.05 -42.93 -24.06
CA GLY P 286 45.51 -42.41 -25.30
C GLY P 286 44.01 -42.58 -25.40
N LYS P 287 43.51 -43.77 -25.05
CA LYS P 287 42.07 -43.98 -25.07
C LYS P 287 41.36 -43.08 -24.06
N LEU P 288 41.90 -43.01 -22.84
CA LEU P 288 41.26 -42.19 -21.81
C LEU P 288 41.24 -40.72 -22.18
N ASP P 289 42.32 -40.23 -22.80
CA ASP P 289 42.34 -38.84 -23.25
C ASP P 289 41.39 -38.61 -24.41
N SER P 290 41.32 -39.56 -25.35
CA SER P 290 40.43 -39.40 -26.50
C SER P 290 38.96 -39.39 -26.08
N VAL P 291 38.63 -39.96 -24.93
CA VAL P 291 37.25 -39.83 -24.46
C VAL P 291 37.08 -38.65 -23.49
N ALA P 292 38.09 -38.32 -22.70
CA ALA P 292 37.99 -37.18 -21.80
C ALA P 292 37.94 -35.86 -22.56
N THR P 293 38.53 -35.80 -23.75
CA THR P 293 38.39 -34.61 -24.56
C THR P 293 36.94 -34.40 -24.99
N ASP P 294 36.24 -35.48 -25.31
CA ASP P 294 34.81 -35.37 -25.60
C ASP P 294 34.03 -34.91 -24.37
N TYR P 295 34.39 -35.44 -23.19
CA TYR P 295 33.76 -34.99 -21.95
C TYR P 295 33.92 -33.48 -21.76
N GLY P 296 35.16 -33.00 -21.85
CA GLY P 296 35.40 -31.58 -21.67
C GLY P 296 34.74 -30.73 -22.75
N ALA P 297 34.71 -31.22 -23.98
CA ALA P 297 34.05 -30.49 -25.05
C ALA P 297 32.56 -30.37 -24.79
N ALA P 298 31.93 -31.43 -24.29
CA ALA P 298 30.51 -31.35 -23.95
C ALA P 298 30.26 -30.33 -22.84
N ILE P 299 31.10 -30.35 -21.80
CA ILE P 299 30.92 -29.40 -20.70
C ILE P 299 31.06 -27.96 -21.21
N ASP P 300 32.10 -27.71 -22.00
CA ASP P 300 32.33 -26.37 -22.50
C ASP P 300 31.24 -25.93 -23.48
N GLY P 301 30.70 -26.87 -24.26
CA GLY P 301 29.60 -26.54 -25.14
C GLY P 301 28.35 -26.15 -24.39
N PHE P 302 28.03 -26.88 -23.32
CA PHE P 302 26.88 -26.48 -22.50
C PHE P 302 27.09 -25.10 -21.90
N ILE P 303 28.29 -24.84 -21.38
CA ILE P 303 28.57 -23.55 -20.77
C ILE P 303 28.41 -22.43 -21.79
N GLY P 304 28.98 -22.62 -22.98
CA GLY P 304 28.89 -21.62 -24.01
C GLY P 304 27.47 -21.38 -24.49
N ASP P 305 26.69 -22.45 -24.61
CA ASP P 305 25.30 -22.31 -25.03
C ASP P 305 24.50 -21.49 -24.02
N VAL P 306 24.64 -21.81 -22.73
CA VAL P 306 23.87 -21.07 -21.73
C VAL P 306 24.33 -19.62 -21.65
N SER P 307 25.65 -19.39 -21.72
CA SER P 307 26.14 -18.02 -21.69
C SER P 307 25.65 -17.22 -22.90
N GLY P 308 25.65 -17.84 -24.08
CA GLY P 308 25.17 -17.15 -25.27
C GLY P 308 23.68 -16.85 -25.21
N LEU P 309 22.90 -17.78 -24.64
CA LEU P 309 21.49 -17.47 -24.41
C LEU P 309 21.33 -16.30 -23.46
N ALA P 310 22.16 -16.25 -22.41
CA ALA P 310 22.03 -15.20 -21.42
C ALA P 310 22.38 -13.83 -21.99
N ASN P 311 23.53 -13.71 -22.65
CA ASN P 311 24.02 -12.41 -23.10
C ASN P 311 23.66 -12.08 -24.55
N GLY P 312 22.85 -12.92 -25.21
CA GLY P 312 22.40 -12.63 -26.55
C GLY P 312 23.35 -13.03 -27.66
N ASN P 313 24.47 -13.70 -27.34
CA ASN P 313 25.36 -14.16 -28.39
C ASN P 313 24.71 -15.27 -29.22
N GLY P 314 24.01 -16.19 -28.56
CA GLY P 314 23.37 -17.28 -29.26
C GLY P 314 23.78 -18.65 -28.75
N ALA P 315 23.02 -19.68 -29.09
CA ALA P 315 23.30 -21.04 -28.65
C ALA P 315 23.19 -21.99 -29.84
N THR P 316 23.94 -23.09 -29.76
CA THR P 316 23.94 -24.13 -30.78
C THR P 316 23.78 -25.48 -30.11
N GLY P 317 23.07 -26.39 -30.77
CA GLY P 317 22.88 -27.73 -30.26
C GLY P 317 21.51 -27.90 -29.61
N ASP P 318 21.50 -28.44 -28.39
CA ASP P 318 20.23 -28.65 -27.68
C ASP P 318 19.53 -27.33 -27.39
N PHE P 319 20.29 -26.30 -27.09
CA PHE P 319 19.71 -25.01 -26.74
C PHE P 319 19.42 -24.12 -27.94
N ALA P 320 19.66 -24.63 -29.16
CA ALA P 320 19.40 -23.82 -30.35
C ALA P 320 17.92 -23.49 -30.50
N GLY P 321 17.03 -24.34 -29.96
CA GLY P 321 15.61 -24.09 -30.07
C GLY P 321 15.13 -22.92 -29.23
N SER P 322 15.90 -22.52 -28.22
CA SER P 322 15.50 -21.38 -27.39
C SER P 322 15.99 -20.05 -27.95
N ASN P 323 16.73 -20.07 -29.06
CA ASN P 323 17.20 -18.83 -29.66
C ASN P 323 16.04 -17.96 -30.11
N SER P 324 15.03 -18.58 -30.73
CA SER P 324 13.86 -17.84 -31.17
C SER P 324 13.13 -17.21 -30.00
N GLN P 325 12.98 -17.99 -28.92
CA GLN P 325 12.26 -17.51 -27.71
C GLN P 325 13.03 -16.34 -27.08
N MET P 326 14.36 -16.44 -27.00
CA MET P 326 15.15 -15.39 -26.38
C MET P 326 15.18 -14.13 -27.27
N ALA P 327 15.16 -14.32 -28.59
CA ALA P 327 15.03 -13.18 -29.48
C ALA P 327 13.67 -12.51 -29.36
N GLN P 328 12.61 -13.30 -29.14
CA GLN P 328 11.29 -12.74 -28.90
C GLN P 328 11.21 -11.99 -27.58
N VAL P 329 11.96 -12.42 -26.56
CA VAL P 329 11.99 -11.69 -25.29
C VAL P 329 12.60 -10.31 -25.48
N GLY P 330 13.70 -10.23 -26.23
CA GLY P 330 14.34 -8.97 -26.52
C GLY P 330 15.45 -8.62 -25.56
N ASP P 331 16.19 -7.57 -25.90
CA ASP P 331 17.32 -7.11 -25.09
C ASP P 331 17.35 -5.59 -25.07
N GLY P 332 17.97 -5.06 -24.03
CA GLY P 332 18.02 -3.62 -23.83
C GLY P 332 16.79 -3.12 -23.10
N ASP P 333 15.80 -2.68 -23.88
CA ASP P 333 14.50 -2.25 -23.32
C ASP P 333 13.41 -2.50 -24.37
N ASN P 334 13.78 -2.97 -25.56
CA ASN P 334 12.83 -3.23 -26.63
C ASN P 334 12.45 -4.70 -26.55
N SER P 335 11.33 -5.00 -25.89
CA SER P 335 10.87 -6.37 -25.76
C SER P 335 9.71 -6.61 -26.71
N PRO P 336 9.89 -7.43 -27.76
CA PRO P 336 8.75 -7.74 -28.64
C PRO P 336 7.59 -8.38 -27.90
N LEU P 337 7.86 -9.03 -26.76
CA LEU P 337 6.75 -9.59 -25.95
C LEU P 337 5.99 -8.44 -25.30
N MET P 338 6.69 -7.37 -24.91
CA MET P 338 6.03 -6.23 -24.28
C MET P 338 5.37 -5.30 -25.29
N ASN P 339 5.93 -5.20 -26.50
CA ASN P 339 5.40 -4.29 -27.50
C ASN P 339 4.01 -4.69 -27.99
N ASN P 340 3.55 -5.91 -27.67
CA ASN P 340 2.20 -6.30 -28.04
C ASN P 340 1.16 -5.45 -27.33
N PHE P 341 1.45 -5.01 -26.10
CA PHE P 341 0.52 -4.19 -25.35
C PHE P 341 0.42 -2.77 -25.90
N ARG P 342 1.43 -2.32 -26.67
CA ARG P 342 1.42 -0.95 -27.16
C ARG P 342 0.29 -0.70 -28.15
N GLN P 343 -0.15 -1.75 -28.87
CA GLN P 343 -1.23 -1.57 -29.83
C GLN P 343 -2.52 -1.19 -29.15
N TYR P 344 -2.75 -1.71 -27.94
CA TYR P 344 -3.95 -1.42 -27.17
C TYR P 344 -3.77 -0.28 -26.18
N LEU P 345 -2.66 0.44 -26.26
CA LEU P 345 -2.41 1.53 -25.32
C LEU P 345 -3.48 2.60 -25.47
N PRO P 346 -4.08 3.08 -24.39
CA PRO P 346 -5.13 4.10 -24.51
C PRO P 346 -4.58 5.38 -25.11
N SER P 347 -5.40 6.04 -25.93
CA SER P 347 -4.99 7.27 -26.58
C SER P 347 -5.19 8.44 -25.63
N LEU P 348 -4.17 9.30 -25.53
CA LEU P 348 -4.21 10.44 -24.65
C LEU P 348 -3.87 11.70 -25.44
N PRO P 349 -4.44 12.85 -25.05
CA PRO P 349 -4.19 14.08 -25.80
C PRO P 349 -2.73 14.49 -25.74
N GLN P 350 -2.26 15.13 -26.81
CA GLN P 350 -0.91 15.64 -26.87
C GLN P 350 -0.87 17.07 -26.33
N SER P 351 0.12 17.34 -25.48
CA SER P 351 0.19 18.64 -24.82
C SER P 351 0.52 19.73 -25.84
N VAL P 352 -0.26 20.82 -25.79
CA VAL P 352 -0.09 21.96 -26.68
C VAL P 352 -0.02 23.22 -25.84
N GLU P 353 0.13 24.36 -26.51
CA GLU P 353 0.17 25.64 -25.82
C GLU P 353 -1.18 25.96 -25.19
N CYS P 354 -1.15 26.84 -24.20
CA CYS P 354 -2.36 27.16 -23.45
C CYS P 354 -3.25 28.10 -24.25
N ARG P 355 -4.55 27.77 -24.30
CA ARG P 355 -5.56 28.61 -24.92
C ARG P 355 -6.54 29.07 -23.86
N PRO P 356 -6.74 30.38 -23.68
CA PRO P 356 -7.68 30.85 -22.65
C PRO P 356 -9.10 30.41 -22.96
N PHE P 357 -9.85 30.14 -21.89
CA PHE P 357 -11.26 29.77 -22.01
C PHE P 357 -12.13 30.99 -21.79
N VAL P 358 -13.09 31.21 -22.68
CA VAL P 358 -13.93 32.40 -22.67
C VAL P 358 -15.32 32.01 -22.21
N PHE P 359 -15.81 32.69 -21.18
CA PHE P 359 -17.18 32.43 -20.67
C PHE P 359 -18.12 33.52 -21.19
N GLY P 360 -19.30 33.14 -21.68
CA GLY P 360 -20.29 34.13 -22.17
C GLY P 360 -19.69 35.04 -23.21
N ALA P 361 -19.14 34.48 -24.29
CA ALA P 361 -18.49 35.29 -25.35
C ALA P 361 -19.51 36.23 -26.00
N GLY P 362 -19.18 37.52 -26.10
CA GLY P 362 -20.07 38.50 -26.76
C GLY P 362 -21.09 39.11 -25.81
N LYS P 363 -21.19 38.59 -24.58
CA LYS P 363 -22.21 39.09 -23.62
C LYS P 363 -21.57 40.13 -22.69
N PRO P 364 -22.35 40.98 -21.98
CA PRO P 364 -21.80 41.95 -21.03
C PRO P 364 -21.04 41.27 -19.87
N TYR P 365 -21.30 39.99 -19.63
CA TYR P 365 -20.63 39.24 -18.54
C TYR P 365 -19.49 38.39 -19.11
N GLU P 366 -18.76 38.92 -20.09
CA GLU P 366 -17.70 38.13 -20.77
C GLU P 366 -16.38 38.21 -20.01
N PHE P 367 -15.97 37.11 -19.36
CA PHE P 367 -14.67 37.05 -18.72
C PHE P 367 -13.95 35.80 -19.21
N SER P 368 -12.62 35.88 -19.24
CA SER P 368 -11.80 34.79 -19.73
C SER P 368 -10.66 34.51 -18.76
N ILE P 369 -10.27 33.24 -18.68
CA ILE P 369 -9.13 32.85 -17.86
C ILE P 369 -7.86 33.40 -18.50
N ASP P 370 -7.11 34.21 -17.74
CA ASP P 370 -6.00 34.95 -18.31
C ASP P 370 -4.84 34.05 -18.74
N CYS P 371 -4.85 32.78 -18.36
CA CYS P 371 -3.86 31.76 -18.72
C CYS P 371 -2.44 32.15 -18.36
N ASP P 372 -2.25 33.24 -17.59
CA ASP P 372 -0.92 33.56 -17.11
C ASP P 372 -0.53 32.67 -15.93
N LYS P 373 -1.49 32.36 -15.06
CA LYS P 373 -1.24 31.46 -13.95
C LYS P 373 -1.31 30.00 -14.36
N ILE P 374 -1.97 29.69 -15.48
CA ILE P 374 -1.99 28.32 -15.97
C ILE P 374 -0.59 27.86 -16.34
N ASN P 375 0.22 28.76 -16.89
CA ASN P 375 1.59 28.41 -17.23
C ASN P 375 2.42 28.14 -15.97
N LEU P 376 2.22 28.95 -14.93
CA LEU P 376 2.92 28.69 -13.67
C LEU P 376 2.51 27.34 -13.08
N PHE P 377 1.21 27.04 -13.11
CA PHE P 377 0.77 25.73 -12.63
C PHE P 377 1.35 24.62 -13.48
N ARG P 378 1.46 24.84 -14.79
CA ARG P 378 2.01 23.82 -15.72
C ARG P 378 3.49 23.59 -15.37
N GLY P 379 4.22 24.64 -15.01
CA GLY P 379 5.61 24.48 -14.59
C GLY P 379 5.75 23.69 -13.31
N VAL P 380 4.94 24.03 -12.30
CA VAL P 380 5.05 23.29 -11.05
C VAL P 380 4.56 21.85 -11.22
N PHE P 381 3.57 21.63 -12.08
CA PHE P 381 3.12 20.27 -12.35
C PHE P 381 4.21 19.45 -13.04
N ALA P 382 4.92 20.05 -13.98
CA ALA P 382 6.03 19.37 -14.62
C ALA P 382 7.11 19.02 -13.60
N PHE P 383 7.40 19.94 -12.68
CA PHE P 383 8.39 19.66 -11.64
C PHE P 383 7.95 18.48 -10.77
N LEU P 384 6.68 18.47 -10.36
CA LEU P 384 6.19 17.38 -9.51
C LEU P 384 6.23 16.05 -10.25
N LEU P 385 5.84 16.04 -11.53
CA LEU P 385 5.91 14.81 -12.32
C LEU P 385 7.34 14.32 -12.43
N TYR P 386 8.31 15.21 -12.61
CA TYR P 386 9.72 14.76 -12.64
C TYR P 386 10.08 14.12 -11.30
N VAL P 387 9.92 14.85 -10.19
CA VAL P 387 10.33 14.34 -8.86
C VAL P 387 9.66 12.99 -8.59
N ALA P 388 8.44 12.78 -9.10
CA ALA P 388 7.84 11.46 -8.89
C ALA P 388 8.51 10.40 -9.76
N THR P 389 8.75 10.73 -11.03
CA THR P 389 9.36 9.74 -11.93
C THR P 389 10.81 9.45 -11.52
N PHE P 390 11.56 10.48 -11.11
CA PHE P 390 12.93 10.26 -10.67
C PHE P 390 12.98 9.36 -9.45
N MET P 391 12.11 9.62 -8.47
CA MET P 391 12.08 8.77 -7.28
C MET P 391 11.69 7.35 -7.64
N TYR P 392 10.72 7.19 -8.55
CA TYR P 392 10.31 5.86 -8.97
C TYR P 392 11.47 5.10 -9.61
N VAL P 393 12.20 5.76 -10.50
CA VAL P 393 13.32 5.09 -11.19
C VAL P 393 14.44 4.76 -10.21
N PHE P 394 14.73 5.69 -9.29
CA PHE P 394 15.78 5.46 -8.30
C PHE P 394 15.45 4.26 -7.42
N SER P 395 14.22 4.21 -6.92
CA SER P 395 13.79 3.05 -6.08
C SER P 395 13.73 1.78 -6.93
N THR P 396 13.35 1.89 -8.21
CA THR P 396 13.31 0.72 -9.11
C THR P 396 14.71 0.11 -9.18
N PHE P 397 15.73 0.93 -9.43
CA PHE P 397 17.08 0.39 -9.52
C PHE P 397 17.59 -0.08 -8.16
N ALA P 398 17.23 0.62 -7.08
CA ALA P 398 17.69 0.21 -5.75
C ALA P 398 17.08 -1.11 -5.29
N ASN P 399 15.95 -1.52 -5.85
CA ASN P 399 15.27 -2.73 -5.42
C ASN P 399 15.16 -3.73 -6.57
N ILE P 400 16.27 -3.94 -7.28
CA ILE P 400 16.27 -4.93 -8.35
C ILE P 400 16.47 -6.34 -7.81
N LEU P 401 17.38 -6.51 -6.84
CA LEU P 401 17.58 -7.84 -6.27
C LEU P 401 16.44 -8.23 -5.33
N ARG P 402 15.78 -7.25 -4.71
CA ARG P 402 14.59 -7.55 -3.92
C ARG P 402 13.45 -7.96 -4.83
N ASN P 403 12.72 -9.01 -4.44
CA ASN P 403 11.64 -9.54 -5.31
C ASN P 403 10.44 -8.60 -5.22
N LYS P 404 10.59 -7.36 -5.70
CA LYS P 404 9.50 -6.34 -5.58
C LYS P 404 9.20 -5.72 -6.95
N GLU P 405 7.96 -5.24 -7.12
CA GLU P 405 7.53 -4.68 -8.43
C GLU P 405 8.32 -3.42 -8.77
N SER P 406 8.81 -3.32 -10.01
CA SER P 406 9.63 -2.16 -10.43
C SER P 406 9.58 -2.01 -11.95
N ASP Q 5 -19.39 63.42 -13.68
CA ASP Q 5 -20.29 62.85 -12.69
C ASP Q 5 -19.51 62.14 -11.58
N PRO Q 6 -19.88 62.40 -10.33
CA PRO Q 6 -19.18 61.75 -9.21
C PRO Q 6 -19.34 60.24 -9.21
N ALA Q 7 -20.46 59.73 -9.73
CA ALA Q 7 -20.71 58.29 -9.68
C ALA Q 7 -19.67 57.50 -10.45
N LYS Q 8 -19.35 57.94 -11.67
CA LYS Q 8 -18.39 57.21 -12.48
C LYS Q 8 -17.00 57.28 -11.88
N ALA Q 9 -16.64 58.43 -11.29
CA ALA Q 9 -15.35 58.54 -10.62
C ALA Q 9 -15.26 57.59 -9.44
N ALA Q 10 -16.33 57.51 -8.64
CA ALA Q 10 -16.35 56.58 -7.52
C ALA Q 10 -16.24 55.13 -8.00
N PHE Q 11 -16.94 54.80 -9.08
CA PHE Q 11 -16.88 53.43 -9.59
C PHE Q 11 -15.48 53.09 -10.09
N ASN Q 12 -14.82 54.03 -10.78
CA ASN Q 12 -13.46 53.79 -11.24
C ASN Q 12 -12.50 53.64 -10.07
N SER Q 13 -12.67 54.45 -9.03
CA SER Q 13 -11.83 54.31 -7.84
C SER Q 13 -12.02 52.95 -7.19
N LEU Q 14 -13.27 52.49 -7.10
CA LEU Q 14 -13.55 51.17 -6.54
C LEU Q 14 -12.91 50.07 -7.39
N GLN Q 15 -12.97 50.21 -8.71
CA GLN Q 15 -12.36 49.21 -9.60
C GLN Q 15 -10.85 49.18 -9.41
N ALA Q 16 -10.22 50.35 -9.29
CA ALA Q 16 -8.78 50.39 -9.06
C ALA Q 16 -8.40 49.74 -7.73
N SER Q 17 -9.17 50.03 -6.68
CA SER Q 17 -8.92 49.39 -5.40
C SER Q 17 -9.05 47.88 -5.50
N ALA Q 18 -10.08 47.41 -6.21
CA ALA Q 18 -10.25 45.98 -6.41
C ALA Q 18 -9.07 45.37 -7.15
N THR Q 19 -8.55 46.07 -8.15
CA THR Q 19 -7.39 45.56 -8.89
C THR Q 19 -6.17 45.44 -7.98
N GLU Q 20 -5.94 46.44 -7.13
CA GLU Q 20 -4.82 46.35 -6.20
C GLU Q 20 -4.98 45.18 -5.24
N TYR Q 21 -6.20 44.99 -4.72
CA TYR Q 21 -6.48 43.85 -3.85
C TYR Q 21 -6.21 42.54 -4.57
N ILE Q 22 -6.59 42.46 -5.85
CA ILE Q 22 -6.40 41.24 -6.62
C ILE Q 22 -4.92 40.94 -6.79
N GLY Q 23 -4.12 41.96 -7.08
CA GLY Q 23 -2.68 41.73 -7.21
C GLY Q 23 -2.05 41.23 -5.93
N TYR Q 24 -2.38 41.88 -4.81
CA TYR Q 24 -1.82 41.44 -3.53
C TYR Q 24 -2.28 40.03 -3.19
N ALA Q 25 -3.55 39.72 -3.45
CA ALA Q 25 -4.06 38.38 -3.17
C ALA Q 25 -3.36 37.33 -4.02
N TRP Q 26 -3.08 37.66 -5.28
CA TRP Q 26 -2.36 36.72 -6.14
C TRP Q 26 -0.96 36.45 -5.58
N ALA Q 27 -0.26 37.48 -5.15
CA ALA Q 27 1.06 37.27 -4.56
C ALA Q 27 0.98 36.36 -3.33
N MET Q 28 0.05 36.67 -2.43
CA MET Q 28 -0.03 35.90 -1.19
C MET Q 28 -0.44 34.46 -1.44
N VAL Q 29 -1.37 34.24 -2.38
CA VAL Q 29 -1.79 32.88 -2.68
C VAL Q 29 -0.65 32.10 -3.33
N VAL Q 30 0.18 32.75 -4.14
CA VAL Q 30 1.33 32.04 -4.70
C VAL Q 30 2.27 31.60 -3.59
N VAL Q 31 2.53 32.48 -2.62
CA VAL Q 31 3.42 32.11 -1.51
C VAL Q 31 2.84 30.93 -0.73
N ILE Q 32 1.55 30.99 -0.41
CA ILE Q 32 0.94 29.94 0.40
C ILE Q 32 0.89 28.62 -0.37
N VAL Q 33 0.66 28.69 -1.68
CA VAL Q 33 0.68 27.49 -2.52
C VAL Q 33 2.06 26.86 -2.52
N GLY Q 34 3.11 27.70 -2.64
CA GLY Q 34 4.46 27.17 -2.56
C GLY Q 34 4.72 26.46 -1.25
N ALA Q 35 4.26 27.05 -0.15
CA ALA Q 35 4.42 26.41 1.16
C ALA Q 35 3.71 25.06 1.21
N THR Q 36 2.47 25.00 0.70
CA THR Q 36 1.73 23.74 0.73
C THR Q 36 2.45 22.67 -0.09
N ILE Q 37 2.95 23.04 -1.27
CA ILE Q 37 3.65 22.08 -2.12
C ILE Q 37 4.91 21.58 -1.42
N GLY Q 38 5.66 22.49 -0.77
CA GLY Q 38 6.84 22.06 -0.04
C GLY Q 38 6.53 21.08 1.06
N ILE Q 39 5.48 21.36 1.84
CA ILE Q 39 5.09 20.45 2.92
C ILE Q 39 4.74 19.08 2.35
N LYS Q 40 3.95 19.05 1.28
CA LYS Q 40 3.53 17.72 0.76
C LYS Q 40 4.76 16.99 0.20
N LEU Q 41 5.65 17.67 -0.54
CA LEU Q 41 6.80 16.96 -1.10
C LEU Q 41 7.69 16.39 -0.02
N PHE Q 42 7.98 17.17 1.02
CA PHE Q 42 8.91 16.68 2.02
C PHE Q 42 8.27 15.73 3.02
N LYS Q 43 6.95 15.55 2.98
CA LYS Q 43 6.33 14.51 3.84
C LYS Q 43 6.17 13.26 2.97
N LYS Q 44 5.79 13.44 1.70
CA LYS Q 44 5.61 12.30 0.76
C LYS Q 44 6.92 11.52 0.69
N PHE Q 45 8.07 12.21 0.62
CA PHE Q 45 9.31 11.42 0.48
C PHE Q 45 9.37 10.36 1.58
N THR Q 46 9.43 10.81 2.84
CA THR Q 46 9.56 9.85 3.98
C THR Q 46 8.39 8.86 3.98
N SER Q 47 7.16 9.34 3.74
CA SER Q 47 5.99 8.43 3.82
C SER Q 47 6.09 7.29 2.79
N LYS Q 48 6.44 7.62 1.55
CA LYS Q 48 6.56 6.60 0.47
C LYS Q 48 7.76 5.71 0.76
N ALA Q 49 8.85 6.27 1.29
CA ALA Q 49 10.02 5.46 1.68
C ALA Q 49 9.52 4.30 2.55
N SER Q 50 8.59 4.58 3.47
CA SER Q 50 8.11 3.52 4.39
C SER Q 50 6.68 3.08 4.02
N ASP R 5 -44.78 67.63 -20.10
CA ASP R 5 -44.87 66.94 -18.83
C ASP R 5 -43.48 66.59 -18.31
N PRO R 6 -43.03 67.30 -17.27
CA PRO R 6 -41.68 67.05 -16.74
C PRO R 6 -41.49 65.66 -16.17
N ALA R 7 -42.57 65.00 -15.74
CA ALA R 7 -42.44 63.69 -15.11
C ALA R 7 -41.88 62.66 -16.08
N LYS R 8 -42.31 62.69 -17.34
CA LYS R 8 -41.82 61.73 -18.32
C LYS R 8 -40.32 61.90 -18.55
N ALA R 9 -39.86 63.15 -18.71
CA ALA R 9 -38.44 63.40 -18.89
C ALA R 9 -37.65 63.00 -17.65
N ALA R 10 -38.19 63.26 -16.47
CA ALA R 10 -37.52 62.84 -15.23
C ALA R 10 -37.38 61.33 -15.17
N PHE R 11 -38.45 60.61 -15.52
CA PHE R 11 -38.38 59.15 -15.51
C PHE R 11 -37.35 58.64 -16.51
N ASN R 12 -37.29 59.25 -17.69
CA ASN R 12 -36.28 58.85 -18.67
C ASN R 12 -34.87 59.11 -18.15
N SER R 13 -34.67 60.25 -17.49
CA SER R 13 -33.35 60.56 -16.95
C SER R 13 -32.93 59.56 -15.86
N LEU R 14 -33.87 59.21 -14.98
CA LEU R 14 -33.56 58.21 -13.95
C LEU R 14 -33.28 56.86 -14.57
N GLN R 15 -34.01 56.50 -15.64
CA GLN R 15 -33.74 55.24 -16.32
C GLN R 15 -32.34 55.22 -16.93
N ALA R 16 -31.94 56.32 -17.56
CA ALA R 16 -30.59 56.39 -18.13
C ALA R 16 -29.53 56.29 -17.04
N SER R 17 -29.75 56.97 -15.91
CA SER R 17 -28.82 56.88 -14.81
C SER R 17 -28.72 55.45 -14.28
N ALA R 18 -29.87 54.77 -14.16
CA ALA R 18 -29.86 53.38 -13.72
C ALA R 18 -29.11 52.49 -14.71
N THR R 19 -29.28 52.75 -16.00
CA THR R 19 -28.58 51.96 -17.01
C THR R 19 -27.06 52.13 -16.90
N GLU R 20 -26.60 53.37 -16.71
CA GLU R 20 -25.15 53.57 -16.59
C GLU R 20 -24.63 52.96 -15.30
N TYR R 21 -25.41 53.03 -14.21
CA TYR R 21 -25.04 52.34 -12.99
C TYR R 21 -24.92 50.84 -13.21
N ILE R 22 -25.85 50.26 -13.97
CA ILE R 22 -25.82 48.84 -14.26
C ILE R 22 -24.57 48.50 -15.05
N GLY R 23 -24.20 49.35 -16.02
CA GLY R 23 -22.99 49.09 -16.77
C GLY R 23 -21.74 49.09 -15.91
N TYR R 24 -21.61 50.09 -15.04
CA TYR R 24 -20.46 50.13 -14.15
C TYR R 24 -20.42 48.92 -13.22
N ALA R 25 -21.59 48.56 -12.67
CA ALA R 25 -21.65 47.41 -11.77
C ALA R 25 -21.28 46.12 -12.50
N TRP R 26 -21.72 45.99 -13.76
CA TRP R 26 -21.36 44.82 -14.55
C TRP R 26 -19.86 44.73 -14.76
N ALA R 27 -19.23 45.86 -15.09
CA ALA R 27 -17.78 45.85 -15.27
C ALA R 27 -17.08 45.41 -13.99
N MET R 28 -17.45 46.00 -12.86
CA MET R 28 -16.78 45.68 -11.60
C MET R 28 -17.00 44.22 -11.22
N VAL R 29 -18.23 43.72 -11.36
CA VAL R 29 -18.50 42.34 -10.95
C VAL R 29 -17.79 41.38 -11.88
N VAL R 30 -17.67 41.69 -13.17
CA VAL R 30 -16.90 40.83 -14.08
C VAL R 30 -15.46 40.75 -13.62
N VAL R 31 -14.86 41.89 -13.27
CA VAL R 31 -13.47 41.87 -12.79
C VAL R 31 -13.35 41.01 -11.54
N ILE R 32 -14.25 41.21 -10.58
CA ILE R 32 -14.15 40.51 -9.30
C ILE R 32 -14.33 39.01 -9.49
N VAL R 33 -15.34 38.61 -10.27
CA VAL R 33 -15.61 37.19 -10.48
C VAL R 33 -14.49 36.53 -11.26
N GLY R 34 -13.92 37.24 -12.24
CA GLY R 34 -12.78 36.68 -12.96
C GLY R 34 -11.60 36.42 -12.05
N ALA R 35 -11.29 37.38 -11.17
CA ALA R 35 -10.18 37.16 -10.23
C ALA R 35 -10.48 36.00 -9.28
N THR R 36 -11.72 35.93 -8.77
CA THR R 36 -12.07 34.85 -7.86
C THR R 36 -11.96 33.49 -8.54
N ILE R 37 -12.45 33.38 -9.77
CA ILE R 37 -12.38 32.12 -10.49
C ILE R 37 -10.93 31.74 -10.76
N GLY R 38 -10.10 32.72 -11.14
CA GLY R 38 -8.69 32.41 -11.37
C GLY R 38 -8.00 31.88 -10.12
N ILE R 39 -8.22 32.55 -8.98
CA ILE R 39 -7.59 32.10 -7.75
C ILE R 39 -8.09 30.72 -7.36
N LYS R 40 -9.41 30.50 -7.44
CA LYS R 40 -9.98 29.22 -7.06
C LYS R 40 -9.45 28.09 -7.94
N LEU R 41 -9.37 28.32 -9.25
CA LEU R 41 -8.87 27.29 -10.14
C LEU R 41 -7.39 27.00 -9.88
N PHE R 42 -6.60 28.04 -9.63
CA PHE R 42 -5.20 27.82 -9.29
C PHE R 42 -5.06 26.96 -8.06
N LYS R 43 -5.81 27.29 -7.00
CA LYS R 43 -5.73 26.51 -5.73
C LYS R 43 -6.18 25.08 -5.98
N LYS R 44 -7.28 24.87 -6.73
CA LYS R 44 -7.78 23.52 -6.96
C LYS R 44 -6.77 22.69 -7.76
N PHE R 45 -6.23 23.27 -8.83
CA PHE R 45 -5.29 22.53 -9.66
C PHE R 45 -4.04 22.17 -8.89
N THR R 46 -3.52 23.10 -8.10
CA THR R 46 -2.34 22.79 -7.30
C THR R 46 -2.63 21.72 -6.25
N SER R 47 -3.79 21.80 -5.60
CA SER R 47 -4.13 20.80 -4.59
C SER R 47 -4.25 19.42 -5.22
N LYS R 48 -4.85 19.32 -6.41
CA LYS R 48 -4.96 18.03 -7.06
C LYS R 48 -3.62 17.53 -7.58
N ALA R 49 -2.72 18.44 -7.96
CA ALA R 49 -1.46 18.04 -8.57
C ALA R 49 -0.55 17.34 -7.57
N SER R 50 -0.55 17.78 -6.31
CA SER R 50 0.33 17.20 -5.30
C SER R 50 -0.46 16.37 -4.28
N ALA S 7 -64.98 68.21 -12.11
CA ALA S 7 -64.97 67.20 -11.07
C ALA S 7 -64.66 65.82 -11.66
N LYS S 8 -65.59 65.32 -12.49
CA LYS S 8 -65.39 64.02 -13.12
C LYS S 8 -64.19 64.04 -14.07
N ALA S 9 -64.01 65.14 -14.81
CA ALA S 9 -62.88 65.26 -15.70
C ALA S 9 -61.56 65.25 -14.92
N ALA S 10 -61.55 65.88 -13.75
CA ALA S 10 -60.34 65.85 -12.92
C ALA S 10 -60.02 64.44 -12.48
N PHE S 11 -61.03 63.67 -12.06
CA PHE S 11 -60.80 62.28 -11.67
C PHE S 11 -60.30 61.46 -12.85
N ASN S 12 -60.87 61.66 -14.04
CA ASN S 12 -60.42 60.92 -15.21
C ASN S 12 -58.97 61.25 -15.53
N SER S 13 -58.61 62.54 -15.47
CA SER S 13 -57.23 62.94 -15.74
C SER S 13 -56.27 62.34 -14.70
N LEU S 14 -56.67 62.35 -13.43
CA LEU S 14 -55.82 61.77 -12.40
C LEU S 14 -55.63 60.27 -12.61
N GLN S 15 -56.71 59.57 -12.97
CA GLN S 15 -56.59 58.14 -13.23
C GLN S 15 -55.67 57.88 -14.41
N ALA S 16 -55.80 58.66 -15.50
CA ALA S 16 -54.93 58.46 -16.65
C ALA S 16 -53.47 58.73 -16.28
N SER S 17 -53.22 59.85 -15.61
CA SER S 17 -51.83 60.21 -15.23
C SER S 17 -51.27 59.10 -14.34
N ALA S 18 -52.07 58.59 -13.41
CA ALA S 18 -51.63 57.51 -12.50
C ALA S 18 -51.18 56.31 -13.33
N THR S 19 -51.99 55.89 -14.30
CA THR S 19 -51.66 54.69 -15.13
C THR S 19 -50.40 54.99 -15.96
N GLU S 20 -50.27 56.21 -16.49
CA GLU S 20 -49.05 56.60 -17.26
C GLU S 20 -47.82 56.41 -16.36
N TYR S 21 -47.89 56.88 -15.12
CA TYR S 21 -46.73 56.77 -14.18
C TYR S 21 -46.48 55.29 -13.86
N ILE S 22 -47.54 54.51 -13.66
CA ILE S 22 -47.39 53.04 -13.38
C ILE S 22 -46.63 52.42 -14.56
N GLY S 23 -47.01 52.78 -15.79
CA GLY S 23 -46.30 52.27 -16.98
C GLY S 23 -44.81 52.58 -16.93
N TYR S 24 -44.46 53.79 -16.49
CA TYR S 24 -43.06 54.18 -16.39
C TYR S 24 -42.37 53.48 -15.22
N ALA S 25 -43.07 53.35 -14.09
CA ALA S 25 -42.49 52.66 -12.94
C ALA S 25 -42.20 51.20 -13.28
N TRP S 26 -43.11 50.55 -13.99
CA TRP S 26 -42.86 49.18 -14.42
C TRP S 26 -41.68 49.10 -15.38
N ALA S 27 -41.61 50.04 -16.34
CA ALA S 27 -40.52 50.03 -17.31
C ALA S 27 -39.17 50.27 -16.64
N MET S 28 -39.17 50.93 -15.49
CA MET S 28 -37.92 51.10 -14.75
C MET S 28 -37.59 49.87 -13.92
N VAL S 29 -38.58 49.35 -13.19
CA VAL S 29 -38.32 48.26 -12.25
C VAL S 29 -37.95 46.99 -13.01
N VAL S 30 -38.45 46.81 -14.24
CA VAL S 30 -38.05 45.62 -14.99
C VAL S 30 -36.55 45.65 -15.25
N VAL S 31 -36.02 46.81 -15.63
CA VAL S 31 -34.58 46.93 -15.89
C VAL S 31 -33.79 46.70 -14.62
N ILE S 32 -34.21 47.34 -13.52
CA ILE S 32 -33.46 47.22 -12.27
C ILE S 32 -33.44 45.78 -11.78
N VAL S 33 -34.61 45.13 -11.78
CA VAL S 33 -34.71 43.76 -11.30
C VAL S 33 -33.95 42.81 -12.22
N GLY S 34 -34.02 43.05 -13.54
CA GLY S 34 -33.26 42.23 -14.46
C GLY S 34 -31.77 42.31 -14.20
N ALA S 35 -31.25 43.52 -13.96
CA ALA S 35 -29.83 43.65 -13.66
C ALA S 35 -29.47 42.94 -12.37
N THR S 36 -30.27 43.11 -11.32
CA THR S 36 -29.98 42.47 -10.04
C THR S 36 -29.97 40.95 -10.17
N ILE S 37 -31.02 40.40 -10.78
CA ILE S 37 -31.11 38.95 -10.95
C ILE S 37 -30.00 38.43 -11.86
N GLY S 38 -29.63 39.21 -12.88
CA GLY S 38 -28.52 38.80 -13.72
C GLY S 38 -27.22 38.69 -12.96
N ILE S 39 -26.92 39.68 -12.13
CA ILE S 39 -25.70 39.63 -11.34
C ILE S 39 -25.74 38.45 -10.38
N LYS S 40 -26.88 38.24 -9.73
CA LYS S 40 -27.01 37.13 -8.78
C LYS S 40 -26.79 35.79 -9.46
N LEU S 41 -27.46 35.55 -10.59
CA LEU S 41 -27.33 34.28 -11.29
C LEU S 41 -25.93 34.10 -11.86
N PHE S 42 -25.32 35.20 -12.34
CA PHE S 42 -23.96 35.12 -12.85
C PHE S 42 -23.00 34.64 -11.76
N LYS S 43 -23.06 35.27 -10.59
CA LYS S 43 -22.20 34.86 -9.49
C LYS S 43 -22.46 33.42 -9.09
N LYS S 44 -23.75 33.06 -8.97
CA LYS S 44 -24.11 31.72 -8.52
C LYS S 44 -23.60 30.65 -9.48
N PHE S 45 -23.78 30.87 -10.78
CA PHE S 45 -23.41 29.84 -11.75
C PHE S 45 -21.91 29.80 -11.98
N THR S 46 -21.21 30.93 -11.97
CA THR S 46 -19.76 30.88 -12.08
C THR S 46 -19.15 30.22 -10.85
N SER S 47 -19.77 30.37 -9.69
CA SER S 47 -19.28 29.65 -8.51
C SER S 47 -19.57 28.16 -8.63
N LYS S 48 -20.78 27.81 -9.06
CA LYS S 48 -21.17 26.38 -9.13
C LYS S 48 -20.32 25.64 -10.17
N ALA S 49 -20.03 26.26 -11.31
CA ALA S 49 -19.31 25.58 -12.38
C ALA S 49 -17.86 25.30 -12.00
N SER S 50 -17.23 26.18 -11.25
CA SER S 50 -15.84 25.99 -10.84
C SER S 50 -15.77 25.19 -9.53
N PRO T 2 61.17 -60.55 -3.68
CA PRO T 2 60.84 -61.98 -3.61
C PRO T 2 59.42 -62.28 -4.09
N VAL T 3 59.06 -61.78 -5.27
CA VAL T 3 57.73 -61.95 -5.81
C VAL T 3 57.82 -62.34 -7.28
N LEU T 4 56.74 -62.90 -7.79
CA LEU T 4 56.71 -63.32 -9.19
C LEU T 4 56.77 -62.12 -10.12
N LEU T 5 57.15 -62.38 -11.36
CA LEU T 5 57.20 -61.33 -12.38
C LEU T 5 55.80 -60.84 -12.71
N GLY T 6 55.70 -59.54 -12.97
CA GLY T 6 54.45 -58.91 -13.34
C GLY T 6 53.73 -58.21 -12.21
N ILE T 7 53.99 -58.59 -10.96
CA ILE T 7 53.37 -57.89 -9.83
C ILE T 7 53.80 -56.43 -9.77
N PRO T 8 55.10 -56.08 -9.81
CA PRO T 8 55.45 -54.65 -9.79
C PRO T 8 54.88 -53.90 -10.98
N LEU T 9 54.84 -54.52 -12.16
CA LEU T 9 54.27 -53.86 -13.33
C LEU T 9 52.78 -53.63 -13.14
N LEU T 10 52.07 -54.60 -12.56
CA LEU T 10 50.66 -54.42 -12.27
C LEU T 10 50.43 -53.29 -11.29
N LEU T 11 51.26 -53.21 -10.24
CA LEU T 11 51.11 -52.14 -9.26
C LEU T 11 51.37 -50.78 -9.88
N ARG T 12 52.41 -50.69 -10.72
CA ARG T 12 52.68 -49.43 -11.42
C ARG T 12 51.52 -49.04 -12.33
N PHE T 13 50.92 -50.02 -13.01
CA PHE T 13 49.78 -49.73 -13.87
C PHE T 13 48.59 -49.21 -13.05
N LEU T 14 48.34 -49.81 -11.89
CA LEU T 14 47.26 -49.34 -11.03
C LEU T 14 47.51 -47.91 -10.57
N GLY T 15 48.74 -47.62 -10.15
CA GLY T 15 49.06 -46.26 -9.74
C GLY T 15 48.90 -45.26 -10.89
N PHE T 16 49.33 -45.65 -12.09
CA PHE T 16 49.19 -44.78 -13.25
C PHE T 16 47.73 -44.51 -13.56
N LEU T 17 46.88 -45.54 -13.48
CA LEU T 17 45.46 -45.36 -13.71
C LEU T 17 44.85 -44.40 -12.69
N LEU T 18 45.20 -44.58 -11.41
CA LEU T 18 44.67 -43.68 -10.39
C LEU T 18 45.11 -42.23 -10.63
N VAL T 19 46.38 -42.04 -10.99
CA VAL T 19 46.89 -40.70 -11.23
C VAL T 19 46.15 -40.06 -12.41
N THR T 20 45.97 -40.81 -13.50
CA THR T 20 45.29 -40.25 -14.67
C THR T 20 43.84 -39.88 -14.34
N LEU T 21 43.13 -40.76 -13.63
CA LEU T 21 41.74 -40.45 -13.28
C LEU T 21 41.64 -39.22 -12.38
N PHE T 22 42.53 -39.12 -11.40
CA PHE T 22 42.46 -37.98 -10.49
C PHE T 22 42.85 -36.68 -11.19
N GLY T 23 43.76 -36.76 -12.16
CA GLY T 23 44.05 -35.59 -12.99
C GLY T 23 42.86 -35.15 -13.82
N TYR T 24 42.12 -36.11 -14.36
CA TYR T 24 40.88 -35.77 -15.06
C TYR T 24 39.90 -35.06 -14.13
N LEU T 25 39.79 -35.57 -12.90
CA LEU T 25 38.92 -34.93 -11.91
C LEU T 25 39.36 -33.50 -11.64
N LEU T 26 40.67 -33.26 -11.53
CA LEU T 26 41.17 -31.91 -11.30
C LEU T 26 40.81 -30.99 -12.47
N THR T 27 40.96 -31.48 -13.70
CA THR T 27 40.60 -30.67 -14.87
C THR T 27 39.13 -30.30 -14.85
N PHE T 28 38.26 -31.26 -14.52
CA PHE T 28 36.83 -30.97 -14.47
C PHE T 28 36.51 -29.96 -13.37
N LEU T 29 37.20 -30.06 -12.23
CA LEU T 29 37.00 -29.09 -11.15
C LEU T 29 37.36 -27.67 -11.62
N LYS T 30 38.47 -27.54 -12.33
CA LYS T 30 38.85 -26.22 -12.85
C LYS T 30 37.82 -25.71 -13.86
N LYS T 31 37.28 -26.62 -14.67
CA LYS T 31 36.21 -26.21 -15.59
C LYS T 31 35.00 -25.67 -14.82
N GLY T 32 34.61 -26.33 -13.74
CA GLY T 32 33.50 -25.84 -12.94
C GLY T 32 33.77 -24.49 -12.32
N PHE T 33 34.99 -24.27 -11.84
CA PHE T 33 35.33 -22.96 -11.29
C PHE T 33 35.26 -21.87 -12.36
N GLY T 34 35.72 -22.18 -13.57
CA GLY T 34 35.57 -21.23 -14.66
C GLY T 34 34.12 -20.92 -14.97
N LYS T 35 33.26 -21.94 -14.89
CA LYS T 35 31.83 -21.72 -15.09
C LYS T 35 31.27 -20.76 -14.04
N ILE T 36 31.67 -20.94 -12.78
CA ILE T 36 31.18 -20.05 -11.72
C ILE T 36 31.64 -18.62 -11.97
N ALA T 37 32.89 -18.44 -12.37
CA ALA T 37 33.39 -17.10 -12.66
C ALA T 37 32.62 -16.45 -13.80
N ILE T 38 32.33 -17.23 -14.85
CA ILE T 38 31.55 -16.71 -15.97
C ILE T 38 30.17 -16.26 -15.51
N ALA T 39 29.53 -17.06 -14.65
CA ALA T 39 28.20 -16.71 -14.17
C ALA T 39 28.23 -15.40 -13.38
N ILE T 40 29.22 -15.24 -12.50
CA ILE T 40 29.32 -14.01 -11.71
C ILE T 40 29.52 -12.81 -12.63
N SER T 41 30.41 -12.96 -13.62
CA SER T 41 30.66 -11.86 -14.54
C SER T 41 29.39 -11.46 -15.29
N LEU T 42 28.62 -12.45 -15.77
CA LEU T 42 27.39 -12.15 -16.49
C LEU T 42 26.39 -11.43 -15.60
N PHE T 43 26.25 -11.86 -14.35
CA PHE T 43 25.31 -11.23 -13.43
C PHE T 43 25.66 -9.77 -13.19
N LEU T 44 26.94 -9.49 -12.91
CA LEU T 44 27.34 -8.11 -12.67
C LEU T 44 27.20 -7.25 -13.93
N ALA T 45 27.51 -7.83 -15.09
CA ALA T 45 27.37 -7.09 -16.34
C ALA T 45 25.91 -6.72 -16.61
N LEU T 46 24.99 -7.65 -16.32
CA LEU T 46 23.57 -7.34 -16.49
C LEU T 46 23.15 -6.19 -15.58
N ILE T 47 23.62 -6.20 -14.32
CA ILE T 47 23.28 -5.09 -13.42
C ILE T 47 23.81 -3.77 -13.99
N ILE T 48 25.05 -3.77 -14.47
CA ILE T 48 25.63 -2.51 -14.97
C ILE T 48 24.87 -2.01 -16.19
N GLY T 49 24.49 -2.91 -17.10
CA GLY T 49 23.74 -2.49 -18.26
C GLY T 49 22.38 -1.92 -17.90
N LEU T 50 21.68 -2.56 -16.97
CA LEU T 50 20.41 -2.01 -16.51
C LEU T 50 20.59 -0.61 -15.93
N ASN T 51 21.64 -0.42 -15.13
CA ASN T 51 21.90 0.91 -14.58
C ASN T 51 22.12 1.92 -15.68
N SER T 52 22.89 1.55 -16.71
CA SER T 52 23.16 2.48 -17.80
C SER T 52 21.87 2.91 -18.48
N ILE T 53 20.99 1.96 -18.77
CA ILE T 53 19.73 2.30 -19.42
C ILE T 53 18.89 3.22 -18.54
N LEU T 54 18.77 2.87 -17.26
CA LEU T 54 17.93 3.66 -16.36
C LEU T 54 18.45 5.09 -16.22
N VAL T 55 19.78 5.26 -16.15
CA VAL T 55 20.33 6.63 -15.97
C VAL T 55 20.01 7.49 -17.21
N GLY T 56 20.02 6.88 -18.40
CA GLY T 56 19.80 7.63 -19.64
C GLY T 56 18.41 8.22 -19.76
N TYR T 57 17.37 7.50 -19.32
CA TYR T 57 15.97 7.97 -19.46
C TYR T 57 15.76 9.31 -18.74
N LEU T 58 16.40 9.49 -17.59
CA LEU T 58 16.16 10.70 -16.77
C LEU T 58 16.64 11.99 -17.46
N SER T 59 17.38 11.92 -18.57
CA SER T 59 17.81 13.21 -19.12
C SER T 59 16.66 13.96 -19.79
N ASP T 60 15.79 13.23 -20.49
CA ASP T 60 14.77 13.87 -21.32
C ASP T 60 13.73 14.58 -20.47
N ILE T 61 13.23 13.91 -19.44
CA ILE T 61 12.04 14.37 -18.72
C ILE T 61 12.39 15.36 -17.63
N SER T 62 13.63 15.85 -17.62
CA SER T 62 14.08 16.73 -16.55
C SER T 62 13.28 18.03 -16.54
N ALA T 63 12.98 18.50 -15.33
CA ALA T 63 12.26 19.76 -15.14
C ALA T 63 12.68 20.37 -13.82
N GLN T 64 12.44 21.67 -13.68
CA GLN T 64 12.89 22.42 -12.51
C GLN T 64 11.71 23.18 -11.91
N LEU T 65 11.79 23.39 -10.60
CA LEU T 65 10.79 24.20 -9.91
C LEU T 65 10.89 25.64 -10.39
N PRO T 66 9.78 26.29 -10.71
CA PRO T 66 9.84 27.68 -11.19
C PRO T 66 10.39 28.62 -10.13
N SER T 67 10.64 29.85 -10.56
CA SER T 67 11.18 30.86 -9.64
C SER T 67 10.22 31.13 -8.50
N ASP T 68 8.92 31.13 -8.78
CA ASP T 68 7.93 31.24 -7.73
C ASP T 68 7.88 29.93 -6.94
N PHE T 69 7.13 29.98 -5.83
CA PHE T 69 6.98 28.86 -4.89
C PHE T 69 8.27 28.64 -4.11
N VAL T 70 9.33 29.35 -4.47
CA VAL T 70 10.58 29.27 -3.70
C VAL T 70 10.40 29.98 -2.36
N GLN T 71 9.71 31.12 -2.36
CA GLN T 71 9.55 31.89 -1.13
C GLN T 71 8.80 31.10 -0.08
N GLY T 72 7.71 30.43 -0.46
CA GLY T 72 6.96 29.66 0.52
C GLY T 72 7.74 28.46 1.04
N VAL T 73 8.42 27.75 0.15
CA VAL T 73 9.20 26.59 0.57
C VAL T 73 10.28 27.01 1.55
N GLN T 74 10.99 28.10 1.25
CA GLN T 74 11.98 28.60 2.19
C GLN T 74 11.32 29.12 3.46
N LEU T 75 10.08 29.60 3.37
CA LEU T 75 9.35 30.05 4.55
C LEU T 75 9.12 28.90 5.52
N ILE T 76 8.79 27.72 5.01
CA ILE T 76 8.41 26.60 5.86
C ILE T 76 9.54 25.62 6.14
N LEU T 77 10.56 25.56 5.29
CA LEU T 77 11.48 24.43 5.30
C LEU T 77 12.31 24.40 6.57
N PRO T 78 12.27 23.34 7.37
CA PRO T 78 13.09 23.26 8.56
C PRO T 78 14.54 22.92 8.19
N SER T 79 15.39 22.89 9.22
CA SER T 79 16.81 22.71 8.99
C SER T 79 17.19 21.28 8.65
N ASN T 80 16.30 20.30 8.89
CA ASN T 80 16.61 18.90 8.72
C ASN T 80 15.74 18.21 7.69
N ALA T 81 15.33 18.92 6.63
CA ALA T 81 14.57 18.30 5.57
C ALA T 81 15.49 17.66 4.52
N LEU T 82 16.37 18.47 3.94
CA LEU T 82 17.36 17.93 3.02
C LEU T 82 18.25 16.87 3.65
N PRO T 83 18.73 17.02 4.90
CA PRO T 83 19.45 15.90 5.52
C PRO T 83 18.64 14.62 5.58
N CYS T 84 17.34 14.71 5.86
CA CYS T 84 16.51 13.50 5.89
C CYS T 84 16.40 12.88 4.51
N PHE T 85 16.20 13.71 3.48
CA PHE T 85 16.13 13.18 2.11
C PHE T 85 17.43 12.49 1.73
N TYR T 86 18.56 13.10 2.06
CA TYR T 86 19.85 12.50 1.72
C TYR T 86 20.10 11.23 2.53
N VAL T 87 19.64 11.18 3.78
CA VAL T 87 19.75 9.96 4.58
C VAL T 87 18.95 8.84 3.94
N ILE T 88 17.76 9.15 3.43
CA ILE T 88 16.95 8.13 2.76
C ILE T 88 17.68 7.61 1.52
N LEU T 89 18.25 8.52 0.73
CA LEU T 89 18.98 8.09 -0.46
C LEU T 89 20.19 7.24 -0.10
N SER T 90 20.92 7.62 0.95
CA SER T 90 22.09 6.85 1.38
C SER T 90 21.68 5.47 1.87
N VAL T 91 20.55 5.37 2.58
CA VAL T 91 20.04 4.08 3.02
C VAL T 91 19.72 3.20 1.81
N LYS T 92 19.10 3.80 0.79
CA LYS T 92 18.78 3.05 -0.45
C LYS T 92 20.06 2.48 -1.06
N ALA T 93 21.10 3.32 -1.18
CA ALA T 93 22.35 2.85 -1.78
C ALA T 93 23.01 1.76 -0.94
N ALA T 94 23.02 1.93 0.37
CA ALA T 94 23.63 0.94 1.25
C ALA T 94 22.92 -0.41 1.14
N ILE T 95 21.59 -0.39 1.10
CA ILE T 95 20.84 -1.64 0.97
C ILE T 95 21.13 -2.30 -0.38
N PHE T 96 21.23 -1.50 -1.44
CA PHE T 96 21.54 -2.05 -2.75
C PHE T 96 22.89 -2.78 -2.75
N ILE T 97 23.93 -2.11 -2.26
CA ILE T 97 25.24 -2.76 -2.29
C ILE T 97 25.29 -3.95 -1.33
N PHE T 98 24.53 -3.89 -0.21
CA PHE T 98 24.46 -5.02 0.68
C PHE T 98 23.84 -6.23 0.00
N ASP T 99 22.76 -6.01 -0.77
CA ASP T 99 22.16 -7.11 -1.51
C ASP T 99 23.12 -7.70 -2.54
N VAL T 100 23.85 -6.84 -3.24
CA VAL T 100 24.80 -7.32 -4.25
C VAL T 100 25.88 -8.17 -3.58
N LYS T 101 26.44 -7.69 -2.46
CA LYS T 101 27.48 -8.45 -1.79
C LYS T 101 26.95 -9.76 -1.21
N GLN T 102 25.71 -9.77 -0.73
CA GLN T 102 25.14 -11.01 -0.23
C GLN T 102 24.95 -12.03 -1.36
N LYS T 103 24.56 -11.57 -2.55
CA LYS T 103 24.47 -12.48 -3.68
C LYS T 103 25.85 -13.04 -4.03
N ILE T 104 26.88 -12.19 -4.00
CA ILE T 104 28.23 -12.66 -4.28
C ILE T 104 28.64 -13.71 -3.26
N VAL T 105 28.30 -13.50 -1.99
CA VAL T 105 28.58 -14.50 -0.96
C VAL T 105 27.86 -15.80 -1.25
N SER T 106 26.57 -15.71 -1.61
CA SER T 106 25.79 -16.91 -1.90
C SER T 106 26.34 -17.68 -3.10
N TYR T 107 27.07 -17.02 -3.99
CA TYR T 107 27.74 -17.77 -5.06
C TYR T 107 28.80 -18.75 -4.58
N LEU T 108 29.04 -18.85 -3.27
CA LEU T 108 29.98 -19.84 -2.75
C LEU T 108 29.41 -21.26 -2.76
N ASP T 109 28.12 -21.42 -2.98
CA ASP T 109 27.48 -22.73 -2.94
C ASP T 109 27.47 -23.43 -4.29
N TRP T 110 27.98 -22.80 -5.34
CA TRP T 110 27.98 -23.41 -6.66
C TRP T 110 29.10 -24.44 -6.77
N LYS U 262 61.12 -81.54 -24.80
CA LYS U 262 60.80 -80.18 -24.38
C LYS U 262 59.92 -80.17 -23.14
N MET U 263 60.57 -80.21 -21.97
CA MET U 263 59.83 -80.17 -20.68
C MET U 263 59.16 -78.79 -20.56
N ALA U 264 59.83 -77.76 -21.07
CA ALA U 264 59.26 -76.39 -21.04
C ALA U 264 57.85 -76.41 -21.65
N ASN U 265 57.70 -77.03 -22.82
CA ASN U 265 56.40 -77.10 -23.48
C ASN U 265 55.39 -77.83 -22.61
N ALA U 266 55.81 -78.94 -21.99
CA ALA U 266 54.88 -79.68 -21.13
C ALA U 266 54.42 -78.85 -19.94
N ASN U 267 55.34 -78.17 -19.28
CA ASN U 267 54.98 -77.34 -18.14
C ASN U 267 54.09 -76.17 -18.58
N LYS U 268 54.39 -75.58 -19.73
CA LYS U 268 53.55 -74.49 -20.23
C LYS U 268 52.14 -74.99 -20.53
N GLY U 269 52.02 -76.16 -21.15
CA GLY U 269 50.71 -76.69 -21.44
C GLY U 269 49.92 -77.06 -20.20
N ALA U 270 50.63 -77.52 -19.17
CA ALA U 270 49.96 -77.94 -17.91
C ALA U 270 49.28 -76.75 -17.23
N MET U 271 49.93 -75.59 -17.19
CA MET U 271 49.37 -74.42 -16.45
C MET U 271 48.97 -73.32 -17.43
N THR U 272 48.16 -73.63 -18.44
CA THR U 272 47.69 -72.63 -19.38
C THR U 272 46.29 -72.95 -19.84
N GLU U 273 45.43 -71.93 -19.88
CA GLU U 273 44.08 -72.04 -20.40
C GLU U 273 43.90 -71.03 -21.53
N ASN U 274 43.31 -71.48 -22.63
CA ASN U 274 43.12 -70.64 -23.80
C ASN U 274 41.98 -69.67 -23.55
N ALA U 275 42.31 -68.38 -23.44
CA ALA U 275 41.32 -67.34 -23.21
C ALA U 275 41.40 -66.31 -24.34
N ASP U 276 40.23 -65.91 -24.84
CA ASP U 276 40.13 -64.98 -25.96
C ASP U 276 39.67 -63.62 -25.45
N GLU U 277 40.41 -62.58 -25.81
CA GLU U 277 40.03 -61.23 -25.38
C GLU U 277 38.69 -60.81 -25.98
N ASN U 278 38.47 -61.15 -27.25
CA ASN U 278 37.25 -60.75 -27.94
C ASN U 278 36.00 -61.42 -27.37
N ALA U 279 36.15 -62.44 -26.55
CA ALA U 279 34.99 -63.08 -25.91
C ALA U 279 34.70 -62.45 -24.55
N LEU U 280 35.71 -62.33 -23.70
CA LEU U 280 35.51 -61.74 -22.38
C LEU U 280 35.11 -60.28 -22.50
N GLN U 281 35.79 -59.51 -23.36
CA GLN U 281 35.42 -58.12 -23.55
C GLN U 281 34.00 -57.99 -24.07
N SER U 282 33.64 -58.83 -25.05
CA SER U 282 32.29 -58.76 -25.61
C SER U 282 31.24 -59.09 -24.56
N ASP U 283 31.47 -60.11 -23.74
CA ASP U 283 30.50 -60.49 -22.72
C ASP U 283 30.33 -59.38 -21.69
N ALA U 284 31.45 -58.83 -21.20
CA ALA U 284 31.36 -57.76 -20.21
C ALA U 284 30.66 -56.54 -20.77
N LYS U 285 31.02 -56.13 -21.99
CA LYS U 285 30.38 -54.97 -22.60
C LYS U 285 28.89 -55.23 -22.85
N GLY U 286 28.54 -56.46 -23.24
CA GLY U 286 27.14 -56.77 -23.47
C GLY U 286 26.32 -56.65 -22.20
N LYS U 287 26.81 -57.20 -21.10
CA LYS U 287 26.09 -57.08 -19.84
C LYS U 287 25.99 -55.62 -19.40
N LEU U 288 27.10 -54.89 -19.48
CA LEU U 288 27.10 -53.49 -19.03
C LEU U 288 26.16 -52.65 -19.88
N ASP U 289 26.11 -52.90 -21.19
CA ASP U 289 25.18 -52.17 -22.05
C ASP U 289 23.74 -52.56 -21.76
N SER U 290 23.48 -53.85 -21.54
CA SER U 290 22.11 -54.29 -21.27
C SER U 290 21.57 -53.72 -19.97
N VAL U 291 22.44 -53.33 -19.04
CA VAL U 291 21.94 -52.65 -17.84
C VAL U 291 21.98 -51.12 -17.98
N ALA U 292 22.95 -50.57 -18.71
CA ALA U 292 23.00 -49.13 -18.91
C ALA U 292 21.84 -48.64 -19.78
N THR U 293 21.32 -49.48 -20.66
CA THR U 293 20.14 -49.10 -21.41
C THR U 293 18.94 -48.92 -20.48
N ASP U 294 18.81 -49.79 -19.48
CA ASP U 294 17.76 -49.60 -18.48
C ASP U 294 17.97 -48.31 -17.70
N TYR U 295 19.23 -48.03 -17.33
CA TYR U 295 19.53 -46.77 -16.65
C TYR U 295 19.07 -45.56 -17.47
N GLY U 296 19.47 -45.52 -18.75
CA GLY U 296 19.09 -44.40 -19.59
C GLY U 296 17.60 -44.32 -19.84
N ALA U 297 16.95 -45.48 -19.97
CA ALA U 297 15.50 -45.50 -20.15
C ALA U 297 14.80 -44.94 -18.92
N ALA U 298 15.27 -45.27 -17.72
CA ALA U 298 14.68 -44.71 -16.51
C ALA U 298 14.84 -43.20 -16.45
N ILE U 299 16.05 -42.70 -16.79
CA ILE U 299 16.27 -41.26 -16.77
C ILE U 299 15.35 -40.56 -17.76
N ASP U 300 15.26 -41.09 -18.98
CA ASP U 300 14.44 -40.47 -20.01
C ASP U 300 12.95 -40.56 -19.65
N GLY U 301 12.54 -41.65 -19.00
CA GLY U 301 11.15 -41.75 -18.57
C GLY U 301 10.80 -40.72 -17.53
N PHE U 302 11.69 -40.51 -16.55
CA PHE U 302 11.45 -39.45 -15.56
C PHE U 302 11.35 -38.09 -16.23
N ILE U 303 12.26 -37.81 -17.16
CA ILE U 303 12.26 -36.52 -17.84
C ILE U 303 10.96 -36.32 -18.60
N GLY U 304 10.54 -37.34 -19.34
CA GLY U 304 9.32 -37.25 -20.11
C GLY U 304 8.08 -37.09 -19.23
N ASP U 305 8.05 -37.80 -18.10
CA ASP U 305 6.92 -37.69 -17.19
C ASP U 305 6.79 -36.28 -16.64
N VAL U 306 7.91 -35.71 -16.18
CA VAL U 306 7.85 -34.36 -15.61
C VAL U 306 7.49 -33.34 -16.68
N SER U 307 8.07 -33.48 -17.88
CA SER U 307 7.75 -32.54 -18.95
C SER U 307 6.28 -32.63 -19.34
N GLY U 308 5.74 -33.85 -19.40
CA GLY U 308 4.33 -34.02 -19.75
C GLY U 308 3.41 -33.45 -18.69
N LEU U 309 3.79 -33.61 -17.41
CA LEU U 309 3.01 -32.96 -16.35
C LEU U 309 3.05 -31.45 -16.51
N ALA U 310 4.22 -30.91 -16.86
CA ALA U 310 4.37 -29.45 -16.97
C ALA U 310 3.54 -28.89 -18.12
N ASN U 311 3.67 -29.47 -19.31
CA ASN U 311 3.04 -28.89 -20.51
C ASN U 311 1.69 -29.50 -20.83
N GLY U 312 1.16 -30.38 -19.99
CA GLY U 312 -0.15 -30.94 -20.21
C GLY U 312 -0.21 -32.14 -21.13
N ASN U 313 0.93 -32.66 -21.58
CA ASN U 313 0.91 -33.86 -22.40
C ASN U 313 0.49 -35.08 -21.60
N GLY U 314 0.97 -35.19 -20.36
CA GLY U 314 0.62 -36.31 -19.51
C GLY U 314 1.83 -37.08 -19.00
N ALA U 315 1.63 -37.91 -17.98
CA ALA U 315 2.70 -38.68 -17.38
C ALA U 315 2.26 -40.12 -17.20
N THR U 316 3.23 -41.04 -17.22
CA THR U 316 2.99 -42.46 -17.04
C THR U 316 3.97 -43.00 -16.02
N GLY U 317 3.53 -43.95 -15.21
CA GLY U 317 4.39 -44.57 -14.21
C GLY U 317 4.15 -44.00 -12.82
N ASP U 318 5.24 -43.61 -12.15
CA ASP U 318 5.11 -43.05 -10.79
C ASP U 318 4.32 -41.75 -10.79
N PHE U 319 4.49 -40.94 -11.84
CA PHE U 319 3.82 -39.65 -11.90
C PHE U 319 2.42 -39.72 -12.49
N ALA U 320 1.94 -40.93 -12.81
CA ALA U 320 0.61 -41.05 -13.40
C ALA U 320 -0.48 -40.59 -12.43
N GLY U 321 -0.21 -40.69 -11.12
CA GLY U 321 -1.19 -40.29 -10.13
C GLY U 321 -1.42 -38.80 -10.07
N SER U 322 -0.47 -38.00 -10.56
CA SER U 322 -0.63 -36.55 -10.54
C SER U 322 -1.34 -36.03 -11.78
N ASN U 323 -1.70 -36.91 -12.72
CA ASN U 323 -2.41 -36.47 -13.92
C ASN U 323 -3.77 -35.89 -13.56
N SER U 324 -4.48 -36.54 -12.64
CA SER U 324 -5.78 -36.05 -12.21
C SER U 324 -5.66 -34.68 -11.55
N GLN U 325 -4.65 -34.53 -10.70
CA GLN U 325 -4.43 -33.25 -9.97
C GLN U 325 -4.09 -32.14 -10.97
N MET U 326 -3.24 -32.43 -11.97
CA MET U 326 -2.85 -31.41 -12.94
C MET U 326 -4.01 -31.06 -13.87
N ALA U 327 -4.85 -32.04 -14.19
CA ALA U 327 -6.06 -31.75 -14.95
C ALA U 327 -7.04 -30.91 -14.14
N GLN U 328 -7.12 -31.14 -12.84
CA GLN U 328 -7.94 -30.29 -11.97
C GLN U 328 -7.42 -28.87 -11.86
N VAL U 329 -6.09 -28.69 -11.91
CA VAL U 329 -5.54 -27.34 -11.90
C VAL U 329 -5.95 -26.57 -13.14
N GLY U 330 -5.89 -27.22 -14.30
CA GLY U 330 -6.31 -26.60 -15.55
C GLY U 330 -5.17 -25.95 -16.30
N ASP U 331 -5.47 -25.54 -17.53
CA ASP U 331 -4.49 -24.91 -18.41
C ASP U 331 -5.14 -23.78 -19.18
N GLY U 332 -4.31 -22.84 -19.63
CA GLY U 332 -4.79 -21.66 -20.32
C GLY U 332 -5.21 -20.58 -19.35
N ASP U 333 -6.51 -20.56 -19.02
CA ASP U 333 -7.04 -19.61 -18.01
C ASP U 333 -8.27 -20.26 -17.34
N ASN U 334 -8.67 -21.44 -17.79
CA ASN U 334 -9.83 -22.14 -17.23
C ASN U 334 -9.32 -23.10 -16.17
N SER U 335 -9.35 -22.66 -14.91
CA SER U 335 -8.89 -23.49 -13.81
C SER U 335 -10.10 -24.05 -13.07
N PRO U 336 -10.34 -25.36 -13.14
CA PRO U 336 -11.45 -25.93 -12.36
C PRO U 336 -11.31 -25.70 -10.86
N LEU U 337 -10.07 -25.50 -10.39
CA LEU U 337 -9.87 -25.15 -8.95
C LEU U 337 -10.37 -23.74 -8.71
N MET U 338 -10.19 -22.83 -9.69
CA MET U 338 -10.64 -21.45 -9.53
C MET U 338 -12.13 -21.29 -9.78
N ASN U 339 -12.70 -22.11 -10.67
CA ASN U 339 -14.11 -21.98 -11.01
C ASN U 339 -15.04 -22.31 -9.86
N ASN U 340 -14.52 -22.91 -8.78
CA ASN U 340 -15.36 -23.16 -7.61
C ASN U 340 -15.83 -21.86 -6.97
N PHE U 341 -15.01 -20.81 -7.02
CA PHE U 341 -15.39 -19.53 -6.45
C PHE U 341 -16.47 -18.83 -7.26
N ARG U 342 -16.64 -19.19 -8.53
CA ARG U 342 -17.61 -18.49 -9.38
C ARG U 342 -19.05 -18.72 -8.92
N GLN U 343 -19.31 -19.86 -8.27
CA GLN U 343 -20.67 -20.14 -7.81
C GLN U 343 -21.09 -19.15 -6.74
N TYR U 344 -20.14 -18.71 -5.90
CA TYR U 344 -20.41 -17.77 -4.82
C TYR U 344 -20.14 -16.32 -5.23
N LEU U 345 -19.90 -16.06 -6.51
CA LEU U 345 -19.61 -14.71 -6.96
C LEU U 345 -20.80 -13.80 -6.68
N PRO U 346 -20.59 -12.62 -6.09
CA PRO U 346 -21.73 -11.74 -5.80
C PRO U 346 -22.41 -11.28 -7.08
N SER U 347 -23.74 -11.17 -7.01
CA SER U 347 -24.52 -10.76 -8.15
C SER U 347 -24.51 -9.25 -8.28
N LEU U 348 -24.26 -8.76 -9.49
CA LEU U 348 -24.18 -7.34 -9.76
C LEU U 348 -25.11 -6.99 -10.92
N PRO U 349 -25.68 -5.77 -10.91
CA PRO U 349 -26.62 -5.40 -11.97
C PRO U 349 -25.94 -5.35 -13.33
N GLN U 350 -26.71 -5.66 -14.36
CA GLN U 350 -26.24 -5.60 -15.74
C GLN U 350 -26.48 -4.21 -16.29
N SER U 351 -25.47 -3.66 -16.95
CA SER U 351 -25.56 -2.30 -17.45
C SER U 351 -26.57 -2.20 -18.59
N VAL U 352 -27.47 -1.22 -18.50
CA VAL U 352 -28.51 -0.98 -19.48
C VAL U 352 -28.46 0.47 -19.90
N GLU U 353 -29.36 0.85 -20.81
CA GLU U 353 -29.43 2.23 -21.26
C GLU U 353 -29.90 3.14 -20.13
N CYS U 354 -29.60 4.42 -20.27
CA CYS U 354 -29.90 5.39 -19.23
C CYS U 354 -31.38 5.75 -19.23
N ARG U 355 -31.98 5.73 -18.05
CA ARG U 355 -33.36 6.16 -17.85
C ARG U 355 -33.39 7.38 -16.96
N PRO U 356 -33.96 8.51 -17.40
CA PRO U 356 -33.99 9.70 -16.55
C PRO U 356 -34.80 9.46 -15.27
N PHE U 357 -34.36 10.10 -14.19
CA PHE U 357 -35.05 10.04 -12.92
C PHE U 357 -35.95 11.26 -12.77
N VAL U 358 -37.20 11.04 -12.39
CA VAL U 358 -38.21 12.08 -12.31
C VAL U 358 -38.49 12.38 -10.84
N PHE U 359 -38.36 13.64 -10.45
CA PHE U 359 -38.65 14.06 -9.05
C PHE U 359 -40.03 14.71 -9.02
N GLY U 360 -40.86 14.36 -8.04
CA GLY U 360 -42.20 14.98 -7.89
C GLY U 360 -43.01 14.85 -9.17
N ALA U 361 -43.19 13.63 -9.67
CA ALA U 361 -43.93 13.42 -10.95
C ALA U 361 -45.38 13.89 -10.80
N GLY U 362 -45.84 14.72 -11.75
CA GLY U 362 -47.24 15.19 -11.74
C GLY U 362 -47.43 16.46 -10.93
N LYS U 363 -46.41 16.89 -10.18
CA LYS U 363 -46.54 18.08 -9.31
C LYS U 363 -46.00 19.33 -10.04
N PRO U 364 -46.33 20.56 -9.61
CA PRO U 364 -45.80 21.78 -10.24
C PRO U 364 -44.27 21.87 -10.13
N TYR U 365 -43.67 21.13 -9.20
CA TYR U 365 -42.19 21.15 -9.01
C TYR U 365 -41.57 19.92 -9.69
N GLU U 366 -42.08 19.54 -10.86
CA GLU U 366 -41.59 18.31 -11.52
C GLU U 366 -40.36 18.58 -12.38
N PHE U 367 -39.19 18.11 -11.95
CA PHE U 367 -37.99 18.21 -12.77
C PHE U 367 -37.35 16.84 -12.88
N SER U 368 -36.67 16.61 -13.99
CA SER U 368 -36.06 15.32 -14.27
C SER U 368 -34.62 15.50 -14.73
N ILE U 369 -33.77 14.55 -14.38
CA ILE U 369 -32.39 14.56 -14.84
C ILE U 369 -32.37 14.30 -16.34
N ASP U 370 -31.79 15.22 -17.10
CA ASP U 370 -31.90 15.18 -18.56
C ASP U 370 -31.14 14.01 -19.17
N CYS U 371 -30.31 13.32 -18.40
CA CYS U 371 -29.54 12.14 -18.80
C CYS U 371 -28.67 12.37 -20.02
N ASP U 372 -28.53 13.62 -20.47
CA ASP U 372 -27.59 13.91 -21.56
C ASP U 372 -26.16 13.93 -21.05
N LYS U 373 -25.95 14.46 -19.84
CA LYS U 373 -24.62 14.46 -19.23
C LYS U 373 -24.29 13.13 -18.58
N ILE U 374 -25.30 12.32 -18.25
CA ILE U 374 -25.03 10.99 -17.69
C ILE U 374 -24.29 10.13 -18.72
N ASN U 375 -24.63 10.27 -20.00
CA ASN U 375 -23.94 9.52 -21.03
C ASN U 375 -22.48 9.97 -21.17
N LEU U 376 -22.23 11.27 -21.06
CA LEU U 376 -20.85 11.76 -21.09
C LEU U 376 -20.05 11.23 -19.91
N PHE U 377 -20.67 11.25 -18.72
CA PHE U 377 -19.99 10.68 -17.56
C PHE U 377 -19.75 9.19 -17.74
N ARG U 378 -20.71 8.49 -18.36
CA ARG U 378 -20.57 7.04 -18.59
C ARG U 378 -19.40 6.78 -19.55
N GLY U 379 -19.21 7.65 -20.55
CA GLY U 379 -18.08 7.51 -21.45
C GLY U 379 -16.75 7.73 -20.75
N VAL U 380 -16.66 8.79 -19.95
CA VAL U 380 -15.39 9.04 -19.26
C VAL U 380 -15.12 7.96 -18.21
N PHE U 381 -16.18 7.44 -17.57
CA PHE U 381 -16.01 6.35 -16.61
C PHE U 381 -15.50 5.09 -17.29
N ALA U 382 -16.03 4.78 -18.48
CA ALA U 382 -15.54 3.65 -19.23
C ALA U 382 -14.08 3.83 -19.60
N PHE U 383 -13.69 5.04 -20.00
CA PHE U 383 -12.29 5.30 -20.31
C PHE U 383 -11.40 5.08 -19.09
N LEU U 384 -11.81 5.60 -17.93
CA LEU U 384 -11.01 5.43 -16.73
C LEU U 384 -10.90 3.97 -16.33
N LEU U 385 -11.99 3.22 -16.43
CA LEU U 385 -11.95 1.79 -16.12
C LEU U 385 -11.00 1.06 -17.05
N TYR U 386 -11.00 1.41 -18.34
CA TYR U 386 -10.01 0.78 -19.25
C TYR U 386 -8.59 1.10 -18.79
N VAL U 387 -8.25 2.38 -18.68
CA VAL U 387 -6.86 2.78 -18.33
C VAL U 387 -6.44 2.09 -17.02
N ALA U 388 -7.38 1.86 -16.10
CA ALA U 388 -6.97 1.14 -14.89
C ALA U 388 -6.72 -0.33 -15.18
N THR U 389 -7.61 -0.97 -15.94
CA THR U 389 -7.44 -2.39 -16.23
C THR U 389 -6.23 -2.64 -17.11
N PHE U 390 -5.98 -1.77 -18.09
CA PHE U 390 -4.82 -1.93 -18.95
C PHE U 390 -3.53 -1.80 -18.15
N MET U 391 -3.45 -0.81 -17.26
CA MET U 391 -2.26 -0.66 -16.43
C MET U 391 -2.09 -1.86 -15.52
N TYR U 392 -3.19 -2.37 -14.96
CA TYR U 392 -3.10 -3.54 -14.09
C TYR U 392 -2.56 -4.75 -14.85
N VAL U 393 -3.07 -4.99 -16.06
CA VAL U 393 -2.61 -6.14 -16.84
C VAL U 393 -1.15 -5.97 -17.26
N PHE U 394 -0.77 -4.76 -17.67
CA PHE U 394 0.60 -4.51 -18.08
C PHE U 394 1.57 -4.76 -16.93
N SER U 395 1.25 -4.23 -15.75
CA SER U 395 2.12 -4.45 -14.56
C SER U 395 2.08 -5.92 -14.14
N THR U 396 0.92 -6.59 -14.30
CA THR U 396 0.80 -8.03 -13.98
C THR U 396 1.81 -8.80 -14.83
N PHE U 397 1.85 -8.56 -16.13
CA PHE U 397 2.78 -9.29 -16.98
C PHE U 397 4.23 -8.86 -16.72
N ALA U 398 4.45 -7.58 -16.43
CA ALA U 398 5.82 -7.12 -16.16
C ALA U 398 6.39 -7.67 -14.87
N ASN U 399 5.55 -8.11 -13.93
CA ASN U 399 6.02 -8.59 -12.63
C ASN U 399 5.62 -10.04 -12.43
N ILE U 400 5.85 -10.88 -13.44
CA ILE U 400 5.55 -12.30 -13.29
C ILE U 400 6.68 -13.03 -12.57
N LEU U 401 7.93 -12.72 -12.90
CA LEU U 401 9.04 -13.37 -12.21
C LEU U 401 9.23 -12.82 -10.80
N ARG U 402 8.85 -11.57 -10.56
CA ARG U 402 8.87 -11.04 -9.21
C ARG U 402 7.79 -11.69 -8.36
N ASN U 403 8.13 -12.07 -7.13
CA ASN U 403 7.16 -12.80 -6.28
C ASN U 403 6.11 -11.81 -5.76
N LYS U 404 5.32 -11.23 -6.65
CA LYS U 404 4.32 -10.19 -6.25
C LYS U 404 2.92 -10.56 -6.75
N GLU U 405 1.89 -10.06 -6.06
CA GLU U 405 0.48 -10.41 -6.41
C GLU U 405 0.13 -9.85 -7.78
N SER U 406 -0.50 -10.68 -8.63
CA SER U 406 -0.87 -10.25 -10.00
C SER U 406 -2.01 -11.12 -10.53
N ASP V 5 -49.08 41.86 -20.57
CA ASP V 5 -48.64 42.27 -19.23
C ASP V 5 -47.13 42.30 -19.15
N PRO V 6 -46.57 43.37 -18.59
CA PRO V 6 -45.11 43.47 -18.46
C PRO V 6 -44.52 42.39 -17.57
N ALA V 7 -45.27 41.90 -16.59
CA ALA V 7 -44.73 40.93 -15.64
C ALA V 7 -44.32 39.64 -16.34
N LYS V 8 -45.19 39.10 -17.20
CA LYS V 8 -44.88 37.85 -17.87
C LYS V 8 -43.71 38.02 -18.83
N ALA V 9 -43.62 39.17 -19.51
CA ALA V 9 -42.49 39.42 -20.39
C ALA V 9 -41.19 39.47 -19.60
N ALA V 10 -41.20 40.13 -18.45
CA ALA V 10 -40.01 40.17 -17.60
C ALA V 10 -39.62 38.78 -17.12
N PHE V 11 -40.62 37.98 -16.74
CA PHE V 11 -40.32 36.63 -16.26
C PHE V 11 -39.73 35.77 -17.38
N ASN V 12 -40.27 35.88 -18.60
CA ASN V 12 -39.71 35.13 -19.72
C ASN V 12 -38.29 35.59 -20.04
N SER V 13 -38.03 36.89 -19.98
CA SER V 13 -36.67 37.38 -20.20
C SER V 13 -35.71 36.84 -19.15
N LEU V 14 -36.14 36.81 -17.89
CA LEU V 14 -35.31 36.25 -16.83
C LEU V 14 -35.05 34.76 -17.07
N GLN V 15 -36.06 34.02 -17.51
CA GLN V 15 -35.88 32.60 -17.79
C GLN V 15 -34.89 32.39 -18.92
N ALA V 16 -34.98 33.20 -19.98
CA ALA V 16 -34.04 33.08 -21.09
C ALA V 16 -32.61 33.39 -20.64
N SER V 17 -32.44 34.43 -19.82
CA SER V 17 -31.12 34.75 -19.29
C SER V 17 -30.58 33.59 -18.46
N ALA V 18 -31.44 32.99 -17.64
CA ALA V 18 -31.02 31.85 -16.84
C ALA V 18 -30.59 30.68 -17.73
N THR V 19 -31.31 30.44 -18.81
CA THR V 19 -30.95 29.36 -19.72
C THR V 19 -29.59 29.61 -20.35
N GLU V 20 -29.32 30.85 -20.77
CA GLU V 20 -28.00 31.16 -21.33
C GLU V 20 -26.91 30.94 -20.29
N TYR V 21 -27.14 31.39 -19.06
CA TYR V 21 -26.17 31.16 -17.99
C TYR V 21 -25.93 29.67 -17.78
N ILE V 22 -26.99 28.87 -17.83
CA ILE V 22 -26.86 27.44 -17.62
C ILE V 22 -26.02 26.81 -18.71
N GLY V 23 -26.24 27.20 -19.97
CA GLY V 23 -25.42 26.66 -21.05
C GLY V 23 -23.95 27.00 -20.90
N TYR V 24 -23.65 28.26 -20.60
CA TYR V 24 -22.25 28.65 -20.42
C TYR V 24 -21.62 27.93 -19.23
N ALA V 25 -22.38 27.79 -18.14
CA ALA V 25 -21.87 27.08 -16.97
C ALA V 25 -21.59 25.62 -17.28
N TRP V 26 -22.46 24.99 -18.08
CA TRP V 26 -22.22 23.60 -18.46
C TRP V 26 -20.93 23.47 -19.25
N ALA V 27 -20.70 24.38 -20.21
CA ALA V 27 -19.46 24.33 -20.97
C ALA V 27 -18.24 24.47 -20.06
N MET V 28 -18.28 25.46 -19.17
CA MET V 28 -17.11 25.72 -18.34
C MET V 28 -16.87 24.57 -17.35
N VAL V 29 -17.94 23.99 -16.80
CA VAL V 29 -17.76 22.88 -15.88
C VAL V 29 -17.22 21.66 -16.61
N VAL V 30 -17.62 21.44 -17.86
CA VAL V 30 -17.04 20.33 -18.62
C VAL V 30 -15.54 20.53 -18.80
N VAL V 31 -15.13 21.75 -19.13
CA VAL V 31 -13.70 22.01 -19.31
C VAL V 31 -12.94 21.76 -18.00
N ILE V 32 -13.47 22.28 -16.89
CA ILE V 32 -12.76 22.15 -15.62
C ILE V 32 -12.72 20.69 -15.16
N VAL V 33 -13.80 19.94 -15.42
CA VAL V 33 -13.83 18.52 -15.11
C VAL V 33 -12.77 17.77 -15.91
N GLY V 34 -12.65 18.09 -17.21
CA GLY V 34 -11.60 17.48 -18.00
C GLY V 34 -10.21 17.76 -17.44
N ALA V 35 -9.97 19.00 -17.01
CA ALA V 35 -8.69 19.33 -16.40
C ALA V 35 -8.44 18.51 -15.13
N THR V 36 -9.46 18.39 -14.27
CA THR V 36 -9.28 17.63 -13.04
C THR V 36 -8.97 16.16 -13.34
N ILE V 37 -9.67 15.58 -14.31
CA ILE V 37 -9.43 14.18 -14.68
C ILE V 37 -8.01 14.01 -15.21
N GLY V 38 -7.56 14.95 -16.04
CA GLY V 38 -6.20 14.86 -16.55
C GLY V 38 -5.16 14.92 -15.46
N ILE V 39 -5.33 15.83 -14.50
CA ILE V 39 -4.40 15.94 -13.38
C ILE V 39 -4.36 14.63 -12.60
N LYS V 40 -5.53 14.08 -12.30
CA LYS V 40 -5.52 12.85 -11.46
C LYS V 40 -4.90 11.69 -12.26
N LEU V 41 -5.22 11.54 -13.56
CA LEU V 41 -4.65 10.43 -14.31
C LEU V 41 -3.13 10.52 -14.39
N PHE V 42 -2.60 11.71 -14.68
CA PHE V 42 -1.17 11.81 -14.86
C PHE V 42 -0.40 11.88 -13.54
N LYS V 43 -1.10 11.99 -12.41
CA LYS V 43 -0.37 11.89 -11.11
C LYS V 43 -0.49 10.45 -10.64
N LYS V 44 -1.67 9.84 -10.84
CA LYS V 44 -1.90 8.44 -10.42
C LYS V 44 -0.87 7.55 -11.10
N PHE V 45 -0.59 7.77 -12.39
CA PHE V 45 0.37 6.85 -13.05
C PHE V 45 1.65 6.77 -12.20
N THR V 46 2.35 7.90 -12.07
CA THR V 46 3.64 7.90 -11.33
C THR V 46 3.44 7.40 -9.90
N SER V 47 2.37 7.86 -9.22
CA SER V 47 2.18 7.47 -7.80
C SER V 47 2.05 5.95 -7.64
N LYS V 48 1.23 5.32 -8.48
CA LYS V 48 1.01 3.85 -8.43
C LYS V 48 2.28 3.13 -8.85
N ALA V 49 3.02 3.68 -9.83
CA ALA V 49 4.30 3.09 -10.24
C ALA V 49 5.15 2.91 -8.98
N SER V 50 5.14 3.89 -8.07
CA SER V 50 6.00 3.79 -6.85
C SER V 50 5.13 3.51 -5.63
N ASP W 5 -69.66 45.95 -4.33
CA ASP W 5 -68.51 46.29 -3.50
C ASP W 5 -67.21 46.08 -4.27
N PRO W 6 -66.57 47.18 -4.66
CA PRO W 6 -65.32 47.07 -5.45
C PRO W 6 -64.20 46.37 -4.72
N ALA W 7 -64.20 46.38 -3.39
CA ALA W 7 -63.10 45.79 -2.63
C ALA W 7 -62.99 44.29 -2.87
N LYS W 8 -64.13 43.59 -2.94
CA LYS W 8 -64.09 42.15 -3.18
C LYS W 8 -63.49 41.82 -4.54
N ALA W 9 -63.91 42.55 -5.58
CA ALA W 9 -63.35 42.33 -6.91
C ALA W 9 -61.87 42.67 -6.95
N ALA W 10 -61.46 43.75 -6.26
CA ALA W 10 -60.05 44.10 -6.21
C ALA W 10 -59.24 43.00 -5.53
N PHE W 11 -59.74 42.45 -4.43
CA PHE W 11 -59.05 41.37 -3.74
C PHE W 11 -58.93 40.14 -4.64
N ASN W 12 -60.00 39.82 -5.37
CA ASN W 12 -59.93 38.69 -6.30
C ASN W 12 -58.90 38.93 -7.39
N SER W 13 -58.84 40.15 -7.91
CA SER W 13 -57.86 40.46 -8.96
C SER W 13 -56.44 40.34 -8.44
N LEU W 14 -56.18 40.85 -7.24
CA LEU W 14 -54.84 40.71 -6.66
C LEU W 14 -54.51 39.25 -6.40
N GLN W 15 -55.49 38.45 -5.97
CA GLN W 15 -55.24 37.03 -5.77
C GLN W 15 -54.87 36.34 -7.08
N ALA W 16 -55.58 36.67 -8.16
CA ALA W 16 -55.26 36.08 -9.46
C ALA W 16 -53.86 36.48 -9.92
N SER W 17 -53.51 37.76 -9.72
CA SER W 17 -52.18 38.22 -10.07
C SER W 17 -51.12 37.48 -9.26
N ALA W 18 -51.36 37.29 -7.97
CA ALA W 18 -50.42 36.55 -7.13
C ALA W 18 -50.28 35.11 -7.61
N THR W 19 -51.40 34.49 -8.01
CA THR W 19 -51.34 33.12 -8.51
C THR W 19 -50.50 33.01 -9.78
N GLU W 20 -50.67 33.95 -10.70
CA GLU W 20 -49.87 33.88 -11.93
C GLU W 20 -48.39 34.17 -11.63
N TYR W 21 -48.12 35.07 -10.69
CA TYR W 21 -46.74 35.28 -10.25
C TYR W 21 -46.16 34.00 -9.68
N ILE W 22 -46.94 33.28 -8.87
CA ILE W 22 -46.48 32.04 -8.28
C ILE W 22 -46.17 31.02 -9.37
N GLY W 23 -47.02 30.95 -10.40
CA GLY W 23 -46.75 30.03 -11.49
C GLY W 23 -45.45 30.33 -12.21
N TYR W 24 -45.23 31.61 -12.53
CA TYR W 24 -43.98 31.98 -13.20
C TYR W 24 -42.77 31.68 -12.32
N ALA W 25 -42.87 32.00 -11.02
CA ALA W 25 -41.77 31.74 -10.11
C ALA W 25 -41.49 30.25 -10.00
N TRP W 26 -42.54 29.43 -9.98
CA TRP W 26 -42.36 27.98 -9.94
C TRP W 26 -41.62 27.48 -11.17
N ALA W 27 -42.01 27.97 -12.35
CA ALA W 27 -41.33 27.55 -13.56
C ALA W 27 -39.84 27.91 -13.50
N MET W 28 -39.53 29.16 -13.13
CA MET W 28 -38.15 29.59 -13.10
C MET W 28 -37.33 28.81 -12.08
N VAL W 29 -37.90 28.59 -10.88
CA VAL W 29 -37.14 27.90 -9.85
C VAL W 29 -36.95 26.44 -10.23
N VAL W 30 -37.92 25.82 -10.90
CA VAL W 30 -37.73 24.45 -11.37
C VAL W 30 -36.57 24.38 -12.35
N VAL W 31 -36.50 25.34 -13.29
CA VAL W 31 -35.39 25.35 -14.23
C VAL W 31 -34.06 25.49 -13.51
N ILE W 32 -33.99 26.45 -12.57
CA ILE W 32 -32.73 26.73 -11.89
C ILE W 32 -32.28 25.54 -11.05
N VAL W 33 -33.21 24.95 -10.30
CA VAL W 33 -32.85 23.83 -9.43
C VAL W 33 -32.48 22.60 -10.26
N GLY W 34 -33.16 22.38 -11.39
CA GLY W 34 -32.77 21.28 -12.26
C GLY W 34 -31.36 21.43 -12.77
N ALA W 35 -31.00 22.64 -13.23
CA ALA W 35 -29.63 22.87 -13.70
C ALA W 35 -28.62 22.68 -12.58
N THR W 36 -28.93 23.20 -11.38
CA THR W 36 -28.00 23.07 -10.27
C THR W 36 -27.80 21.61 -9.88
N ILE W 37 -28.87 20.83 -9.84
CA ILE W 37 -28.76 19.42 -9.49
C ILE W 37 -27.97 18.67 -10.56
N GLY W 38 -28.21 18.98 -11.83
CA GLY W 38 -27.44 18.32 -12.88
C GLY W 38 -25.95 18.60 -12.77
N ILE W 39 -25.58 19.87 -12.57
CA ILE W 39 -24.17 20.21 -12.46
C ILE W 39 -23.55 19.55 -11.24
N LYS W 40 -24.26 19.59 -10.10
CA LYS W 40 -23.72 19.01 -8.87
C LYS W 40 -23.52 17.51 -9.01
N LEU W 41 -24.50 16.81 -9.61
CA LEU W 41 -24.37 15.38 -9.79
C LEU W 41 -23.23 15.03 -10.74
N PHE W 42 -23.08 15.80 -11.83
CA PHE W 42 -21.96 15.58 -12.74
C PHE W 42 -20.64 15.71 -12.01
N LYS W 43 -20.48 16.78 -11.24
CA LYS W 43 -19.20 17.01 -10.51
C LYS W 43 -18.98 15.88 -9.50
N LYS W 44 -20.01 15.47 -8.76
CA LYS W 44 -19.83 14.43 -7.76
C LYS W 44 -19.46 13.10 -8.41
N PHE W 45 -20.16 12.72 -9.47
CA PHE W 45 -19.87 11.45 -10.13
C PHE W 45 -18.48 11.44 -10.70
N THR W 46 -18.05 12.53 -11.34
CA THR W 46 -16.70 12.58 -11.88
C THR W 46 -15.65 12.52 -10.77
N SER W 47 -15.89 13.23 -9.67
CA SER W 47 -14.92 13.21 -8.57
C SER W 47 -14.80 11.81 -7.98
N LYS W 48 -15.91 11.10 -7.82
CA LYS W 48 -15.84 9.74 -7.29
C LYS W 48 -15.23 8.77 -8.30
N ALA W 49 -15.40 9.02 -9.60
CA ALA W 49 -14.93 8.08 -10.61
C ALA W 49 -13.40 8.02 -10.67
N SER W 50 -12.74 9.16 -10.48
CA SER W 50 -11.29 9.21 -10.57
C SER W 50 -10.64 9.40 -9.20
N ALA X 7 -75.68 55.61 14.18
CA ALA X 7 -74.50 55.53 15.02
C ALA X 7 -74.11 54.07 15.27
N LYS X 8 -74.98 53.36 16.00
CA LYS X 8 -74.71 51.95 16.29
C LYS X 8 -74.71 51.11 15.02
N ALA X 9 -75.62 51.41 14.09
CA ALA X 9 -75.66 50.69 12.82
C ALA X 9 -74.38 50.92 12.02
N ALA X 10 -73.85 52.14 12.06
CA ALA X 10 -72.58 52.42 11.38
C ALA X 10 -71.45 51.59 11.97
N PHE X 11 -71.38 51.50 13.30
CA PHE X 11 -70.35 50.68 13.93
C PHE X 11 -70.51 49.21 13.57
N ASN X 12 -71.74 48.71 13.55
CA ASN X 12 -71.97 47.32 13.18
C ASN X 12 -71.53 47.06 11.74
N SER X 13 -71.88 47.97 10.83
CA SER X 13 -71.47 47.82 9.44
C SER X 13 -69.95 47.85 9.29
N LEU X 14 -69.29 48.76 10.02
CA LEU X 14 -67.83 48.83 9.96
C LEU X 14 -67.20 47.55 10.49
N GLN X 15 -67.73 47.02 11.59
CA GLN X 15 -67.21 45.76 12.13
C GLN X 15 -67.38 44.63 11.14
N ALA X 16 -68.56 44.53 10.51
CA ALA X 16 -68.79 43.47 9.53
C ALA X 16 -67.83 43.61 8.35
N SER X 17 -67.74 44.82 7.80
CA SER X 17 -66.86 45.04 6.63
C SER X 17 -65.42 44.69 7.01
N ALA X 18 -65.00 45.07 8.21
CA ALA X 18 -63.63 44.77 8.69
C ALA X 18 -63.41 43.26 8.66
N THR X 19 -64.35 42.48 9.23
CA THR X 19 -64.19 41.01 9.28
C THR X 19 -64.20 40.44 7.85
N GLU X 20 -65.05 40.97 6.96
CA GLU X 20 -65.07 40.51 5.56
C GLU X 20 -63.68 40.70 4.95
N TYR X 21 -63.07 41.87 5.16
CA TYR X 21 -61.72 42.16 4.59
C TYR X 21 -60.69 41.22 5.23
N ILE X 22 -60.78 40.99 6.53
CA ILE X 22 -59.84 40.05 7.23
C ILE X 22 -59.96 38.68 6.56
N GLY X 23 -61.18 38.24 6.29
CA GLY X 23 -61.38 36.94 5.59
C GLY X 23 -60.65 36.91 4.27
N TYR X 24 -60.70 38.01 3.51
CA TYR X 24 -60.01 38.08 2.22
C TYR X 24 -58.51 38.18 2.40
N ALA X 25 -58.05 38.96 3.38
CA ALA X 25 -56.63 39.07 3.63
C ALA X 25 -56.03 37.72 4.02
N TRP X 26 -56.74 36.96 4.85
CA TRP X 26 -56.28 35.62 5.20
C TRP X 26 -56.26 34.71 3.98
N ALA X 27 -57.30 34.77 3.15
CA ALA X 27 -57.36 33.92 1.96
C ALA X 27 -56.25 34.25 0.98
N MET X 28 -55.75 35.48 1.01
CA MET X 28 -54.61 35.83 0.16
C MET X 28 -53.29 35.39 0.78
N VAL X 29 -53.10 35.68 2.07
CA VAL X 29 -51.82 35.42 2.70
C VAL X 29 -51.55 33.93 2.80
N VAL X 30 -52.61 33.11 2.89
CA VAL X 30 -52.36 31.66 2.93
C VAL X 30 -51.72 31.22 1.63
N VAL X 31 -52.22 31.71 0.49
CA VAL X 31 -51.64 31.34 -0.80
C VAL X 31 -50.22 31.84 -0.92
N ILE X 32 -49.98 33.10 -0.54
CA ILE X 32 -48.64 33.67 -0.69
C ILE X 32 -47.64 32.92 0.18
N VAL X 33 -48.00 32.67 1.45
CA VAL X 33 -47.11 31.99 2.36
C VAL X 33 -46.88 30.55 1.94
N GLY X 34 -47.94 29.88 1.44
CA GLY X 34 -47.78 28.53 0.95
C GLY X 34 -46.80 28.46 -0.21
N ALA X 35 -46.90 29.40 -1.15
CA ALA X 35 -45.95 29.41 -2.26
C ALA X 35 -44.53 29.64 -1.78
N THR X 36 -44.33 30.60 -0.88
CA THR X 36 -42.99 30.90 -0.39
C THR X 36 -42.39 29.69 0.33
N ILE X 37 -43.15 29.09 1.25
CA ILE X 37 -42.65 27.94 1.99
C ILE X 37 -42.43 26.76 1.06
N GLY X 38 -43.28 26.59 0.05
CA GLY X 38 -43.07 25.52 -0.90
C GLY X 38 -41.76 25.67 -1.65
N ILE X 39 -41.46 26.87 -2.12
CA ILE X 39 -40.21 27.10 -2.82
C ILE X 39 -39.03 26.85 -1.89
N LYS X 40 -39.12 27.35 -0.65
CA LYS X 40 -38.03 27.17 0.30
C LYS X 40 -37.78 25.70 0.58
N LEU X 41 -38.83 24.93 0.87
CA LEU X 41 -38.66 23.52 1.18
C LEU X 41 -38.19 22.74 -0.04
N PHE X 42 -38.68 23.11 -1.23
CA PHE X 42 -38.24 22.45 -2.45
C PHE X 42 -36.73 22.60 -2.62
N LYS X 43 -36.23 23.84 -2.52
CA LYS X 43 -34.80 24.07 -2.66
C LYS X 43 -34.02 23.32 -1.59
N LYS X 44 -34.49 23.40 -0.34
CA LYS X 44 -33.77 22.77 0.76
C LYS X 44 -33.67 21.26 0.58
N PHE X 45 -34.77 20.61 0.20
CA PHE X 45 -34.78 19.16 0.11
C PHE X 45 -34.08 18.67 -1.15
N THR X 46 -34.20 19.37 -2.28
CA THR X 46 -33.44 18.98 -3.46
C THR X 46 -31.94 19.15 -3.22
N SER X 47 -31.55 20.14 -2.42
CA SER X 47 -30.13 20.27 -2.08
C SER X 47 -29.69 19.16 -1.14
N LYS X 48 -30.51 18.86 -0.13
CA LYS X 48 -30.13 17.84 0.88
C LYS X 48 -30.04 16.45 0.23
N ALA X 49 -30.96 16.12 -0.68
CA ALA X 49 -30.98 14.78 -1.26
C ALA X 49 -29.79 14.52 -2.16
N SER X 50 -29.31 15.54 -2.86
CA SER X 50 -28.16 15.38 -3.75
C SER X 50 -26.85 15.62 -3.00
N PRO Y 2 59.13 -59.37 -20.02
CA PRO Y 2 59.64 -60.31 -19.02
C PRO Y 2 58.66 -60.55 -17.89
N VAL Y 3 57.40 -60.87 -18.22
CA VAL Y 3 56.36 -61.07 -17.24
C VAL Y 3 55.57 -62.32 -17.60
N LEU Y 4 54.86 -62.86 -16.60
CA LEU Y 4 54.07 -64.06 -16.82
C LEU Y 4 52.91 -63.79 -17.77
N LEU Y 5 52.38 -64.86 -18.33
CA LEU Y 5 51.24 -64.75 -19.23
C LEU Y 5 49.99 -64.31 -18.47
N GLY Y 6 49.17 -63.50 -19.12
CA GLY Y 6 47.92 -63.03 -18.54
C GLY Y 6 47.99 -61.64 -17.96
N ILE Y 7 49.17 -61.17 -17.58
CA ILE Y 7 49.30 -59.80 -17.07
C ILE Y 7 48.92 -58.77 -18.11
N PRO Y 8 49.46 -58.79 -19.35
CA PRO Y 8 49.01 -57.81 -20.34
C PRO Y 8 47.53 -57.90 -20.64
N LEU Y 9 46.98 -59.11 -20.67
CA LEU Y 9 45.55 -59.26 -20.92
C LEU Y 9 44.74 -58.66 -19.78
N LEU Y 10 45.18 -58.86 -18.55
CA LEU Y 10 44.51 -58.26 -17.40
C LEU Y 10 44.55 -56.74 -17.47
N LEU Y 11 45.71 -56.18 -17.84
CA LEU Y 11 45.82 -54.73 -17.93
C LEU Y 11 44.92 -54.18 -19.03
N ARG Y 12 44.87 -54.87 -20.17
CA ARG Y 12 43.97 -54.45 -21.25
C ARG Y 12 42.51 -54.50 -20.80
N PHE Y 13 42.15 -55.54 -20.05
CA PHE Y 13 40.79 -55.65 -19.55
C PHE Y 13 40.46 -54.50 -18.60
N LEU Y 14 41.39 -54.15 -17.73
CA LEU Y 14 41.16 -53.03 -16.81
C LEU Y 14 40.98 -51.73 -17.59
N GLY Y 15 41.82 -51.49 -18.58
CA GLY Y 15 41.66 -50.30 -19.39
C GLY Y 15 40.34 -50.26 -20.13
N PHE Y 16 39.92 -51.40 -20.67
CA PHE Y 16 38.65 -51.49 -21.36
C PHE Y 16 37.49 -51.20 -20.42
N LEU Y 17 37.54 -51.73 -19.20
CA LEU Y 17 36.49 -51.46 -18.22
C LEU Y 17 36.42 -49.97 -17.89
N LEU Y 18 37.58 -49.35 -17.67
CA LEU Y 18 37.59 -47.92 -17.37
C LEU Y 18 37.02 -47.10 -18.52
N VAL Y 19 37.40 -47.44 -19.75
CA VAL Y 19 36.90 -46.71 -20.91
C VAL Y 19 35.38 -46.85 -21.02
N THR Y 20 34.86 -48.07 -20.84
CA THR Y 20 33.42 -48.27 -20.94
C THR Y 20 32.67 -47.49 -19.86
N LEU Y 21 33.16 -47.54 -18.62
CA LEU Y 21 32.49 -46.81 -17.55
C LEU Y 21 32.50 -45.31 -17.80
N PHE Y 22 33.63 -44.78 -18.25
CA PHE Y 22 33.71 -43.34 -18.47
C PHE Y 22 32.85 -42.91 -19.66
N GLY Y 23 32.72 -43.78 -20.67
CA GLY Y 23 31.78 -43.50 -21.76
C GLY Y 23 30.34 -43.48 -21.28
N TYR Y 24 29.98 -44.39 -20.38
CA TYR Y 24 28.65 -44.33 -19.78
C TYR Y 24 28.43 -43.01 -19.05
N LEU Y 25 29.45 -42.57 -18.30
CA LEU Y 25 29.35 -41.29 -17.61
C LEU Y 25 29.14 -40.14 -18.59
N LEU Y 26 29.85 -40.16 -19.72
CA LEU Y 26 29.67 -39.13 -20.74
C LEU Y 26 28.24 -39.13 -21.28
N THR Y 27 27.69 -40.31 -21.54
CA THR Y 27 26.32 -40.39 -22.05
C THR Y 27 25.34 -39.81 -21.04
N PHE Y 28 25.51 -40.13 -19.75
CA PHE Y 28 24.61 -39.60 -18.74
C PHE Y 28 24.75 -38.08 -18.62
N LEU Y 29 25.96 -37.55 -18.77
CA LEU Y 29 26.15 -36.11 -18.75
C LEU Y 29 25.40 -35.43 -19.89
N LYS Y 30 25.46 -36.02 -21.09
CA LYS Y 30 24.73 -35.46 -22.22
C LYS Y 30 23.22 -35.52 -21.97
N LYS Y 31 22.75 -36.61 -21.34
CA LYS Y 31 21.34 -36.68 -20.98
C LYS Y 31 20.95 -35.54 -20.03
N GLY Y 32 21.78 -35.26 -19.05
CA GLY Y 32 21.49 -34.15 -18.14
C GLY Y 32 21.45 -32.82 -18.83
N PHE Y 33 22.38 -32.58 -19.77
CA PHE Y 33 22.36 -31.33 -20.52
C PHE Y 33 21.08 -31.20 -21.35
N GLY Y 34 20.64 -32.30 -21.96
CA GLY Y 34 19.36 -32.28 -22.67
C GLY Y 34 18.20 -31.95 -21.75
N LYS Y 35 18.23 -32.49 -20.53
CA LYS Y 35 17.20 -32.16 -19.54
C LYS Y 35 17.17 -30.67 -19.24
N ILE Y 36 18.35 -30.06 -19.06
CA ILE Y 36 18.41 -28.63 -18.78
C ILE Y 36 17.84 -27.83 -19.94
N ALA Y 37 18.20 -28.20 -21.17
CA ALA Y 37 17.66 -27.50 -22.34
C ALA Y 37 16.14 -27.61 -22.40
N ILE Y 38 15.60 -28.80 -22.12
CA ILE Y 38 14.15 -28.98 -22.12
C ILE Y 38 13.50 -28.07 -21.08
N ALA Y 39 14.10 -27.99 -19.89
CA ALA Y 39 13.54 -27.14 -18.85
C ALA Y 39 13.50 -25.67 -19.28
N ILE Y 40 14.60 -25.20 -19.87
CA ILE Y 40 14.64 -23.79 -20.31
C ILE Y 40 13.57 -23.54 -21.37
N SER Y 41 13.45 -24.47 -22.31
CA SER Y 41 12.44 -24.31 -23.37
C SER Y 41 11.03 -24.24 -22.78
N LEU Y 42 10.72 -25.12 -21.83
CA LEU Y 42 9.41 -25.11 -21.22
C LEU Y 42 9.13 -23.81 -20.50
N PHE Y 43 10.12 -23.29 -19.77
CA PHE Y 43 9.94 -22.05 -19.02
C PHE Y 43 9.63 -20.88 -19.97
N LEU Y 44 10.43 -20.76 -21.03
CA LEU Y 44 10.20 -19.66 -21.98
C LEU Y 44 8.85 -19.82 -22.70
N ALA Y 45 8.48 -21.06 -23.03
CA ALA Y 45 7.20 -21.28 -23.69
C ALA Y 45 6.03 -20.89 -22.79
N LEU Y 46 6.14 -21.20 -21.49
CA LEU Y 46 5.09 -20.79 -20.56
C LEU Y 46 4.96 -19.28 -20.51
N ILE Y 47 6.10 -18.57 -20.47
CA ILE Y 47 6.03 -17.11 -20.47
C ILE Y 47 5.33 -16.60 -21.73
N ILE Y 48 5.69 -17.16 -22.89
CA ILE Y 48 5.11 -16.67 -24.14
C ILE Y 48 3.61 -16.94 -24.17
N GLY Y 49 3.17 -18.11 -23.71
CA GLY Y 49 1.75 -18.40 -23.69
C GLY Y 49 0.98 -17.47 -22.77
N LEU Y 50 1.53 -17.20 -21.59
CA LEU Y 50 0.88 -16.24 -20.69
C LEU Y 50 0.75 -14.87 -21.35
N ASN Y 51 1.81 -14.43 -22.03
CA ASN Y 51 1.74 -13.15 -22.73
C ASN Y 51 0.64 -13.15 -23.77
N SER Y 52 0.52 -14.25 -24.53
CA SER Y 52 -0.50 -14.31 -25.57
C SER Y 52 -1.90 -14.18 -24.97
N ILE Y 53 -2.16 -14.90 -23.87
CA ILE Y 53 -3.48 -14.81 -23.24
C ILE Y 53 -3.75 -13.39 -22.74
N LEU Y 54 -2.77 -12.79 -22.06
CA LEU Y 54 -2.97 -11.46 -21.49
C LEU Y 54 -3.23 -10.43 -22.58
N VAL Y 55 -2.52 -10.52 -23.71
CA VAL Y 55 -2.70 -9.50 -24.79
C VAL Y 55 -4.12 -9.60 -25.35
N GLY Y 56 -4.67 -10.82 -25.45
CA GLY Y 56 -6.00 -11.03 -26.04
C GLY Y 56 -7.13 -10.39 -25.25
N TYR Y 57 -7.07 -10.43 -23.92
CA TYR Y 57 -8.17 -9.89 -23.06
C TYR Y 57 -8.40 -8.40 -23.34
N LEU Y 58 -7.32 -7.65 -23.59
CA LEU Y 58 -7.44 -6.18 -23.74
C LEU Y 58 -8.23 -5.77 -24.98
N SER Y 59 -8.56 -6.68 -25.90
CA SER Y 59 -9.28 -6.18 -27.06
C SER Y 59 -10.72 -5.83 -26.73
N ASP Y 60 -11.38 -6.64 -25.90
CA ASP Y 60 -12.81 -6.49 -25.67
C ASP Y 60 -13.13 -5.21 -24.90
N ILE Y 61 -12.38 -4.94 -23.84
CA ILE Y 61 -12.75 -3.90 -22.87
C ILE Y 61 -12.26 -2.53 -23.31
N SER Y 62 -11.77 -2.42 -24.54
CA SER Y 62 -11.18 -1.17 -25.01
C SER Y 62 -12.21 -0.04 -25.01
N ALA Y 63 -11.76 1.14 -24.61
CA ALA Y 63 -12.60 2.34 -24.60
C ALA Y 63 -11.72 3.56 -24.82
N GLN Y 64 -12.35 4.65 -25.24
CA GLN Y 64 -11.62 5.87 -25.59
C GLN Y 64 -12.21 7.06 -24.84
N LEU Y 65 -11.35 8.04 -24.59
CA LEU Y 65 -11.80 9.28 -23.96
C LEU Y 65 -12.73 10.02 -24.92
N PRO Y 66 -13.87 10.51 -24.45
CA PRO Y 66 -14.80 11.21 -25.35
C PRO Y 66 -14.19 12.48 -25.94
N SER Y 67 -14.89 13.06 -26.89
CA SER Y 67 -14.42 14.28 -27.53
C SER Y 67 -14.28 15.41 -26.52
N ASP Y 68 -15.21 15.49 -25.58
CA ASP Y 68 -15.08 16.45 -24.49
C ASP Y 68 -13.97 16.01 -23.54
N PHE Y 69 -13.64 16.91 -22.61
CA PHE Y 69 -12.57 16.71 -21.63
C PHE Y 69 -11.19 16.81 -22.30
N VAL Y 70 -11.18 16.88 -23.63
CA VAL Y 70 -9.91 17.07 -24.34
C VAL Y 70 -9.40 18.49 -24.12
N GLN Y 71 -10.30 19.47 -24.13
CA GLN Y 71 -9.89 20.86 -24.01
C GLN Y 71 -9.22 21.11 -22.66
N GLY Y 72 -9.79 20.59 -21.58
CA GLY Y 72 -9.19 20.80 -20.27
C GLY Y 72 -7.85 20.10 -20.13
N VAL Y 73 -7.76 18.86 -20.61
CA VAL Y 73 -6.50 18.12 -20.52
C VAL Y 73 -5.41 18.84 -21.28
N GLN Y 74 -5.72 19.30 -22.49
CA GLN Y 74 -4.74 20.08 -23.24
C GLN Y 74 -4.45 21.42 -22.56
N LEU Y 75 -5.43 21.97 -21.84
CA LEU Y 75 -5.22 23.21 -21.10
C LEU Y 75 -4.17 23.03 -20.02
N ILE Y 76 -4.17 21.89 -19.33
CA ILE Y 76 -3.28 21.70 -18.19
C ILE Y 76 -2.01 20.92 -18.52
N LEU Y 77 -2.00 20.13 -19.58
CA LEU Y 77 -0.97 19.12 -19.75
C LEU Y 77 0.40 19.75 -20.00
N PRO Y 78 1.39 19.48 -19.17
CA PRO Y 78 2.73 20.03 -19.42
C PRO Y 78 3.44 19.25 -20.53
N SER Y 79 4.64 19.72 -20.87
CA SER Y 79 5.36 19.15 -21.99
C SER Y 79 5.98 17.80 -21.68
N ASN Y 80 6.09 17.42 -20.40
CA ASN Y 80 6.79 16.21 -20.01
C ASN Y 80 5.89 15.21 -19.29
N ALA Y 81 4.61 15.13 -19.67
CA ALA Y 81 3.73 14.14 -19.08
C ALA Y 81 3.81 12.82 -19.83
N LEU Y 82 3.52 12.86 -21.14
CA LEU Y 82 3.68 11.66 -21.95
C LEU Y 82 5.10 11.11 -21.94
N PRO Y 83 6.17 11.93 -22.00
CA PRO Y 83 7.51 11.36 -21.82
C PRO Y 83 7.68 10.62 -20.50
N CYS Y 84 7.11 11.13 -19.41
CA CYS Y 84 7.22 10.43 -18.14
C CYS Y 84 6.47 9.10 -18.17
N PHE Y 85 5.27 9.09 -18.76
CA PHE Y 85 4.53 7.84 -18.87
C PHE Y 85 5.29 6.81 -19.70
N TYR Y 86 5.88 7.24 -20.81
CA TYR Y 86 6.65 6.33 -21.65
C TYR Y 86 7.92 5.85 -20.97
N VAL Y 87 8.55 6.72 -20.15
CA VAL Y 87 9.71 6.31 -19.39
C VAL Y 87 9.34 5.23 -18.38
N ILE Y 88 8.18 5.38 -17.74
CA ILE Y 88 7.72 4.36 -16.80
C ILE Y 88 7.51 3.03 -17.52
N LEU Y 89 6.86 3.07 -18.69
CA LEU Y 89 6.64 1.83 -19.44
C LEU Y 89 7.95 1.20 -19.88
N SER Y 90 8.92 2.01 -20.32
CA SER Y 90 10.21 1.49 -20.73
C SER Y 90 10.95 0.86 -19.56
N VAL Y 91 10.85 1.48 -18.37
CA VAL Y 91 11.46 0.90 -17.18
C VAL Y 91 10.84 -0.45 -16.86
N LYS Y 92 9.52 -0.54 -17.00
CA LYS Y 92 8.82 -1.83 -16.76
C LYS Y 92 9.37 -2.90 -17.70
N ALA Y 93 9.49 -2.57 -18.99
CA ALA Y 93 9.98 -3.56 -19.97
C ALA Y 93 11.43 -3.95 -19.68
N ALA Y 94 12.28 -2.98 -19.34
CA ALA Y 94 13.67 -3.27 -19.05
C ALA Y 94 13.80 -4.19 -17.84
N ILE Y 95 13.03 -3.93 -16.79
CA ILE Y 95 13.08 -4.79 -15.62
C ILE Y 95 12.60 -6.21 -15.95
N PHE Y 96 11.57 -6.31 -16.77
CA PHE Y 96 11.08 -7.64 -17.17
C PHE Y 96 12.16 -8.44 -17.88
N ILE Y 97 12.79 -7.84 -18.89
CA ILE Y 97 13.79 -8.60 -19.63
C ILE Y 97 15.03 -8.87 -18.76
N PHE Y 98 15.35 -7.95 -17.84
CA PHE Y 98 16.45 -8.20 -16.91
C PHE Y 98 16.17 -9.40 -16.03
N ASP Y 99 14.94 -9.52 -15.52
CA ASP Y 99 14.58 -10.69 -14.72
C ASP Y 99 14.68 -11.98 -15.53
N VAL Y 100 14.20 -11.94 -16.79
CA VAL Y 100 14.26 -13.14 -17.63
C VAL Y 100 15.71 -13.56 -17.85
N LYS Y 101 16.58 -12.59 -18.18
CA LYS Y 101 17.97 -12.92 -18.42
C LYS Y 101 18.66 -13.42 -17.16
N GLN Y 102 18.32 -12.86 -16.00
CA GLN Y 102 18.91 -13.34 -14.76
C GLN Y 102 18.48 -14.78 -14.46
N LYS Y 103 17.23 -15.12 -14.77
CA LYS Y 103 16.81 -16.51 -14.60
C LYS Y 103 17.58 -17.43 -15.54
N ILE Y 104 17.79 -16.99 -16.78
CA ILE Y 104 18.57 -17.79 -17.72
C ILE Y 104 19.99 -17.99 -17.19
N VAL Y 105 20.59 -16.94 -16.61
CA VAL Y 105 21.91 -17.07 -16.02
C VAL Y 105 21.89 -18.08 -14.87
N SER Y 106 20.87 -17.99 -14.00
CA SER Y 106 20.78 -18.90 -12.87
C SER Y 106 20.61 -20.35 -13.30
N TYR Y 107 20.11 -20.58 -14.51
CA TYR Y 107 20.06 -21.97 -15.02
C TYR Y 107 21.45 -22.59 -15.22
N LEU Y 108 22.54 -21.87 -14.95
CA LEU Y 108 23.87 -22.45 -15.04
C LEU Y 108 24.19 -23.39 -13.88
N ASP Y 109 23.38 -23.40 -12.82
CA ASP Y 109 23.65 -24.20 -11.65
C ASP Y 109 23.02 -25.59 -11.72
N TRP Y 110 22.29 -25.90 -12.78
CA TRP Y 110 21.66 -27.20 -12.90
C TRP Y 110 22.67 -28.26 -13.32
#